data_8RH4
#
_entry.id   8RH4
#
_cell.length_a   1.00
_cell.length_b   1.00
_cell.length_c   1.00
_cell.angle_alpha   90.00
_cell.angle_beta   90.00
_cell.angle_gamma   90.00
#
_symmetry.space_group_name_H-M   'P 1'
#
loop_
_entity.id
_entity.type
_entity.pdbx_description
1 polymer 'Gamma-aminobutyric acid receptor subunit rho-1'
2 non-polymer 2-acetamido-2-deoxy-beta-D-glucopyranose
3 non-polymer N-OCTANE
4 non-polymer HEXANE
5 non-polymer DECANE
6 non-polymer ESTRADIOL
7 non-polymer 'CHLORIDE ION'
8 water water
#
_entity_poly.entity_id   1
_entity_poly.type   'polypeptide(L)'
_entity_poly.pdbx_seq_one_letter_code
;MLAVPNMRFGIFLLWWGWVLATESRMHWPGREVHEMSKKGRPQRQRREVHEDAHKQVSPILRRSPDITKSPLTKSEQLLR
IDDHDFSMRPGFGGPAIPVGVDVQVESLDSISEVDMDFTMTLYLRHYWKDERLSFPSTNNLSMTFDGRLVKKIWVPDMFF
VHSKRSFIHDTTTDNVMLRVQPDGKVLYSLRVTVTAMCNMDFSRFPLDTQTCSLEIESYAYTEDDLMLYWKKGNDSLKTD
ERISLSQFLIQEFHTTTKLAFYSSTGWYNRLYINFTLRRHIFFFLLQTYFPATLMVMLSWVSFWIDRRAVPARVPLGITT
VLTMSTIITGVNASMPRVSYIKAVDIYLWVSFVFVFLSVLEYAAVNYLTTVQERKEQKLREKLPCTSGLPPPRTAMLDGN
YSDGEVNDLDNYMPENGEKPDRMMVQLTLASERSSPQRKSQRSSYVSMRIDTHAIDKYSRIIFPAAYILFNLIYWSIFS
;
_entity_poly.pdbx_strand_id   A,E,B,C,D
#
loop_
_chem_comp.id
_chem_comp.type
_chem_comp.name
_chem_comp.formula
CL non-polymer 'CHLORIDE ION' 'Cl -1'
D10 non-polymer DECANE 'C10 H22'
EST non-polymer ESTRADIOL 'C18 H24 O2'
HEX non-polymer HEXANE 'C6 H14'
NAG D-saccharide, beta linking 2-acetamido-2-deoxy-beta-D-glucopyranose 'C8 H15 N O6'
OCT non-polymer N-OCTANE 'C8 H18'
#
# COMPACT_ATOMS: atom_id res chain seq x y z
N SER A 75 -26.57 -35.42 24.90
CA SER A 75 -26.92 -34.03 25.18
C SER A 75 -28.12 -33.54 24.34
N GLU A 76 -27.95 -33.45 23.02
CA GLU A 76 -28.96 -32.93 22.09
C GLU A 76 -30.25 -33.78 21.99
N GLN A 77 -30.41 -34.85 22.79
CA GLN A 77 -31.67 -35.57 22.86
C GLN A 77 -32.56 -35.08 23.99
N LEU A 78 -31.98 -34.35 24.95
CA LEU A 78 -32.77 -33.75 26.03
C LEU A 78 -33.52 -32.50 25.54
N LEU A 79 -32.81 -31.63 24.84
CA LEU A 79 -33.42 -30.65 23.96
C LEU A 79 -34.20 -31.40 22.87
N ARG A 80 -35.46 -31.03 22.63
CA ARG A 80 -36.28 -31.81 21.69
C ARG A 80 -36.21 -31.20 20.28
N ILE A 81 -34.99 -31.29 19.72
CA ILE A 81 -34.63 -30.64 18.47
C ILE A 81 -35.44 -31.19 17.31
N ASP A 82 -35.69 -32.50 17.30
CA ASP A 82 -36.40 -33.13 16.19
C ASP A 82 -37.91 -32.87 16.21
N ASP A 83 -38.44 -32.31 17.31
CA ASP A 83 -39.88 -32.23 17.53
C ASP A 83 -40.47 -30.83 17.35
N HIS A 84 -39.64 -29.81 17.12
CA HIS A 84 -40.05 -28.41 17.05
C HIS A 84 -39.59 -27.70 15.77
N ASP A 85 -40.41 -26.76 15.28
CA ASP A 85 -40.03 -25.96 14.11
C ASP A 85 -39.23 -24.73 14.52
N PHE A 86 -37.90 -24.84 14.43
CA PHE A 86 -37.00 -23.75 14.79
C PHE A 86 -36.71 -22.81 13.61
N SER A 87 -37.57 -22.79 12.58
CA SER A 87 -37.52 -21.74 11.57
C SER A 87 -38.30 -20.49 11.98
N MET A 88 -39.01 -20.51 13.12
CA MET A 88 -39.83 -19.39 13.55
C MET A 88 -39.54 -19.08 15.02
N ARG A 89 -39.81 -17.81 15.39
CA ARG A 89 -39.43 -17.23 16.68
C ARG A 89 -40.27 -17.80 17.83
N PRO A 90 -39.81 -17.65 19.07
CA PRO A 90 -40.69 -17.92 20.21
C PRO A 90 -41.88 -16.96 20.20
N GLY A 91 -43.05 -17.49 20.53
CA GLY A 91 -44.24 -16.69 20.69
C GLY A 91 -44.90 -16.20 19.43
N PHE A 92 -44.70 -16.90 18.31
CA PHE A 92 -45.22 -16.51 17.01
C PHE A 92 -46.74 -16.54 17.02
N GLY A 93 -47.35 -15.54 16.35
CA GLY A 93 -48.75 -15.20 16.43
C GLY A 93 -49.18 -14.47 17.68
N GLY A 94 -48.28 -14.26 18.63
CA GLY A 94 -48.53 -13.49 19.83
C GLY A 94 -47.62 -12.28 19.97
N PRO A 95 -47.48 -11.74 21.19
CA PRO A 95 -46.58 -10.59 21.40
C PRO A 95 -45.11 -10.82 21.01
N ALA A 96 -44.35 -9.72 20.94
CA ALA A 96 -42.95 -9.72 20.52
C ALA A 96 -42.06 -10.38 21.57
N ILE A 97 -40.92 -10.91 21.08
CA ILE A 97 -39.91 -11.54 21.93
C ILE A 97 -38.94 -10.44 22.38
N PRO A 98 -38.79 -10.20 23.68
CA PRO A 98 -37.79 -9.20 24.12
C PRO A 98 -36.40 -9.80 24.16
N VAL A 99 -35.43 -9.10 23.57
CA VAL A 99 -34.05 -9.59 23.48
C VAL A 99 -33.13 -8.51 24.04
N GLY A 100 -32.40 -8.84 25.11
CA GLY A 100 -31.43 -7.91 25.72
C GLY A 100 -29.99 -8.10 25.25
N VAL A 101 -29.19 -7.02 25.32
CA VAL A 101 -27.86 -6.98 24.73
C VAL A 101 -26.83 -6.35 25.68
N ASP A 102 -25.61 -6.93 25.74
CA ASP A 102 -24.41 -6.34 26.33
C ASP A 102 -23.28 -6.27 25.29
N VAL A 103 -22.34 -5.32 25.45
CA VAL A 103 -21.16 -5.21 24.58
C VAL A 103 -19.90 -4.94 25.41
N GLN A 104 -18.78 -5.58 25.04
CA GLN A 104 -17.47 -5.37 25.67
C GLN A 104 -16.46 -5.09 24.55
N VAL A 105 -15.94 -3.85 24.52
CA VAL A 105 -15.01 -3.42 23.48
C VAL A 105 -13.60 -3.87 23.85
N GLU A 106 -12.98 -4.66 22.96
CA GLU A 106 -11.65 -5.20 23.19
C GLU A 106 -10.55 -4.29 22.63
N SER A 107 -10.74 -3.67 21.45
CA SER A 107 -9.73 -2.75 20.93
C SER A 107 -10.32 -1.89 19.81
N LEU A 108 -9.67 -0.74 19.61
CA LEU A 108 -9.76 0.04 18.38
C LEU A 108 -8.49 -0.19 17.57
N ASP A 109 -8.65 -0.62 16.33
CA ASP A 109 -7.62 -1.32 15.59
C ASP A 109 -6.95 -0.43 14.55
N SER A 110 -7.69 0.46 13.87
CA SER A 110 -7.10 1.48 13.01
C SER A 110 -8.16 2.53 12.68
N ILE A 111 -7.73 3.60 11.98
CA ILE A 111 -8.62 4.67 11.52
C ILE A 111 -8.07 5.27 10.22
N SER A 112 -8.96 5.66 9.29
CA SER A 112 -8.56 6.26 8.02
C SER A 112 -9.27 7.60 7.79
N GLU A 113 -8.48 8.66 7.57
CA GLU A 113 -9.06 9.99 7.43
C GLU A 113 -9.51 10.30 6.00
N VAL A 114 -8.87 9.70 5.00
CA VAL A 114 -9.28 9.93 3.62
C VAL A 114 -10.45 9.03 3.23
N ASP A 115 -10.49 7.80 3.74
CA ASP A 115 -11.64 6.92 3.50
C ASP A 115 -12.80 7.20 4.46
N MET A 116 -12.55 7.91 5.55
CA MET A 116 -13.53 8.23 6.60
C MET A 116 -14.17 6.97 7.24
N ASP A 117 -13.34 6.15 7.88
CA ASP A 117 -13.82 4.95 8.60
C ASP A 117 -12.85 4.55 9.73
N PHE A 118 -13.33 3.64 10.61
CA PHE A 118 -12.57 3.13 11.76
C PHE A 118 -12.86 1.63 11.93
N THR A 119 -11.93 0.90 12.56
CA THR A 119 -12.03 -0.55 12.77
C THR A 119 -11.95 -0.88 14.26
N MET A 120 -12.79 -1.84 14.70
CA MET A 120 -13.04 -2.17 16.11
C MET A 120 -13.23 -3.68 16.27
N THR A 121 -12.74 -4.23 17.40
CA THR A 121 -12.93 -5.63 17.76
C THR A 121 -13.65 -5.69 19.12
N LEU A 122 -14.65 -6.58 19.24
CA LEU A 122 -15.54 -6.58 20.40
C LEU A 122 -16.14 -7.96 20.67
N TYR A 123 -16.74 -8.10 21.86
CA TYR A 123 -17.59 -9.23 22.25
C TYR A 123 -19.07 -8.82 22.23
N LEU A 124 -19.94 -9.64 21.64
CA LEU A 124 -21.37 -9.33 21.56
C LEU A 124 -22.19 -10.42 22.24
N ARG A 125 -23.08 -10.04 23.17
CA ARG A 125 -23.81 -11.00 23.98
C ARG A 125 -25.32 -10.75 23.95
N HIS A 126 -26.11 -11.84 23.80
CA HIS A 126 -27.56 -11.79 23.64
C HIS A 126 -28.27 -12.65 24.70
N TYR A 127 -29.46 -12.21 25.16
CA TYR A 127 -30.20 -12.90 26.21
C TYR A 127 -31.69 -12.99 25.87
N TRP A 128 -32.30 -14.18 26.03
CA TRP A 128 -33.73 -14.40 25.81
C TRP A 128 -34.17 -15.73 26.42
N LYS A 129 -35.49 -16.02 26.38
CA LYS A 129 -36.08 -17.25 26.90
C LYS A 129 -36.91 -17.96 25.82
N ASP A 130 -36.85 -19.29 25.81
CA ASP A 130 -37.59 -20.12 24.85
C ASP A 130 -37.96 -21.44 25.52
N GLU A 131 -39.26 -21.63 25.78
CA GLU A 131 -39.77 -22.82 26.47
C GLU A 131 -39.49 -24.12 25.70
N ARG A 132 -39.23 -24.03 24.39
CA ARG A 132 -38.94 -25.23 23.61
C ARG A 132 -37.61 -25.85 24.01
N LEU A 133 -36.74 -25.09 24.66
CA LEU A 133 -35.40 -25.53 25.08
C LEU A 133 -35.30 -25.86 26.56
N SER A 134 -36.40 -25.82 27.31
CA SER A 134 -36.39 -26.27 28.71
C SER A 134 -36.23 -27.78 28.79
N PHE A 135 -35.44 -28.24 29.77
CA PHE A 135 -35.05 -29.64 29.90
C PHE A 135 -35.14 -30.12 31.34
N PRO A 136 -35.49 -31.39 31.55
CA PRO A 136 -35.58 -31.91 32.94
C PRO A 136 -34.22 -32.16 33.58
N SER A 137 -34.11 -31.79 34.86
CA SER A 137 -32.88 -31.94 35.64
C SER A 137 -33.19 -32.02 37.12
N THR A 138 -32.40 -32.81 37.86
CA THR A 138 -32.51 -32.85 39.32
C THR A 138 -31.81 -31.67 39.99
N ASN A 139 -31.01 -30.91 39.25
CA ASN A 139 -30.05 -29.96 39.82
C ASN A 139 -29.86 -28.79 38.86
N ASN A 140 -29.27 -27.70 39.37
CA ASN A 140 -29.29 -26.41 38.65
C ASN A 140 -28.14 -26.25 37.62
N LEU A 141 -27.56 -27.33 37.11
CA LEU A 141 -26.44 -27.23 36.18
C LEU A 141 -26.91 -26.88 34.77
N SER A 142 -26.25 -25.89 34.14
CA SER A 142 -26.55 -25.50 32.76
C SER A 142 -25.78 -26.41 31.79
N MET A 143 -26.18 -26.36 30.51
CA MET A 143 -25.50 -27.06 29.42
C MET A 143 -24.87 -26.05 28.47
N THR A 144 -23.72 -26.39 27.87
CA THR A 144 -22.94 -25.45 27.05
C THR A 144 -22.58 -26.08 25.69
N PHE A 145 -22.72 -25.29 24.61
CA PHE A 145 -22.57 -25.79 23.23
C PHE A 145 -21.79 -24.77 22.39
N ASP A 146 -21.36 -25.19 21.18
CA ASP A 146 -20.64 -24.34 20.21
C ASP A 146 -21.50 -24.15 18.95
N GLY A 147 -20.86 -23.61 17.89
CA GLY A 147 -21.59 -23.16 16.70
C GLY A 147 -22.32 -24.27 15.97
N ARG A 148 -22.09 -25.52 16.37
CA ARG A 148 -22.76 -26.62 15.68
C ARG A 148 -24.19 -26.78 16.15
N LEU A 149 -24.56 -26.20 17.31
CA LEU A 149 -25.96 -26.19 17.71
C LEU A 149 -26.70 -25.02 17.08
N VAL A 150 -26.01 -23.90 16.83
CA VAL A 150 -26.64 -22.67 16.36
C VAL A 150 -27.41 -22.90 15.07
N LYS A 151 -26.96 -23.83 14.25
CA LYS A 151 -27.60 -24.12 12.98
C LYS A 151 -28.95 -24.82 13.12
N LYS A 152 -29.20 -25.44 14.28
CA LYS A 152 -30.35 -26.31 14.49
C LYS A 152 -31.48 -25.64 15.27
N ILE A 153 -31.20 -24.59 16.04
CA ILE A 153 -32.21 -23.88 16.82
C ILE A 153 -32.45 -22.48 16.24
N TRP A 154 -33.39 -21.74 16.85
CA TRP A 154 -33.61 -20.32 16.53
C TRP A 154 -32.69 -19.40 17.35
N VAL A 155 -32.15 -18.36 16.70
CA VAL A 155 -31.38 -17.29 17.35
C VAL A 155 -31.69 -15.94 16.71
N PRO A 156 -31.42 -14.84 17.41
CA PRO A 156 -31.64 -13.48 16.86
C PRO A 156 -30.74 -13.18 15.67
N ASP A 157 -31.11 -12.13 14.91
CA ASP A 157 -30.53 -11.83 13.59
C ASP A 157 -29.88 -10.45 13.46
N MET A 158 -29.01 -10.07 14.40
CA MET A 158 -28.41 -8.72 14.43
C MET A 158 -27.40 -8.49 13.31
N PHE A 159 -27.32 -7.24 12.82
CA PHE A 159 -26.31 -6.80 11.86
C PHE A 159 -25.86 -5.38 12.22
N PHE A 160 -24.70 -4.98 11.69
CA PHE A 160 -24.08 -3.68 12.00
C PHE A 160 -24.43 -2.69 10.88
N VAL A 161 -25.18 -1.64 11.23
CA VAL A 161 -25.65 -0.67 10.25
C VAL A 161 -24.52 0.25 9.81
N HIS A 162 -24.48 0.55 8.51
CA HIS A 162 -23.51 1.43 7.85
C HIS A 162 -22.07 0.87 7.93
N SER A 163 -21.91 -0.45 8.01
CA SER A 163 -20.58 -1.07 8.07
C SER A 163 -20.02 -1.35 6.66
N LYS A 164 -18.70 -1.22 6.52
CA LYS A 164 -18.03 -1.48 5.24
C LYS A 164 -17.67 -2.96 5.08
N ARG A 165 -17.19 -3.61 6.15
CA ARG A 165 -16.85 -5.04 6.16
C ARG A 165 -16.78 -5.52 7.61
N SER A 166 -16.87 -6.85 7.82
CA SER A 166 -16.75 -7.47 9.15
C SER A 166 -16.56 -8.98 9.05
N PHE A 167 -16.07 -9.60 10.15
CA PHE A 167 -15.93 -11.06 10.21
C PHE A 167 -15.89 -11.59 11.66
N ILE A 168 -16.23 -12.88 11.81
CA ILE A 168 -16.23 -13.59 13.10
C ILE A 168 -15.00 -14.49 13.19
N HIS A 169 -14.30 -14.48 14.34
CA HIS A 169 -13.02 -15.18 14.49
C HIS A 169 -13.20 -16.71 14.52
N ASP A 170 -12.22 -17.47 13.94
CA ASP A 170 -12.36 -18.93 13.86
C ASP A 170 -11.07 -19.73 14.13
N THR A 171 -10.23 -19.32 15.08
CA THR A 171 -9.01 -20.07 15.41
C THR A 171 -8.88 -20.14 16.93
N THR A 172 -8.69 -21.34 17.49
CA THR A 172 -8.51 -22.63 16.82
C THR A 172 -9.81 -23.28 16.29
N THR A 173 -10.95 -22.72 16.69
CA THR A 173 -12.26 -23.04 16.14
C THR A 173 -13.13 -21.79 16.27
N ASP A 174 -14.39 -21.89 15.80
CA ASP A 174 -15.32 -20.75 15.79
C ASP A 174 -15.50 -20.17 17.20
N ASN A 175 -15.25 -18.87 17.34
CA ASN A 175 -15.35 -18.22 18.65
C ASN A 175 -16.80 -17.81 18.92
N VAL A 176 -17.62 -18.83 19.17
CA VAL A 176 -19.07 -18.75 19.36
C VAL A 176 -19.48 -19.71 20.48
N MET A 177 -20.41 -19.30 21.35
CA MET A 177 -20.85 -20.12 22.48
C MET A 177 -22.34 -19.93 22.80
N LEU A 178 -22.98 -21.03 23.21
CA LEU A 178 -24.38 -21.06 23.67
C LEU A 178 -24.45 -21.72 25.05
N ARG A 179 -25.08 -21.04 26.02
CA ARG A 179 -25.29 -21.58 27.36
C ARG A 179 -26.79 -21.60 27.64
N VAL A 180 -27.31 -22.77 28.02
CA VAL A 180 -28.75 -22.99 28.15
C VAL A 180 -29.09 -23.46 29.57
N GLN A 181 -30.15 -22.81 30.19
CA GLN A 181 -30.54 -23.15 31.55
C GLN A 181 -31.67 -24.17 31.51
N PRO A 182 -31.88 -24.92 32.59
CA PRO A 182 -33.00 -25.87 32.58
C PRO A 182 -34.35 -25.24 32.34
N ASP A 183 -34.55 -23.97 32.71
CA ASP A 183 -35.75 -23.18 32.50
C ASP A 183 -35.96 -22.76 31.05
N GLY A 184 -34.97 -22.94 30.18
CA GLY A 184 -35.06 -22.47 28.80
C GLY A 184 -34.55 -21.07 28.55
N LYS A 185 -33.85 -20.45 29.49
CA LYS A 185 -33.14 -19.20 29.25
C LYS A 185 -31.83 -19.48 28.51
N VAL A 186 -31.46 -18.58 27.59
CA VAL A 186 -30.31 -18.78 26.71
C VAL A 186 -29.39 -17.56 26.75
N LEU A 187 -28.07 -17.81 26.80
CA LEU A 187 -27.04 -16.81 26.52
C LEU A 187 -26.31 -17.20 25.24
N TYR A 188 -26.15 -16.25 24.32
CA TYR A 188 -25.53 -16.47 23.01
C TYR A 188 -24.43 -15.43 22.84
N SER A 189 -23.18 -15.89 22.59
CA SER A 189 -22.00 -15.04 22.71
C SER A 189 -21.03 -15.27 21.55
N LEU A 190 -20.43 -14.18 21.02
CA LEU A 190 -19.48 -14.27 19.90
C LEU A 190 -18.50 -13.09 19.90
N ARG A 191 -17.33 -13.30 19.27
CA ARG A 191 -16.25 -12.32 19.15
C ARG A 191 -16.08 -11.92 17.67
N VAL A 192 -16.00 -10.61 17.40
CA VAL A 192 -16.16 -10.09 16.03
C VAL A 192 -15.35 -8.81 15.80
N THR A 193 -14.88 -8.62 14.55
CA THR A 193 -14.21 -7.40 14.08
C THR A 193 -15.02 -6.71 12.99
N VAL A 194 -15.18 -5.37 13.08
CA VAL A 194 -16.02 -4.60 12.16
C VAL A 194 -15.32 -3.29 11.77
N THR A 195 -15.49 -2.88 10.50
CA THR A 195 -15.09 -1.57 9.99
C THR A 195 -16.32 -0.76 9.61
N ALA A 196 -16.42 0.48 10.13
CA ALA A 196 -17.62 1.29 10.05
C ALA A 196 -17.30 2.72 9.62
N MET A 197 -18.26 3.38 8.96
CA MET A 197 -17.99 4.70 8.38
C MET A 197 -18.22 5.77 9.43
N CYS A 198 -17.44 6.85 9.34
CA CYS A 198 -17.58 7.98 10.26
C CYS A 198 -17.25 9.23 9.46
N ASN A 199 -18.27 10.01 9.12
CA ASN A 199 -18.09 11.19 8.27
C ASN A 199 -17.34 12.30 9.04
N MET A 200 -16.25 12.83 8.44
CA MET A 200 -15.37 13.77 9.11
C MET A 200 -15.30 15.12 8.40
N ASP A 201 -15.17 16.22 9.16
CA ASP A 201 -14.99 17.58 8.63
C ASP A 201 -13.66 18.13 9.13
N PHE A 202 -12.81 18.57 8.20
CA PHE A 202 -11.44 18.97 8.49
C PHE A 202 -11.21 20.46 8.33
N SER A 203 -12.29 21.25 8.28
CA SER A 203 -12.18 22.68 7.99
C SER A 203 -11.34 23.40 9.05
N ARG A 204 -11.43 22.97 10.29
CA ARG A 204 -10.71 23.61 11.40
C ARG A 204 -9.37 22.95 11.70
N PHE A 205 -8.90 22.01 10.87
CA PHE A 205 -7.67 21.27 11.11
C PHE A 205 -6.50 22.22 11.32
N PRO A 206 -5.62 21.98 12.31
CA PRO A 206 -5.59 20.84 13.24
C PRO A 206 -6.42 20.99 14.52
N LEU A 207 -7.30 21.99 14.60
CA LEU A 207 -8.06 22.22 15.81
C LEU A 207 -9.45 21.58 15.73
N ASP A 208 -9.61 20.52 14.93
CA ASP A 208 -10.90 19.85 14.74
C ASP A 208 -11.18 18.85 15.85
N THR A 209 -12.47 18.53 16.03
CA THR A 209 -12.96 17.50 16.93
C THR A 209 -13.96 16.63 16.17
N GLN A 210 -13.82 15.30 16.27
CA GLN A 210 -14.67 14.37 15.55
C GLN A 210 -15.47 13.49 16.52
N THR A 211 -16.73 13.19 16.17
CA THR A 211 -17.56 12.24 16.91
C THR A 211 -18.02 11.09 16.00
N CYS A 212 -17.92 9.86 16.52
CA CYS A 212 -18.20 8.63 15.77
C CYS A 212 -19.11 7.71 16.57
N SER A 213 -19.77 6.77 15.88
CA SER A 213 -20.67 5.82 16.52
C SER A 213 -20.80 4.51 15.73
N LEU A 214 -21.15 3.45 16.45
CA LEU A 214 -21.42 2.11 15.92
C LEU A 214 -22.87 1.73 16.22
N GLU A 215 -23.54 1.10 15.24
CA GLU A 215 -25.00 0.92 15.27
C GLU A 215 -25.42 -0.53 15.05
N ILE A 216 -26.43 -0.99 15.81
CA ILE A 216 -26.85 -2.39 15.86
C ILE A 216 -28.37 -2.51 15.66
N GLU A 217 -28.81 -3.48 14.85
CA GLU A 217 -30.21 -3.62 14.42
C GLU A 217 -30.51 -5.05 13.94
N SER A 218 -31.80 -5.43 14.01
CA SER A 218 -32.29 -6.70 13.47
C SER A 218 -32.52 -6.59 11.96
N TYR A 219 -32.08 -7.61 11.20
CA TYR A 219 -32.20 -7.52 9.75
C TYR A 219 -33.62 -7.77 9.27
N ALA A 220 -34.38 -8.66 9.93
CA ALA A 220 -35.67 -9.09 9.39
C ALA A 220 -36.91 -8.82 10.24
N TYR A 221 -36.79 -8.46 11.53
CA TYR A 221 -37.95 -8.37 12.42
C TYR A 221 -38.20 -6.92 12.84
N THR A 222 -39.42 -6.43 12.61
CA THR A 222 -39.89 -5.15 13.14
C THR A 222 -40.26 -5.30 14.62
N GLU A 223 -40.57 -4.16 15.24
CA GLU A 223 -40.86 -4.10 16.67
C GLU A 223 -42.15 -4.82 17.04
N ASP A 224 -42.95 -5.21 16.05
CA ASP A 224 -44.14 -6.03 16.28
C ASP A 224 -43.79 -7.48 16.61
N ASP A 225 -42.58 -7.93 16.28
CA ASP A 225 -42.16 -9.32 16.48
C ASP A 225 -40.99 -9.47 17.42
N LEU A 226 -40.05 -8.51 17.44
CA LEU A 226 -38.85 -8.57 18.27
C LEU A 226 -38.62 -7.20 18.89
N MET A 227 -38.34 -7.14 20.20
CA MET A 227 -38.08 -5.89 20.92
C MET A 227 -36.65 -5.91 21.45
N LEU A 228 -35.81 -4.99 20.95
CA LEU A 228 -34.38 -4.98 21.21
C LEU A 228 -33.98 -3.87 22.17
N TYR A 229 -33.18 -4.19 23.20
CA TYR A 229 -32.85 -3.20 24.23
C TYR A 229 -31.53 -3.51 24.94
N TRP A 230 -30.94 -2.46 25.53
CA TRP A 230 -29.72 -2.59 26.35
C TRP A 230 -30.07 -3.23 27.70
N LYS A 231 -29.39 -4.33 28.07
CA LYS A 231 -29.90 -5.12 29.20
C LYS A 231 -29.79 -4.40 30.54
N LYS A 232 -28.81 -3.51 30.72
CA LYS A 232 -28.60 -2.87 32.01
C LYS A 232 -28.44 -1.35 31.88
N GLY A 233 -28.99 -0.75 30.84
CA GLY A 233 -28.77 0.68 30.70
C GLY A 233 -27.34 0.94 30.27
N ASN A 234 -26.79 2.08 30.69
CA ASN A 234 -25.42 2.37 30.33
C ASN A 234 -24.42 1.43 30.97
N ASP A 235 -24.83 0.62 31.93
CA ASP A 235 -23.95 -0.38 32.52
C ASP A 235 -23.72 -1.55 31.58
N SER A 236 -24.40 -1.57 30.43
CA SER A 236 -24.30 -2.65 29.44
C SER A 236 -23.04 -2.54 28.59
N LEU A 237 -22.26 -1.46 28.70
CA LEU A 237 -21.10 -1.23 27.84
C LEU A 237 -19.86 -1.22 28.70
N LYS A 238 -18.87 -2.03 28.32
CA LYS A 238 -17.56 -2.04 28.97
C LYS A 238 -16.48 -1.84 27.90
N THR A 239 -15.38 -1.19 28.30
CA THR A 239 -14.26 -0.88 27.42
C THR A 239 -12.92 -1.22 28.09
N ASP A 240 -12.00 -1.76 27.28
CA ASP A 240 -10.72 -2.29 27.75
C ASP A 240 -9.88 -1.20 28.39
N GLU A 241 -9.19 -1.55 29.49
CA GLU A 241 -8.44 -0.55 30.27
C GLU A 241 -7.21 -0.03 29.52
N ARG A 242 -6.79 -0.67 28.42
CA ARG A 242 -5.58 -0.26 27.71
C ARG A 242 -5.90 0.24 26.30
N ILE A 243 -7.09 0.80 26.07
CA ILE A 243 -7.53 1.13 24.71
C ILE A 243 -6.92 2.48 24.32
N SER A 244 -6.34 2.55 23.12
CA SER A 244 -5.63 3.76 22.67
C SER A 244 -5.42 3.74 21.15
N LEU A 245 -5.06 4.92 20.63
CA LEU A 245 -4.69 5.13 19.23
C LEU A 245 -3.37 5.90 19.16
N SER A 246 -2.62 5.68 18.07
CA SER A 246 -1.31 6.31 17.96
C SER A 246 -1.41 7.81 17.67
N GLN A 247 -2.53 8.26 17.09
CA GLN A 247 -2.65 9.60 16.52
C GLN A 247 -3.76 10.43 17.15
N PHE A 248 -4.52 9.89 18.10
CA PHE A 248 -5.69 10.57 18.66
C PHE A 248 -5.81 10.30 20.16
N LEU A 249 -6.54 11.21 20.84
CA LEU A 249 -7.04 11.01 22.21
C LEU A 249 -8.52 10.63 22.14
N ILE A 250 -8.90 9.55 22.85
CA ILE A 250 -10.26 9.02 22.81
C ILE A 250 -10.96 9.30 24.14
N GLN A 251 -12.23 9.70 24.10
CA GLN A 251 -12.96 10.03 25.33
C GLN A 251 -14.48 9.92 25.14
N GLU A 252 -15.18 9.77 26.28
CA GLU A 252 -16.64 9.92 26.41
C GLU A 252 -17.45 8.82 25.71
N PHE A 253 -17.16 7.55 26.05
CA PHE A 253 -17.95 6.40 25.60
C PHE A 253 -19.31 6.37 26.32
N HIS A 254 -20.42 6.28 25.57
CA HIS A 254 -21.76 6.19 26.15
C HIS A 254 -22.75 5.60 25.15
N THR A 255 -23.91 5.10 25.65
CA THR A 255 -24.92 4.40 24.84
C THR A 255 -26.23 5.18 24.68
N THR A 256 -26.90 5.01 23.51
CA THR A 256 -28.23 5.58 23.21
C THR A 256 -29.05 4.59 22.36
N THR A 257 -30.35 4.90 22.17
CA THR A 257 -31.24 4.13 21.28
C THR A 257 -32.18 5.06 20.51
N LYS A 258 -32.69 4.58 19.37
CA LYS A 258 -33.61 5.36 18.55
C LYS A 258 -34.44 4.45 17.62
N LEU A 259 -35.68 4.88 17.34
CA LEU A 259 -36.58 4.16 16.42
C LEU A 259 -36.36 4.63 14.99
N ALA A 260 -36.37 3.66 14.06
CA ALA A 260 -36.12 3.96 12.64
C ALA A 260 -37.18 3.30 11.76
N PHE A 261 -37.42 3.87 10.57
CA PHE A 261 -38.55 3.49 9.72
C PHE A 261 -38.11 3.18 8.29
N TYR A 262 -38.63 2.07 7.74
CA TYR A 262 -38.42 1.67 6.34
C TYR A 262 -39.77 1.40 5.69
N SER A 263 -40.05 2.07 4.57
CA SER A 263 -41.42 2.07 4.05
C SER A 263 -41.86 0.70 3.52
N SER A 264 -40.92 -0.15 3.14
CA SER A 264 -41.23 -1.50 2.67
C SER A 264 -41.58 -2.48 3.80
N THR A 265 -41.26 -2.15 5.06
CA THR A 265 -41.44 -3.10 6.14
C THR A 265 -42.02 -2.55 7.44
N GLY A 266 -41.58 -1.37 7.87
CA GLY A 266 -42.08 -0.77 9.09
C GLY A 266 -41.04 -0.23 10.06
N TRP A 267 -41.30 -0.31 11.37
CA TRP A 267 -40.49 0.35 12.41
C TRP A 267 -39.56 -0.64 13.13
N TYR A 268 -38.34 -0.19 13.44
CA TYR A 268 -37.28 -0.96 14.10
C TYR A 268 -36.62 -0.13 15.20
N ASN A 269 -36.18 -0.78 16.30
CA ASN A 269 -35.36 -0.09 17.29
C ASN A 269 -33.88 -0.35 17.06
N ARG A 270 -33.07 0.71 17.21
CA ARG A 270 -31.63 0.66 16.92
C ARG A 270 -30.82 1.07 18.15
N LEU A 271 -29.70 0.37 18.39
CA LEU A 271 -28.79 0.68 19.51
C LEU A 271 -27.52 1.37 19.01
N TYR A 272 -27.01 2.31 19.81
CA TYR A 272 -25.84 3.13 19.47
C TYR A 272 -24.78 3.08 20.57
N ILE A 273 -23.51 3.01 20.14
CA ILE A 273 -22.31 3.26 20.95
C ILE A 273 -21.61 4.51 20.39
N ASN A 274 -21.35 5.52 21.25
CA ASN A 274 -20.88 6.86 20.85
C ASN A 274 -19.50 7.18 21.47
N PHE A 275 -18.63 7.89 20.72
CA PHE A 275 -17.33 8.34 21.28
C PHE A 275 -16.78 9.55 20.52
N THR A 276 -15.77 10.23 21.13
CA THR A 276 -15.17 11.48 20.64
C THR A 276 -13.65 11.40 20.47
N LEU A 277 -13.11 12.08 19.43
CA LEU A 277 -11.68 12.06 19.07
C LEU A 277 -11.08 13.47 19.05
N ARG A 278 -9.84 13.64 19.55
CA ARG A 278 -9.13 14.93 19.56
C ARG A 278 -7.63 14.71 19.31
N ARG A 279 -6.93 15.79 18.87
CA ARG A 279 -5.51 15.74 18.51
C ARG A 279 -4.60 16.36 19.58
N HIS A 280 -3.30 16.07 19.47
CA HIS A 280 -2.23 16.66 20.29
C HIS A 280 -1.83 18.04 19.73
N ILE A 281 -2.33 19.14 20.30
CA ILE A 281 -2.23 20.44 19.61
C ILE A 281 -0.79 20.97 19.53
N PHE A 282 -0.01 20.79 20.59
CA PHE A 282 1.31 21.43 20.63
C PHE A 282 2.30 20.81 19.63
N PHE A 283 2.07 19.56 19.21
CA PHE A 283 2.89 18.96 18.17
C PHE A 283 2.75 19.72 16.86
N PHE A 284 1.51 20.07 16.51
CA PHE A 284 1.27 20.75 15.24
C PHE A 284 1.71 22.21 15.32
N LEU A 285 1.54 22.85 16.47
CA LEU A 285 2.08 24.21 16.62
C LEU A 285 3.58 24.24 16.38
N LEU A 286 4.32 23.30 17.00
CA LEU A 286 5.78 23.27 16.88
C LEU A 286 6.23 22.97 15.44
N GLN A 287 5.54 22.07 14.75
CA GLN A 287 6.02 21.64 13.44
C GLN A 287 5.56 22.55 12.30
N THR A 288 4.55 23.40 12.49
CA THR A 288 3.92 24.10 11.39
C THR A 288 3.86 25.61 11.60
N TYR A 289 3.30 26.07 12.72
CA TYR A 289 3.13 27.52 12.92
C TYR A 289 4.40 28.26 13.33
N PHE A 290 5.23 27.63 14.12
CA PHE A 290 6.47 28.24 14.65
C PHE A 290 7.48 28.56 13.55
N PRO A 291 7.78 27.67 12.60
CA PRO A 291 8.76 28.04 11.55
C PRO A 291 8.31 29.19 10.67
N ALA A 292 7.02 29.24 10.33
CA ALA A 292 6.54 30.29 9.44
C ALA A 292 6.65 31.65 10.13
N THR A 293 6.42 31.68 11.44
CA THR A 293 6.51 32.91 12.20
C THR A 293 7.96 33.40 12.29
N LEU A 294 8.90 32.47 12.48
CA LEU A 294 10.31 32.86 12.50
C LEU A 294 10.78 33.44 11.17
N MET A 295 10.30 32.88 10.06
CA MET A 295 10.74 33.40 8.76
C MET A 295 10.16 34.79 8.48
N VAL A 296 8.92 35.04 8.93
CA VAL A 296 8.38 36.40 8.79
C VAL A 296 9.25 37.39 9.56
N MET A 297 9.70 36.99 10.76
CA MET A 297 10.52 37.92 11.55
C MET A 297 11.89 38.16 10.93
N LEU A 298 12.47 37.13 10.30
CA LEU A 298 13.74 37.36 9.61
C LEU A 298 13.59 38.33 8.43
N SER A 299 12.42 38.35 7.77
CA SER A 299 12.27 39.27 6.64
C SER A 299 12.32 40.74 7.08
N TRP A 300 12.01 41.03 8.36
CA TRP A 300 11.99 42.38 8.92
C TRP A 300 13.40 42.91 9.21
N VAL A 301 14.38 42.03 9.36
CA VAL A 301 15.77 42.43 9.64
C VAL A 301 16.31 43.34 8.54
N SER A 302 15.77 43.21 7.33
CA SER A 302 16.25 43.98 6.20
C SER A 302 16.07 45.49 6.38
N PHE A 303 15.02 45.92 7.08
CA PHE A 303 14.73 47.33 7.27
C PHE A 303 15.79 48.04 8.12
N TRP A 304 16.75 47.31 8.69
CA TRP A 304 17.77 47.85 9.61
C TRP A 304 19.18 47.80 9.01
N ILE A 305 19.29 47.42 7.73
CA ILE A 305 20.53 47.31 6.96
C ILE A 305 20.57 48.51 6.00
N ASP A 306 21.77 49.08 5.84
CA ASP A 306 22.04 50.29 5.04
C ASP A 306 21.58 50.13 3.59
N ARG A 307 20.83 51.12 3.11
CA ARG A 307 20.25 51.03 1.76
C ARG A 307 21.30 51.07 0.65
N ARG A 308 22.53 51.45 0.98
CA ARG A 308 23.59 51.55 -0.01
C ARG A 308 24.16 50.18 -0.34
N ALA A 309 23.91 49.18 0.50
CA ALA A 309 24.48 47.85 0.29
C ALA A 309 23.59 46.96 -0.59
N VAL A 310 23.55 47.30 -1.88
CA VAL A 310 22.66 46.58 -2.81
C VAL A 310 23.01 45.09 -2.86
N PRO A 311 24.27 44.68 -2.95
CA PRO A 311 24.57 43.23 -2.99
C PRO A 311 24.34 42.54 -1.67
N ALA A 312 23.98 43.25 -0.60
CA ALA A 312 23.50 42.56 0.60
C ALA A 312 21.99 42.54 0.71
N ARG A 313 21.32 43.67 0.40
CA ARG A 313 19.88 43.73 0.58
C ARG A 313 19.16 42.83 -0.42
N VAL A 314 19.70 42.67 -1.62
CA VAL A 314 18.94 41.96 -2.66
C VAL A 314 18.99 40.44 -2.45
N PRO A 315 20.13 39.81 -2.13
CA PRO A 315 20.09 38.34 -1.96
C PRO A 315 19.31 37.87 -0.73
N LEU A 316 19.21 38.70 0.31
CA LEU A 316 18.55 38.32 1.55
C LEU A 316 17.06 38.07 1.32
N GLY A 317 16.41 38.96 0.57
CA GLY A 317 15.00 38.82 0.27
C GLY A 317 14.63 37.58 -0.51
N ILE A 318 15.30 37.36 -1.64
CA ILE A 318 14.95 36.25 -2.50
C ILE A 318 15.30 34.91 -1.84
N THR A 319 16.35 34.87 -1.00
CA THR A 319 16.61 33.63 -0.28
C THR A 319 15.59 33.38 0.84
N THR A 320 15.03 34.44 1.44
CA THR A 320 13.93 34.22 2.38
C THR A 320 12.68 33.68 1.69
N VAL A 321 12.40 34.16 0.48
CA VAL A 321 11.26 33.63 -0.28
C VAL A 321 11.44 32.15 -0.59
N LEU A 322 12.66 31.76 -1.00
CA LEU A 322 12.95 30.35 -1.25
C LEU A 322 12.75 29.49 -0.01
N THR A 323 13.17 29.99 1.15
CA THR A 323 13.07 29.19 2.37
C THR A 323 11.61 29.00 2.80
N MET A 324 10.79 30.05 2.68
CA MET A 324 9.37 29.88 2.99
C MET A 324 8.70 28.89 2.05
N SER A 325 9.13 28.90 0.78
CA SER A 325 8.55 28.01 -0.23
C SER A 325 8.84 26.54 0.08
N THR A 326 10.08 26.22 0.45
CA THR A 326 10.37 24.81 0.77
C THR A 326 9.64 24.35 2.03
N ILE A 327 9.44 25.24 3.00
CA ILE A 327 8.68 24.86 4.19
C ILE A 327 7.24 24.47 3.82
N ILE A 328 6.60 25.30 2.99
CA ILE A 328 5.19 25.04 2.66
C ILE A 328 5.05 23.75 1.83
N THR A 329 6.05 23.49 0.97
CA THR A 329 6.01 22.26 0.17
C THR A 329 6.12 21.01 1.05
N GLY A 330 6.94 21.06 2.10
CA GLY A 330 7.10 19.90 2.96
C GLY A 330 5.84 19.62 3.76
N VAL A 331 5.18 20.69 4.22
CA VAL A 331 3.95 20.50 4.98
C VAL A 331 2.88 19.86 4.09
N ASN A 332 2.79 20.34 2.84
CA ASN A 332 1.77 19.81 1.94
C ASN A 332 2.03 18.34 1.61
N ALA A 333 3.29 17.96 1.47
CA ALA A 333 3.61 16.58 1.19
C ALA A 333 3.33 15.65 2.36
N SER A 334 3.27 16.18 3.58
CA SER A 334 3.11 15.32 4.76
C SER A 334 1.65 15.10 5.18
N MET A 335 0.72 15.93 4.72
CA MET A 335 -0.66 15.98 5.19
C MET A 335 -1.57 14.97 4.47
N PRO A 336 -2.68 14.54 5.08
CA PRO A 336 -3.61 13.64 4.38
C PRO A 336 -4.27 14.35 3.22
N ARG A 337 -4.64 13.58 2.20
CA ARG A 337 -4.98 14.10 0.87
C ARG A 337 -6.42 14.61 0.77
N VAL A 338 -6.76 15.60 1.60
CA VAL A 338 -8.11 16.15 1.69
C VAL A 338 -8.09 17.46 0.89
N SER A 339 -8.71 17.45 -0.29
CA SER A 339 -8.58 18.55 -1.25
C SER A 339 -9.61 19.65 -1.10
N TYR A 340 -9.64 20.29 0.08
CA TYR A 340 -10.33 21.56 0.33
C TYR A 340 -9.57 22.35 1.40
N ILE A 341 -9.92 23.64 1.53
CA ILE A 341 -9.09 24.59 2.28
C ILE A 341 -9.30 24.42 3.78
N LYS A 342 -8.20 24.42 4.53
CA LYS A 342 -8.17 24.13 5.97
C LYS A 342 -7.51 25.29 6.72
N ALA A 343 -7.80 25.38 8.03
CA ALA A 343 -7.39 26.55 8.82
C ALA A 343 -5.88 26.80 8.77
N VAL A 344 -5.07 25.75 8.64
CA VAL A 344 -3.62 25.87 8.63
C VAL A 344 -3.11 26.36 7.26
N ASP A 345 -3.87 26.06 6.20
CA ASP A 345 -3.57 26.58 4.86
C ASP A 345 -3.58 28.12 4.86
N ILE A 346 -4.56 28.70 5.56
CA ILE A 346 -4.78 30.14 5.52
C ILE A 346 -3.59 30.86 6.14
N TYR A 347 -3.09 30.28 7.24
CA TYR A 347 -1.99 30.88 8.00
C TYR A 347 -0.72 30.86 7.16
N LEU A 348 -0.46 29.72 6.49
CA LEU A 348 0.77 29.65 5.72
C LEU A 348 0.75 30.60 4.52
N TRP A 349 -0.37 30.72 3.78
CA TRP A 349 -0.30 31.57 2.59
C TRP A 349 -0.32 33.06 2.94
N VAL A 350 -0.92 33.44 4.08
CA VAL A 350 -0.78 34.83 4.52
C VAL A 350 0.66 35.15 4.89
N SER A 351 1.36 34.22 5.57
CA SER A 351 2.77 34.48 5.88
C SER A 351 3.63 34.61 4.61
N PHE A 352 3.29 33.82 3.57
CA PHE A 352 4.03 33.94 2.31
C PHE A 352 3.87 35.33 1.70
N VAL A 353 2.65 35.89 1.78
CA VAL A 353 2.43 37.22 1.20
C VAL A 353 3.20 38.30 1.96
N PHE A 354 3.27 38.20 3.29
CA PHE A 354 4.08 39.16 4.04
C PHE A 354 5.54 39.17 3.57
N VAL A 355 6.12 37.98 3.34
CA VAL A 355 7.52 37.95 2.92
C VAL A 355 7.69 38.54 1.50
N PHE A 356 6.74 38.30 0.61
CA PHE A 356 6.80 38.84 -0.77
C PHE A 356 6.78 40.38 -0.76
N LEU A 357 5.93 40.94 0.11
CA LEU A 357 5.80 42.39 0.16
C LEU A 357 7.07 43.05 0.70
N SER A 358 7.82 42.34 1.56
CA SER A 358 9.10 42.93 2.00
C SER A 358 10.12 43.05 0.87
N VAL A 359 10.01 42.24 -0.18
CA VAL A 359 10.90 42.33 -1.33
C VAL A 359 10.50 43.49 -2.24
N LEU A 360 9.21 43.76 -2.34
CA LEU A 360 8.81 44.95 -3.11
C LEU A 360 9.22 46.27 -2.42
N GLU A 361 9.28 46.29 -1.09
CA GLU A 361 9.65 47.51 -0.36
C GLU A 361 11.05 48.04 -0.76
N TYR A 362 12.04 47.16 -0.83
CA TYR A 362 13.39 47.65 -1.12
C TYR A 362 13.54 48.03 -2.60
N ALA A 363 12.79 47.39 -3.49
CA ALA A 363 12.82 47.78 -4.90
C ALA A 363 12.38 49.22 -5.05
N ALA A 364 11.35 49.61 -4.30
CA ALA A 364 10.94 51.02 -4.32
C ALA A 364 12.05 51.94 -3.79
N VAL A 365 12.63 51.58 -2.64
CA VAL A 365 13.66 52.43 -2.02
C VAL A 365 14.86 52.63 -2.96
N ASN A 366 15.32 51.54 -3.57
CA ASN A 366 16.49 51.59 -4.45
C ASN A 366 16.21 52.40 -5.70
N TYR A 367 15.01 52.24 -6.27
CA TYR A 367 14.68 53.00 -7.47
C TYR A 367 14.65 54.50 -7.19
N LEU A 368 13.97 54.91 -6.12
CA LEU A 368 13.84 56.34 -5.83
C LEU A 368 15.17 56.96 -5.42
N THR A 369 16.00 56.18 -4.72
CA THR A 369 17.35 56.64 -4.40
C THR A 369 18.15 56.92 -5.66
N THR A 370 18.03 56.04 -6.65
CA THR A 370 18.77 56.16 -7.90
C THR A 370 18.28 57.37 -8.69
N VAL A 371 16.96 57.61 -8.67
CA VAL A 371 16.38 58.75 -9.37
C VAL A 371 16.87 60.05 -8.77
N GLN A 372 16.98 60.11 -7.44
CA GLN A 372 17.47 61.36 -6.84
C GLN A 372 18.95 61.57 -7.15
N GLU A 373 19.75 60.51 -7.12
CA GLU A 373 21.17 60.62 -7.44
C GLU A 373 21.37 61.11 -8.86
N ARG A 374 20.47 60.71 -9.78
CA ARG A 374 20.57 61.14 -11.16
C ARG A 374 20.15 62.60 -11.32
N LYS A 375 19.09 62.98 -10.60
CA LYS A 375 18.59 64.35 -10.67
C LYS A 375 19.56 65.35 -10.05
N GLU A 376 20.15 64.98 -8.91
CA GLU A 376 21.05 65.90 -8.21
C GLU A 376 22.40 66.00 -8.90
N GLN A 377 22.81 64.95 -9.60
CA GLN A 377 23.97 65.01 -10.49
C GLN A 377 23.59 65.75 -11.76
N ASP A 451 21.83 58.85 5.49
CA ASP A 451 20.60 58.90 6.27
C ASP A 451 19.55 57.88 5.78
N THR A 452 18.68 57.47 6.70
CA THR A 452 17.62 56.49 6.43
C THR A 452 16.46 57.10 5.61
N HIS A 453 15.95 56.32 4.65
CA HIS A 453 14.83 56.73 3.81
C HIS A 453 13.52 56.55 4.57
N ALA A 454 12.54 57.42 4.25
CA ALA A 454 11.29 57.42 5.00
C ALA A 454 10.55 56.10 4.88
N ILE A 455 10.70 55.41 3.76
CA ILE A 455 9.97 54.14 3.60
C ILE A 455 10.47 53.10 4.60
N ASP A 456 11.79 53.06 4.88
CA ASP A 456 12.30 52.12 5.88
C ASP A 456 11.79 52.49 7.27
N LYS A 457 11.81 53.79 7.58
CA LYS A 457 11.35 54.27 8.88
C LYS A 457 9.94 53.81 9.16
N TYR A 458 9.07 53.89 8.15
CA TYR A 458 7.69 53.52 8.39
C TYR A 458 7.52 52.01 8.42
N SER A 459 8.29 51.29 7.59
CA SER A 459 8.13 49.83 7.53
C SER A 459 8.51 49.18 8.85
N ARG A 460 9.50 49.76 9.56
CA ARG A 460 9.96 49.23 10.85
C ARG A 460 8.83 49.17 11.87
N ILE A 461 7.79 49.98 11.68
CA ILE A 461 6.66 50.04 12.58
C ILE A 461 5.47 49.29 12.03
N ILE A 462 5.21 49.46 10.73
CA ILE A 462 3.95 49.06 10.15
C ILE A 462 3.90 47.54 9.91
N PHE A 463 5.01 46.92 9.48
CA PHE A 463 4.92 45.49 9.20
C PHE A 463 4.64 44.67 10.46
N PRO A 464 5.33 44.88 11.60
CA PRO A 464 4.97 44.14 12.82
C PRO A 464 3.55 44.38 13.32
N ALA A 465 3.07 45.62 13.29
CA ALA A 465 1.73 45.95 13.79
C ALA A 465 0.66 45.21 13.01
N ALA A 466 0.86 45.13 11.68
CA ALA A 466 -0.12 44.46 10.82
C ALA A 466 -0.15 42.97 11.11
N TYR A 467 1.03 42.36 11.32
CA TYR A 467 1.04 40.92 11.59
C TYR A 467 0.43 40.59 12.96
N ILE A 468 0.64 41.47 13.95
CA ILE A 468 -0.03 41.27 15.25
C ILE A 468 -1.55 41.34 15.10
N LEU A 469 -2.03 42.30 14.31
CA LEU A 469 -3.48 42.45 14.09
C LEU A 469 -4.06 41.20 13.42
N PHE A 470 -3.34 40.66 12.43
CA PHE A 470 -3.77 39.44 11.76
C PHE A 470 -3.90 38.30 12.76
N ASN A 471 -2.89 38.12 13.63
CA ASN A 471 -2.92 37.01 14.57
C ASN A 471 -4.09 37.13 15.55
N LEU A 472 -4.36 38.35 16.03
CA LEU A 472 -5.49 38.54 16.95
C LEU A 472 -6.81 38.14 16.30
N ILE A 473 -7.02 38.54 15.05
CA ILE A 473 -8.27 38.17 14.37
C ILE A 473 -8.34 36.66 14.16
N TYR A 474 -7.24 36.08 13.66
CA TYR A 474 -7.23 34.66 13.31
C TYR A 474 -7.54 33.78 14.53
N TRP A 475 -6.89 34.06 15.66
CA TRP A 475 -7.12 33.24 16.83
C TRP A 475 -8.44 33.55 17.54
N SER A 476 -9.06 34.70 17.24
CA SER A 476 -10.43 34.89 17.70
C SER A 476 -11.42 34.10 16.86
N ILE A 477 -11.03 33.73 15.63
CA ILE A 477 -11.94 32.95 14.78
C ILE A 477 -11.82 31.45 15.07
N PHE A 478 -10.61 30.95 15.25
CA PHE A 478 -10.38 29.52 15.41
C PHE A 478 -10.15 29.11 16.86
N SER A 479 -10.04 30.08 17.76
CA SER A 479 -10.13 29.92 19.22
C SER A 479 -9.15 28.93 19.85
N SER B 75 -9.74 -48.60 10.94
CA SER B 75 -9.17 -47.80 12.01
C SER B 75 -10.25 -47.23 12.96
N GLU B 76 -11.12 -46.34 12.46
CA GLU B 76 -12.14 -45.65 13.25
C GLU B 76 -13.24 -46.58 13.82
N GLN B 77 -13.15 -47.90 13.65
CA GLN B 77 -14.07 -48.82 14.32
C GLN B 77 -13.50 -49.34 15.64
N LEU B 78 -12.19 -49.21 15.85
CA LEU B 78 -11.58 -49.58 17.12
C LEU B 78 -11.86 -48.53 18.20
N LEU B 79 -11.65 -47.26 17.86
CA LEU B 79 -12.26 -46.15 18.58
C LEU B 79 -13.78 -46.28 18.48
N ARG B 80 -14.49 -46.18 19.61
CA ARG B 80 -15.93 -46.43 19.57
C ARG B 80 -16.70 -45.11 19.39
N ILE B 81 -16.50 -44.55 18.19
CA ILE B 81 -16.97 -43.21 17.84
C ILE B 81 -18.50 -43.16 17.86
N ASP B 82 -19.16 -44.22 17.39
CA ASP B 82 -20.61 -44.23 17.29
C ASP B 82 -21.30 -44.43 18.64
N ASP B 83 -20.56 -44.78 19.69
CA ASP B 83 -21.14 -45.23 20.96
C ASP B 83 -21.03 -44.19 22.09
N HIS B 84 -20.36 -43.06 21.87
CA HIS B 84 -20.07 -42.05 22.88
C HIS B 84 -20.50 -40.64 22.49
N ASP B 85 -20.93 -39.83 23.47
CA ASP B 85 -21.29 -38.42 23.20
C ASP B 85 -20.06 -37.53 23.31
N PHE B 86 -19.46 -37.22 22.16
CA PHE B 86 -18.28 -36.36 22.12
C PHE B 86 -18.63 -34.87 21.98
N SER B 87 -19.85 -34.48 22.36
CA SER B 87 -20.16 -33.06 22.56
C SER B 87 -19.79 -32.55 23.94
N MET B 88 -19.32 -33.42 24.84
CA MET B 88 -19.00 -33.03 26.21
C MET B 88 -17.63 -33.58 26.60
N ARG B 89 -17.00 -32.89 27.57
CA ARG B 89 -15.60 -33.12 27.96
C ARG B 89 -15.43 -34.45 28.69
N PRO B 90 -14.19 -34.95 28.80
CA PRO B 90 -13.91 -36.05 29.72
C PRO B 90 -14.19 -35.62 31.16
N GLY B 91 -14.79 -36.52 31.93
CA GLY B 91 -14.98 -36.31 33.35
C GLY B 91 -16.09 -35.35 33.73
N PHE B 92 -17.09 -35.18 32.86
CA PHE B 92 -18.19 -34.24 33.07
C PHE B 92 -19.01 -34.66 34.30
N GLY B 93 -19.44 -33.65 35.07
CA GLY B 93 -20.01 -33.80 36.40
C GLY B 93 -19.01 -34.10 37.52
N GLY B 94 -17.73 -34.26 37.18
CA GLY B 94 -16.67 -34.45 38.16
C GLY B 94 -15.61 -33.36 38.08
N PRO B 95 -14.40 -33.64 38.61
CA PRO B 95 -13.30 -32.66 38.54
C PRO B 95 -12.90 -32.22 37.13
N ALA B 96 -12.11 -31.14 37.06
CA ALA B 96 -11.67 -30.55 35.80
C ALA B 96 -10.67 -31.44 35.06
N ILE B 97 -10.63 -31.26 33.74
CA ILE B 97 -9.70 -31.99 32.87
C ILE B 97 -8.42 -31.17 32.80
N PRO B 98 -7.26 -31.71 33.19
CA PRO B 98 -6.01 -30.95 33.03
C PRO B 98 -5.48 -31.08 31.61
N VAL B 99 -5.11 -29.94 31.02
CA VAL B 99 -4.62 -29.91 29.64
C VAL B 99 -3.28 -29.17 29.62
N GLY B 100 -2.22 -29.88 29.19
CA GLY B 100 -0.89 -29.29 29.08
C GLY B 100 -0.53 -28.78 27.69
N VAL B 101 0.38 -27.79 27.61
CA VAL B 101 0.66 -27.07 26.37
C VAL B 101 2.17 -26.89 26.17
N ASP B 102 2.65 -27.05 24.91
CA ASP B 102 3.97 -26.64 24.42
C ASP B 102 3.82 -25.68 23.24
N VAL B 103 4.82 -24.80 23.01
CA VAL B 103 4.85 -23.92 21.85
C VAL B 103 6.26 -23.87 21.23
N GLN B 104 6.33 -23.87 19.90
CA GLN B 104 7.58 -23.74 19.14
C GLN B 104 7.41 -22.60 18.13
N VAL B 105 8.15 -21.50 18.32
CA VAL B 105 8.06 -20.31 17.47
C VAL B 105 8.91 -20.51 16.23
N GLU B 106 8.27 -20.45 15.05
CA GLU B 106 8.94 -20.66 13.78
C GLU B 106 9.47 -19.34 13.19
N SER B 107 8.74 -18.22 13.29
CA SER B 107 9.25 -16.95 12.78
C SER B 107 8.45 -15.78 13.35
N LEU B 108 9.10 -14.61 13.35
CA LEU B 108 8.45 -13.32 13.44
C LEU B 108 8.44 -12.68 12.05
N ASP B 109 7.25 -12.31 11.58
CA ASP B 109 6.99 -12.15 10.16
C ASP B 109 6.92 -10.69 9.75
N SER B 110 6.37 -9.79 10.59
CA SER B 110 6.44 -8.36 10.37
C SER B 110 6.04 -7.62 11.64
N ILE B 111 6.17 -6.29 11.63
CA ILE B 111 5.78 -5.42 12.76
C ILE B 111 5.34 -4.06 12.20
N SER B 112 4.32 -3.44 12.83
CA SER B 112 3.82 -2.12 12.42
C SER B 112 3.81 -1.15 13.59
N GLU B 113 4.48 -0.01 13.43
CA GLU B 113 4.59 0.94 14.53
C GLU B 113 3.41 1.90 14.61
N VAL B 114 2.77 2.21 13.48
CA VAL B 114 1.60 3.10 13.50
C VAL B 114 0.34 2.33 13.86
N ASP B 115 0.20 1.08 13.42
CA ASP B 115 -0.93 0.27 13.83
C ASP B 115 -0.74 -0.39 15.19
N MET B 116 0.50 -0.43 15.68
CA MET B 116 0.87 -1.05 16.96
C MET B 116 0.51 -2.55 17.04
N ASP B 117 1.11 -3.36 16.15
CA ASP B 117 0.92 -4.81 16.16
C ASP B 117 2.13 -5.54 15.54
N PHE B 118 2.17 -6.88 15.72
CA PHE B 118 3.22 -7.76 15.21
C PHE B 118 2.60 -9.07 14.73
N THR B 119 3.29 -9.77 13.82
CA THR B 119 2.82 -11.02 13.22
C THR B 119 3.83 -12.15 13.45
N MET B 120 3.33 -13.35 13.78
CA MET B 120 4.11 -14.50 14.24
C MET B 120 3.54 -15.80 13.67
N THR B 121 4.43 -16.75 13.35
CA THR B 121 4.03 -18.10 12.91
C THR B 121 4.64 -19.13 13.87
N LEU B 122 3.84 -20.14 14.27
CA LEU B 122 4.23 -21.06 15.34
C LEU B 122 3.55 -22.42 15.21
N TYR B 123 4.07 -23.38 15.98
CA TYR B 123 3.45 -24.69 16.22
C TYR B 123 2.81 -24.75 17.61
N LEU B 124 1.58 -25.26 17.70
CA LEU B 124 0.87 -25.33 18.98
C LEU B 124 0.51 -26.78 19.30
N ARG B 125 0.87 -27.26 20.49
CA ARG B 125 0.70 -28.67 20.85
C ARG B 125 -0.04 -28.84 22.18
N HIS B 126 -1.00 -29.79 22.21
CA HIS B 126 -1.89 -30.04 23.35
C HIS B 126 -1.82 -31.50 23.81
N TYR B 127 -1.94 -31.72 25.14
CA TYR B 127 -1.83 -33.08 25.71
C TYR B 127 -2.93 -33.32 26.76
N TRP B 128 -3.60 -34.49 26.68
CA TRP B 128 -4.62 -34.88 27.66
C TRP B 128 -4.92 -36.38 27.52
N LYS B 129 -5.78 -36.90 28.42
CA LYS B 129 -6.19 -38.31 28.42
C LYS B 129 -7.72 -38.43 28.41
N ASP B 130 -8.23 -39.44 27.67
CA ASP B 130 -9.67 -39.69 27.54
C ASP B 130 -9.89 -41.19 27.38
N GLU B 131 -10.48 -41.82 28.42
CA GLU B 131 -10.70 -43.26 28.43
C GLU B 131 -11.64 -43.73 27.32
N ARG B 132 -12.43 -42.82 26.73
CA ARG B 132 -13.33 -43.21 25.65
C ARG B 132 -12.56 -43.58 24.39
N LEU B 133 -11.30 -43.16 24.28
CA LEU B 133 -10.46 -43.39 23.12
C LEU B 133 -9.43 -44.51 23.33
N SER B 134 -9.45 -45.20 24.47
CA SER B 134 -8.58 -46.37 24.66
C SER B 134 -9.02 -47.52 23.79
N PHE B 135 -8.05 -48.26 23.22
CA PHE B 135 -8.30 -49.30 22.24
C PHE B 135 -7.46 -50.54 22.52
N PRO B 136 -8.00 -51.72 22.22
CA PRO B 136 -7.23 -52.97 22.45
C PRO B 136 -6.10 -53.19 21.44
N SER B 137 -4.96 -53.64 21.94
CA SER B 137 -3.77 -53.89 21.11
C SER B 137 -2.85 -54.91 21.79
N THR B 138 -2.20 -55.74 20.97
CA THR B 138 -1.18 -56.67 21.48
C THR B 138 0.16 -55.99 21.74
N ASN B 139 0.34 -54.77 21.25
CA ASN B 139 1.64 -54.13 21.14
C ASN B 139 1.49 -52.62 21.28
N ASN B 140 2.62 -51.93 21.53
CA ASN B 140 2.59 -50.54 21.97
C ASN B 140 2.51 -49.50 20.82
N LEU B 141 2.01 -49.88 19.64
CA LEU B 141 1.95 -48.97 18.50
C LEU B 141 0.80 -47.98 18.61
N SER B 142 1.08 -46.68 18.41
CA SER B 142 0.04 -45.65 18.40
C SER B 142 -0.64 -45.58 17.02
N MET B 143 -1.78 -44.88 16.97
CA MET B 143 -2.50 -44.60 15.73
C MET B 143 -2.47 -43.10 15.45
N THR B 144 -2.43 -42.72 14.15
CA THR B 144 -2.27 -41.32 13.76
C THR B 144 -3.32 -40.90 12.72
N PHE B 145 -3.90 -39.70 12.90
CA PHE B 145 -5.03 -39.22 12.11
C PHE B 145 -4.85 -37.75 11.74
N ASP B 146 -5.67 -37.24 10.79
CA ASP B 146 -5.68 -35.84 10.36
C ASP B 146 -7.00 -35.17 10.75
N GLY B 147 -7.24 -33.96 10.19
CA GLY B 147 -8.33 -33.11 10.63
C GLY B 147 -9.70 -33.71 10.42
N ARG B 148 -9.79 -34.84 9.72
CA ARG B 148 -11.08 -35.44 9.49
C ARG B 148 -11.58 -36.22 10.70
N LEU B 149 -10.68 -36.55 11.64
CA LEU B 149 -11.13 -37.14 12.90
C LEU B 149 -11.54 -36.06 13.91
N VAL B 150 -10.90 -34.88 13.83
CA VAL B 150 -11.10 -33.82 14.82
C VAL B 150 -12.57 -33.43 14.93
N LYS B 151 -13.32 -33.55 13.84
CA LYS B 151 -14.73 -33.18 13.80
C LYS B 151 -15.61 -34.14 14.58
N LYS B 152 -15.13 -35.37 14.82
CA LYS B 152 -15.94 -36.45 15.38
C LYS B 152 -15.69 -36.69 16.86
N ILE B 153 -14.56 -36.27 17.41
CA ILE B 153 -14.25 -36.45 18.83
C ILE B 153 -14.24 -35.08 19.55
N TRP B 154 -14.00 -35.12 20.87
CA TRP B 154 -13.79 -33.91 21.67
C TRP B 154 -12.33 -33.45 21.65
N VAL B 155 -12.12 -32.14 21.55
CA VAL B 155 -10.79 -31.51 21.67
C VAL B 155 -10.91 -30.17 22.39
N PRO B 156 -9.80 -29.67 22.96
CA PRO B 156 -9.80 -28.37 23.66
C PRO B 156 -10.08 -27.19 22.72
N ASP B 157 -10.42 -26.04 23.32
CA ASP B 157 -10.99 -24.89 22.60
C ASP B 157 -10.18 -23.58 22.74
N MET B 158 -8.87 -23.62 22.53
CA MET B 158 -7.99 -22.46 22.74
C MET B 158 -8.19 -21.36 21.69
N PHE B 159 -8.02 -20.10 22.12
CA PHE B 159 -8.02 -18.93 21.22
C PHE B 159 -6.96 -17.94 21.70
N PHE B 160 -6.55 -17.02 20.80
CA PHE B 160 -5.48 -16.06 21.05
C PHE B 160 -6.11 -14.73 21.50
N VAL B 161 -5.83 -14.32 22.74
CA VAL B 161 -6.45 -13.12 23.31
C VAL B 161 -5.80 -11.87 22.74
N HIS B 162 -6.62 -10.86 22.46
CA HIS B 162 -6.24 -9.55 21.91
C HIS B 162 -5.63 -9.65 20.51
N SER B 163 -6.01 -10.66 19.72
CA SER B 163 -5.49 -10.84 18.35
C SER B 163 -6.35 -10.09 17.33
N LYS B 164 -5.70 -9.56 16.29
CA LYS B 164 -6.40 -8.84 15.24
C LYS B 164 -6.90 -9.77 14.13
N ARG B 165 -6.11 -10.79 13.75
CA ARG B 165 -6.48 -11.80 12.76
C ARG B 165 -5.54 -13.00 12.90
N SER B 166 -5.97 -14.17 12.36
CA SER B 166 -5.15 -15.40 12.37
C SER B 166 -5.73 -16.45 11.41
N PHE B 167 -4.89 -17.45 11.05
CA PHE B 167 -5.34 -18.57 10.21
C PHE B 167 -4.45 -19.81 10.37
N ILE B 168 -5.03 -20.98 10.02
CA ILE B 168 -4.35 -22.28 10.07
C ILE B 168 -3.97 -22.71 8.65
N HIS B 169 -2.74 -23.20 8.46
CA HIS B 169 -2.21 -23.49 7.11
C HIS B 169 -2.90 -24.74 6.48
N ASP B 170 -3.10 -24.72 5.14
CA ASP B 170 -3.81 -25.82 4.47
C ASP B 170 -3.23 -26.27 3.12
N THR B 171 -1.91 -26.30 2.94
CA THR B 171 -1.31 -26.76 1.70
C THR B 171 -0.13 -27.68 2.02
N THR B 172 -0.09 -28.88 1.43
CA THR B 172 -0.99 -29.42 0.41
C THR B 172 -2.34 -29.94 0.98
N THR B 173 -2.43 -30.04 2.30
CA THR B 173 -3.68 -30.29 3.02
C THR B 173 -3.56 -29.63 4.40
N ASP B 174 -4.62 -29.75 5.22
CA ASP B 174 -4.68 -29.12 6.53
C ASP B 174 -3.50 -29.55 7.41
N ASN B 175 -2.75 -28.57 7.91
CA ASN B 175 -1.56 -28.88 8.72
C ASN B 175 -1.98 -29.09 10.19
N VAL B 176 -2.65 -30.23 10.40
CA VAL B 176 -3.26 -30.65 11.67
C VAL B 176 -3.02 -32.16 11.86
N MET B 177 -2.72 -32.59 13.09
CA MET B 177 -2.43 -34.00 13.36
C MET B 177 -2.92 -34.42 14.76
N LEU B 178 -3.39 -35.68 14.85
CA LEU B 178 -3.81 -36.33 16.09
C LEU B 178 -3.09 -37.67 16.25
N ARG B 179 -2.43 -37.88 17.39
CA ARG B 179 -1.76 -39.13 17.70
C ARG B 179 -2.37 -39.71 18.99
N VAL B 180 -2.82 -40.96 18.93
CA VAL B 180 -3.59 -41.58 20.01
C VAL B 180 -2.90 -42.85 20.49
N GLN B 181 -2.76 -43.00 21.86
CA GLN B 181 -2.08 -44.16 22.42
C GLN B 181 -3.12 -45.21 22.80
N PRO B 182 -2.73 -46.47 22.94
CA PRO B 182 -3.71 -47.49 23.33
C PRO B 182 -4.38 -47.20 24.67
N ASP B 183 -3.70 -46.50 25.59
CA ASP B 183 -4.20 -46.09 26.89
C ASP B 183 -5.23 -44.95 26.82
N GLY B 184 -5.41 -44.32 25.67
CA GLY B 184 -6.29 -43.17 25.55
C GLY B 184 -5.66 -41.82 25.78
N LYS B 185 -4.33 -41.72 25.82
CA LYS B 185 -3.64 -40.43 25.81
C LYS B 185 -3.59 -39.88 24.39
N VAL B 186 -3.74 -38.56 24.26
CA VAL B 186 -3.84 -37.88 22.96
C VAL B 186 -2.83 -36.76 22.85
N LEU B 187 -2.19 -36.63 21.69
CA LEU B 187 -1.44 -35.44 21.28
C LEU B 187 -2.15 -34.79 20.09
N TYR B 188 -2.38 -33.48 20.16
CA TYR B 188 -3.11 -32.71 19.15
C TYR B 188 -2.23 -31.54 18.73
N SER B 189 -1.93 -31.43 17.43
CA SER B 189 -0.86 -30.54 16.94
C SER B 189 -1.30 -29.78 15.69
N LEU B 190 -0.94 -28.48 15.60
CA LEU B 190 -1.30 -27.65 14.44
C LEU B 190 -0.31 -26.50 14.25
N ARG B 191 -0.23 -25.98 13.01
CA ARG B 191 0.64 -24.89 12.60
C ARG B 191 -0.21 -23.67 12.22
N VAL B 192 0.15 -22.48 12.72
CA VAL B 192 -0.75 -21.32 12.70
C VAL B 192 0.02 -19.99 12.63
N THR B 193 -0.59 -18.99 11.96
CA THR B 193 -0.08 -17.60 11.90
C THR B 193 -1.07 -16.63 12.56
N VAL B 194 -0.55 -15.71 13.38
CA VAL B 194 -1.39 -14.79 14.17
C VAL B 194 -0.79 -13.38 14.16
N THR B 195 -1.66 -12.36 14.11
CA THR B 195 -1.30 -10.95 14.28
C THR B 195 -1.93 -10.43 15.58
N ALA B 196 -1.11 -9.82 16.44
CA ALA B 196 -1.49 -9.44 17.80
C ALA B 196 -1.07 -8.02 18.13
N MET B 197 -1.82 -7.37 19.03
CA MET B 197 -1.59 -5.94 19.31
C MET B 197 -0.52 -5.80 20.36
N CYS B 198 0.27 -4.73 20.26
CA CYS B 198 1.32 -4.44 21.24
C CYS B 198 1.41 -2.92 21.35
N ASN B 199 0.91 -2.39 22.47
CA ASN B 199 0.85 -0.94 22.66
C ASN B 199 2.24 -0.35 22.85
N MET B 200 2.60 0.68 22.07
CA MET B 200 3.95 1.24 22.05
C MET B 200 3.99 2.71 22.45
N ASP B 201 5.06 3.13 23.14
CA ASP B 201 5.29 4.52 23.53
C ASP B 201 6.60 5.00 22.89
N PHE B 202 6.54 6.10 22.14
CA PHE B 202 7.65 6.58 21.32
C PHE B 202 8.24 7.88 21.86
N SER B 203 7.94 8.23 23.11
CA SER B 203 8.34 9.53 23.66
C SER B 203 9.87 9.68 23.68
N ARG B 204 10.58 8.59 23.92
CA ARG B 204 12.03 8.60 24.02
C ARG B 204 12.73 8.27 22.69
N PHE B 205 11.99 8.16 21.58
CA PHE B 205 12.54 7.76 20.29
C PHE B 205 13.70 8.67 19.90
N PRO B 206 14.81 8.12 19.38
CA PRO B 206 15.08 6.71 19.07
C PRO B 206 15.64 5.86 20.20
N LEU B 207 15.62 6.35 21.44
CA LEU B 207 16.20 5.61 22.54
C LEU B 207 15.14 4.80 23.31
N ASP B 208 14.04 4.45 22.65
CA ASP B 208 12.94 3.71 23.29
C ASP B 208 13.23 2.21 23.36
N THR B 209 12.54 1.54 24.28
CA THR B 209 12.53 0.08 24.43
C THR B 209 11.09 -0.38 24.55
N GLN B 210 10.72 -1.43 23.81
CA GLN B 210 9.34 -1.93 23.79
C GLN B 210 9.30 -3.38 24.28
N THR B 211 8.25 -3.73 25.04
CA THR B 211 7.96 -5.11 25.46
C THR B 211 6.60 -5.56 24.95
N CYS B 212 6.55 -6.79 24.41
CA CYS B 212 5.35 -7.35 23.77
C CYS B 212 5.10 -8.77 24.28
N SER B 213 3.86 -9.25 24.11
CA SER B 213 3.47 -10.58 24.56
C SER B 213 2.29 -11.14 23.75
N LEU B 214 2.23 -12.48 23.72
CA LEU B 214 1.16 -13.25 23.09
C LEU B 214 0.45 -14.09 24.15
N GLU B 215 -0.88 -14.18 24.07
CA GLU B 215 -1.72 -14.71 25.16
C GLU B 215 -2.69 -15.80 24.68
N ILE B 216 -2.84 -16.84 25.51
CA ILE B 216 -3.59 -18.06 25.15
C ILE B 216 -4.60 -18.43 26.25
N GLU B 217 -5.83 -18.80 25.84
CA GLU B 217 -6.95 -19.01 26.77
C GLU B 217 -8.04 -19.90 26.14
N SER B 218 -8.83 -20.56 27.00
CA SER B 218 -10.00 -21.34 26.58
C SER B 218 -11.19 -20.42 26.35
N TYR B 219 -11.93 -20.65 25.25
CA TYR B 219 -13.04 -19.74 24.93
C TYR B 219 -14.26 -20.02 25.80
N ALA B 220 -14.53 -21.28 26.17
CA ALA B 220 -15.79 -21.61 26.82
C ALA B 220 -15.72 -22.23 28.21
N TYR B 221 -14.56 -22.69 28.70
CA TYR B 221 -14.49 -23.44 29.96
C TYR B 221 -13.72 -22.65 31.02
N THR B 222 -14.36 -22.44 32.18
CA THR B 222 -13.71 -21.90 33.37
C THR B 222 -12.88 -22.99 34.05
N GLU B 223 -12.13 -22.55 35.08
CA GLU B 223 -11.19 -23.42 35.78
C GLU B 223 -11.90 -24.52 36.57
N ASP B 224 -13.22 -24.45 36.71
CA ASP B 224 -14.01 -25.52 37.31
C ASP B 224 -14.16 -26.73 36.40
N ASP B 225 -13.92 -26.58 35.09
CA ASP B 225 -14.10 -27.65 34.12
C ASP B 225 -12.82 -28.02 33.37
N LEU B 226 -11.92 -27.06 33.13
CA LEU B 226 -10.68 -27.29 32.39
C LEU B 226 -9.56 -26.54 33.08
N MET B 227 -8.41 -27.20 33.31
CA MET B 227 -7.24 -26.60 33.96
C MET B 227 -6.08 -26.57 32.97
N LEU B 228 -5.63 -25.36 32.60
CA LEU B 228 -4.67 -25.13 31.52
C LEU B 228 -3.31 -24.73 32.08
N TYR B 229 -2.23 -25.39 31.59
CA TYR B 229 -0.90 -25.15 32.15
C TYR B 229 0.21 -25.47 31.15
N TRP B 230 1.39 -24.87 31.39
CA TRP B 230 2.61 -25.15 30.61
C TRP B 230 3.18 -26.52 30.99
N LYS B 231 3.38 -27.40 30.00
CA LYS B 231 3.63 -28.80 30.35
C LYS B 231 4.97 -29.03 31.05
N LYS B 232 5.98 -28.19 30.78
CA LYS B 232 7.32 -28.41 31.31
C LYS B 232 7.91 -27.14 31.93
N GLY B 233 7.07 -26.20 32.35
CA GLY B 233 7.65 -24.96 32.85
C GLY B 233 8.19 -24.14 31.71
N ASN B 234 9.25 -23.39 31.98
CA ASN B 234 9.84 -22.59 30.91
C ASN B 234 10.48 -23.44 29.83
N ASP B 235 10.65 -24.73 30.05
CA ASP B 235 11.19 -25.62 29.02
C ASP B 235 10.13 -25.89 27.94
N SER B 236 8.90 -25.41 28.12
CA SER B 236 7.80 -25.62 27.19
C SER B 236 7.88 -24.71 25.96
N LEU B 237 8.80 -23.76 25.92
CA LEU B 237 8.88 -22.78 24.84
C LEU B 237 10.20 -22.96 24.11
N LYS B 238 10.13 -23.11 22.79
CA LYS B 238 11.30 -23.15 21.93
C LYS B 238 11.18 -22.09 20.84
N THR B 239 12.33 -21.56 20.40
CA THR B 239 12.40 -20.50 19.40
C THR B 239 13.47 -20.82 18.35
N ASP B 240 13.16 -20.51 17.09
CA ASP B 240 13.98 -20.88 15.94
C ASP B 240 15.35 -20.20 16.01
N GLU B 241 16.41 -20.95 15.63
CA GLU B 241 17.77 -20.45 15.76
C GLU B 241 18.08 -19.30 14.81
N ARG B 242 17.24 -19.03 13.81
CA ARG B 242 17.52 -17.99 12.83
C ARG B 242 16.49 -16.85 12.89
N ILE B 243 15.91 -16.59 14.06
CA ILE B 243 14.80 -15.64 14.17
C ILE B 243 15.36 -14.23 14.24
N SER B 244 14.81 -13.32 13.43
CA SER B 244 15.33 -11.95 13.34
C SER B 244 14.31 -11.01 12.69
N LEU B 245 14.58 -9.70 12.84
CA LEU B 245 13.82 -8.63 12.22
C LEU B 245 14.77 -7.66 11.52
N SER B 246 14.29 -6.99 10.47
CA SER B 246 15.16 -6.09 9.70
C SER B 246 15.47 -4.81 10.46
N GLN B 247 14.62 -4.41 11.41
CA GLN B 247 14.66 -3.09 12.00
C GLN B 247 14.85 -3.10 13.51
N PHE B 248 14.94 -4.27 14.15
CA PHE B 248 15.01 -4.37 15.61
C PHE B 248 15.95 -5.51 16.04
N LEU B 249 16.41 -5.40 17.29
CA LEU B 249 17.08 -6.48 18.02
C LEU B 249 16.09 -7.12 18.98
N ILE B 250 15.99 -8.45 18.97
CA ILE B 250 15.01 -9.18 19.78
C ILE B 250 15.74 -9.93 20.89
N GLN B 251 15.19 -9.92 22.12
CA GLN B 251 15.84 -10.60 23.25
C GLN B 251 14.85 -10.95 24.36
N GLU B 252 15.26 -11.92 25.18
CA GLU B 252 14.63 -12.26 26.48
C GLU B 252 13.23 -12.88 26.35
N PHE B 253 13.15 -13.99 25.58
CA PHE B 253 11.93 -14.81 25.49
C PHE B 253 11.72 -15.60 26.79
N HIS B 254 10.52 -15.52 27.40
CA HIS B 254 10.21 -16.27 28.61
C HIS B 254 8.68 -16.39 28.80
N THR B 255 8.25 -17.36 29.63
CA THR B 255 6.82 -17.67 29.83
C THR B 255 6.31 -17.31 31.23
N THR B 256 5.02 -16.93 31.32
CA THR B 256 4.30 -16.66 32.59
C THR B 256 2.83 -17.11 32.48
N THR B 257 2.11 -17.10 33.62
CA THR B 257 0.66 -17.41 33.68
C THR B 257 -0.05 -16.47 34.65
N LYS B 258 -1.36 -16.29 34.47
CA LYS B 258 -2.16 -15.44 35.35
C LYS B 258 -3.66 -15.80 35.26
N LEU B 259 -4.36 -15.64 36.39
CA LEU B 259 -5.81 -15.87 36.47
C LEU B 259 -6.59 -14.62 36.08
N ALA B 260 -7.67 -14.79 35.31
CA ALA B 260 -8.46 -13.67 34.81
C ALA B 260 -9.95 -13.93 35.06
N PHE B 261 -10.74 -12.84 35.18
CA PHE B 261 -12.13 -12.92 35.63
C PHE B 261 -13.09 -12.20 34.67
N TYR B 262 -14.21 -12.86 34.35
CA TYR B 262 -15.29 -12.29 33.54
C TYR B 262 -16.61 -12.46 34.29
N SER B 263 -17.33 -11.36 34.51
CA SER B 263 -18.46 -11.39 35.45
C SER B 263 -19.62 -12.25 34.94
N SER B 264 -19.75 -12.43 33.64
CA SER B 264 -20.79 -13.26 33.05
C SER B 264 -20.52 -14.77 33.19
N THR B 265 -19.28 -15.18 33.48
CA THR B 265 -18.95 -16.61 33.48
C THR B 265 -18.08 -17.08 34.64
N GLY B 266 -17.06 -16.33 35.01
CA GLY B 266 -16.19 -16.72 36.11
C GLY B 266 -14.69 -16.61 35.84
N TRP B 267 -13.88 -17.51 36.41
CA TRP B 267 -12.41 -17.41 36.42
C TRP B 267 -11.77 -18.36 35.40
N TYR B 268 -10.69 -17.88 34.74
CA TYR B 268 -9.94 -18.61 33.71
C TYR B 268 -8.44 -18.45 33.94
N ASN B 269 -7.64 -19.47 33.59
CA ASN B 269 -6.19 -19.33 33.60
C ASN B 269 -5.68 -18.99 32.20
N ARG B 270 -4.70 -18.08 32.13
CA ARG B 270 -4.17 -17.58 30.86
C ARG B 270 -2.65 -17.78 30.81
N LEU B 271 -2.14 -18.17 29.62
CA LEU B 271 -0.70 -18.36 29.40
C LEU B 271 -0.12 -17.21 28.57
N TYR B 272 1.13 -16.83 28.90
CA TYR B 272 1.83 -15.71 28.26
C TYR B 272 3.20 -16.13 27.73
N ILE B 273 3.54 -15.60 26.54
CA ILE B 273 4.88 -15.57 25.95
C ILE B 273 5.33 -14.11 25.86
N ASN B 274 6.51 -13.77 26.42
CA ASN B 274 7.01 -12.40 26.60
C ASN B 274 8.33 -12.17 25.85
N PHE B 275 8.52 -10.95 25.27
CA PHE B 275 9.80 -10.62 24.64
C PHE B 275 10.02 -9.10 24.57
N THR B 276 11.28 -8.68 24.29
CA THR B 276 11.73 -7.28 24.31
C THR B 276 12.39 -6.85 22.98
N LEU B 277 12.17 -5.57 22.57
CA LEU B 277 12.67 -5.01 21.31
C LEU B 277 13.54 -3.76 21.54
N ARG B 278 14.64 -3.63 20.77
CA ARG B 278 15.54 -2.46 20.86
C ARG B 278 16.08 -2.08 19.47
N ARG B 279 16.55 -0.83 19.32
CA ARG B 279 17.02 -0.29 18.04
C ARG B 279 18.55 -0.21 17.96
N HIS B 280 19.06 -0.04 16.73
CA HIS B 280 20.48 0.20 16.42
C HIS B 280 20.82 1.70 16.63
N ILE B 281 21.42 2.08 17.77
CA ILE B 281 21.46 3.49 18.14
C ILE B 281 22.39 4.32 17.23
N PHE B 282 23.54 3.76 16.83
CA PHE B 282 24.52 4.56 16.11
C PHE B 282 24.07 4.93 14.70
N PHE B 283 23.14 4.17 14.12
CA PHE B 283 22.56 4.52 12.83
C PHE B 283 21.81 5.84 12.92
N PHE B 284 21.03 6.01 13.99
CA PHE B 284 20.22 7.21 14.14
C PHE B 284 21.08 8.41 14.54
N LEU B 285 22.12 8.17 15.36
CA LEU B 285 23.04 9.26 15.67
C LEU B 285 23.68 9.81 14.40
N LEU B 286 24.17 8.90 13.52
CA LEU B 286 24.86 9.33 12.30
C LEU B 286 23.92 10.07 11.33
N GLN B 287 22.68 9.61 11.21
CA GLN B 287 21.78 10.18 10.20
C GLN B 287 21.04 11.42 10.68
N THR B 288 20.98 11.70 11.99
CA THR B 288 20.09 12.73 12.51
C THR B 288 20.83 13.73 13.39
N TYR B 289 21.53 13.30 14.42
CA TYR B 289 22.16 14.24 15.37
C TYR B 289 23.44 14.89 14.84
N PHE B 290 24.25 14.15 14.09
CA PHE B 290 25.53 14.62 13.58
C PHE B 290 25.38 15.78 12.59
N PRO B 291 24.48 15.73 11.60
CA PRO B 291 24.37 16.88 10.67
C PRO B 291 23.94 18.17 11.35
N ALA B 292 23.00 18.08 12.29
CA ALA B 292 22.50 19.29 12.94
C ALA B 292 23.60 19.95 13.76
N THR B 293 24.47 19.13 14.36
CA THR B 293 25.58 19.66 15.15
C THR B 293 26.61 20.35 14.27
N LEU B 294 26.89 19.77 13.11
CA LEU B 294 27.83 20.41 12.18
C LEU B 294 27.31 21.76 11.68
N MET B 295 26.00 21.86 11.43
CA MET B 295 25.48 23.14 10.94
C MET B 295 25.51 24.22 12.03
N VAL B 296 25.28 23.84 13.29
CA VAL B 296 25.43 24.82 14.37
C VAL B 296 26.86 25.35 14.42
N MET B 297 27.83 24.45 14.22
CA MET B 297 29.23 24.90 14.28
C MET B 297 29.59 25.80 13.10
N LEU B 298 29.03 25.54 11.92
CA LEU B 298 29.29 26.45 10.81
C LEU B 298 28.71 27.84 11.05
N SER B 299 27.60 27.95 11.80
CA SER B 299 27.04 29.29 12.04
C SER B 299 27.98 30.17 12.88
N TRP B 300 28.87 29.54 13.67
CA TRP B 300 29.82 30.24 14.54
C TRP B 300 31.00 30.85 13.78
N VAL B 301 31.30 30.33 12.58
CA VAL B 301 32.41 30.82 11.76
C VAL B 301 32.24 32.31 11.45
N SER B 302 31.00 32.79 11.44
CA SER B 302 30.72 34.17 11.09
C SER B 302 31.34 35.17 12.06
N PHE B 303 31.49 34.80 13.34
CA PHE B 303 32.02 35.71 14.35
C PHE B 303 33.51 36.02 14.13
N TRP B 304 34.16 35.37 13.17
CA TRP B 304 35.59 35.50 12.90
C TRP B 304 35.89 36.18 11.55
N ILE B 305 34.85 36.67 10.87
CA ILE B 305 34.90 37.37 9.59
C ILE B 305 34.68 38.85 9.86
N ASP B 306 35.44 39.69 9.14
CA ASP B 306 35.46 41.15 9.29
C ASP B 306 34.07 41.77 9.13
N ARG B 307 33.69 42.64 10.09
CA ARG B 307 32.35 43.20 10.09
C ARG B 307 32.10 44.16 8.92
N ARG B 308 33.17 44.58 8.23
CA ARG B 308 33.03 45.50 7.11
C ARG B 308 32.54 44.79 5.87
N ALA B 309 32.65 43.46 5.82
CA ALA B 309 32.27 42.72 4.62
C ALA B 309 30.79 42.34 4.62
N VAL B 310 29.94 43.35 4.40
CA VAL B 310 28.48 43.12 4.47
C VAL B 310 28.03 42.10 3.43
N PRO B 311 28.50 42.16 2.17
CA PRO B 311 28.06 41.15 1.18
C PRO B 311 28.64 39.78 1.42
N ALA B 312 29.52 39.60 2.40
CA ALA B 312 29.90 38.25 2.81
C ALA B 312 29.15 37.77 4.05
N ARG B 313 29.00 38.65 5.06
CA ARG B 313 28.39 38.22 6.30
C ARG B 313 26.90 37.95 6.12
N VAL B 314 26.23 38.67 5.22
CA VAL B 314 24.76 38.54 5.15
C VAL B 314 24.35 37.26 4.41
N PRO B 315 24.96 36.89 3.27
CA PRO B 315 24.48 35.65 2.61
C PRO B 315 24.79 34.36 3.38
N LEU B 316 25.84 34.37 4.20
CA LEU B 316 26.25 33.17 4.93
C LEU B 316 25.19 32.73 5.92
N GLY B 317 24.64 33.68 6.67
CA GLY B 317 23.60 33.40 7.63
C GLY B 317 22.32 32.81 7.07
N ILE B 318 21.75 33.49 6.06
CA ILE B 318 20.47 33.05 5.51
C ILE B 318 20.64 31.73 4.76
N THR B 319 21.81 31.47 4.15
CA THR B 319 21.99 30.17 3.53
C THR B 319 22.18 29.05 4.58
N THR B 320 22.74 29.36 5.74
CA THR B 320 22.78 28.35 6.81
C THR B 320 21.37 28.03 7.34
N VAL B 321 20.51 29.04 7.42
CA VAL B 321 19.12 28.79 7.83
C VAL B 321 18.40 27.89 6.84
N LEU B 322 18.60 28.16 5.54
CA LEU B 322 18.00 27.29 4.50
C LEU B 322 18.48 25.84 4.62
N THR B 323 19.78 25.65 4.89
CA THR B 323 20.32 24.30 4.95
C THR B 323 19.77 23.51 6.15
N MET B 324 19.65 24.18 7.30
CA MET B 324 19.06 23.50 8.46
C MET B 324 17.60 23.14 8.19
N SER B 325 16.89 24.01 7.46
CA SER B 325 15.48 23.77 7.17
C SER B 325 15.28 22.54 6.28
N THR B 326 16.11 22.38 5.24
CA THR B 326 15.95 21.20 4.39
C THR B 326 16.30 19.91 5.13
N ILE B 327 17.27 19.97 6.05
CA ILE B 327 17.59 18.78 6.85
C ILE B 327 16.39 18.33 7.68
N ILE B 328 15.75 19.29 8.36
CA ILE B 328 14.65 18.92 9.25
C ILE B 328 13.45 18.40 8.45
N THR B 329 13.24 18.97 7.25
CA THR B 329 12.14 18.48 6.41
C THR B 329 12.36 17.03 5.96
N GLY B 330 13.60 16.67 5.65
CA GLY B 330 13.87 15.30 5.20
C GLY B 330 13.69 14.30 6.32
N VAL B 331 14.09 14.69 7.53
CA VAL B 331 13.92 13.77 8.66
C VAL B 331 12.43 13.53 8.92
N ASN B 332 11.63 14.61 8.84
CA ASN B 332 10.21 14.49 9.12
C ASN B 332 9.52 13.61 8.07
N ALA B 333 9.95 13.74 6.81
CA ALA B 333 9.36 12.92 5.76
C ALA B 333 9.73 11.45 5.89
N SER B 334 10.80 11.12 6.58
CA SER B 334 11.25 9.72 6.64
C SER B 334 10.70 8.93 7.83
N MET B 335 10.18 9.59 8.85
CA MET B 335 9.80 9.00 10.13
C MET B 335 8.38 8.43 10.13
N PRO B 336 8.08 7.45 10.99
CA PRO B 336 6.70 6.94 11.07
C PRO B 336 5.75 8.00 11.59
N ARG B 337 4.49 7.91 11.17
CA ARG B 337 3.54 9.02 11.30
C ARG B 337 2.88 9.10 12.68
N VAL B 338 3.71 9.26 13.72
CA VAL B 338 3.26 9.31 15.12
C VAL B 338 3.19 10.77 15.52
N SER B 339 1.98 11.31 15.64
CA SER B 339 1.76 12.75 15.79
C SER B 339 1.77 13.24 17.24
N TYR B 340 2.88 13.03 17.95
CA TYR B 340 3.19 13.66 19.23
C TYR B 340 4.71 13.84 19.35
N ILE B 341 5.12 14.65 20.33
CA ILE B 341 6.50 15.15 20.38
C ILE B 341 7.44 14.08 20.92
N LYS B 342 8.60 13.92 20.27
CA LYS B 342 9.57 12.87 20.56
C LYS B 342 10.95 13.48 20.84
N ALA B 343 11.80 12.70 21.53
CA ALA B 343 13.07 13.22 22.03
C ALA B 343 13.94 13.84 20.94
N VAL B 344 13.86 13.31 19.72
CA VAL B 344 14.69 13.79 18.60
C VAL B 344 14.13 15.10 18.02
N ASP B 345 12.82 15.31 18.14
CA ASP B 345 12.19 16.57 17.76
C ASP B 345 12.78 17.73 18.54
N ILE B 346 13.01 17.53 19.85
CA ILE B 346 13.43 18.60 20.74
C ILE B 346 14.83 19.08 20.34
N TYR B 347 15.68 18.12 19.99
CA TYR B 347 17.07 18.41 19.65
C TYR B 347 17.13 19.21 18.36
N LEU B 348 16.32 18.81 17.36
CA LEU B 348 16.37 19.53 16.09
C LEU B 348 15.85 20.96 16.22
N TRP B 349 14.74 21.19 16.96
CA TRP B 349 14.22 22.56 16.96
C TRP B 349 15.06 23.49 17.84
N VAL B 350 15.74 22.96 18.87
CA VAL B 350 16.68 23.79 19.61
C VAL B 350 17.88 24.19 18.72
N SER B 351 18.38 23.26 17.89
CA SER B 351 19.47 23.64 17.00
C SER B 351 19.04 24.70 15.98
N PHE B 352 17.78 24.63 15.52
CA PHE B 352 17.28 25.65 14.60
C PHE B 352 17.28 27.03 15.24
N VAL B 353 16.92 27.10 16.53
CA VAL B 353 16.89 28.41 17.20
C VAL B 353 18.30 28.99 17.37
N PHE B 354 19.29 28.13 17.67
CA PHE B 354 20.67 28.64 17.75
C PHE B 354 21.10 29.30 16.43
N VAL B 355 20.77 28.66 15.30
CA VAL B 355 21.19 29.26 14.03
C VAL B 355 20.47 30.58 13.75
N PHE B 356 19.18 30.68 14.11
CA PHE B 356 18.42 31.93 13.92
C PHE B 356 19.01 33.09 14.71
N LEU B 357 19.42 32.80 15.95
CA LEU B 357 19.97 33.85 16.80
C LEU B 357 21.31 34.35 16.29
N SER B 358 22.08 33.50 15.60
CA SER B 358 23.33 34.01 15.01
C SER B 358 23.08 35.03 13.90
N VAL B 359 21.92 35.00 13.25
CA VAL B 359 21.58 35.98 12.21
C VAL B 359 21.15 37.30 12.83
N LEU B 360 20.48 37.23 13.98
CA LEU B 360 20.17 38.50 14.67
C LEU B 360 21.42 39.21 15.23
N GLU B 361 22.45 38.45 15.61
CA GLU B 361 23.67 39.06 16.16
C GLU B 361 24.33 40.05 15.18
N TYR B 362 24.46 39.67 13.91
CA TYR B 362 25.17 40.56 12.98
C TYR B 362 24.31 41.75 12.60
N ALA B 363 22.98 41.60 12.60
CA ALA B 363 22.10 42.74 12.34
C ALA B 363 22.32 43.82 13.37
N ALA B 364 22.49 43.42 14.63
CA ALA B 364 22.81 44.41 15.67
C ALA B 364 24.15 45.08 15.42
N VAL B 365 25.19 44.27 15.13
CA VAL B 365 26.53 44.82 14.92
C VAL B 365 26.56 45.83 13.78
N ASN B 366 25.93 45.48 12.65
CA ASN B 366 25.92 46.33 11.45
C ASN B 366 25.16 47.63 11.71
N TYR B 367 24.03 47.54 12.41
CA TYR B 367 23.25 48.74 12.70
C TYR B 367 24.03 49.71 13.57
N LEU B 368 24.62 49.22 14.66
CA LEU B 368 25.34 50.12 15.58
C LEU B 368 26.61 50.69 14.95
N THR B 369 27.26 49.89 14.11
CA THR B 369 28.42 50.39 13.36
C THR B 369 28.02 51.56 12.46
N THR B 370 26.87 51.44 11.81
CA THR B 370 26.37 52.46 10.89
C THR B 370 26.00 53.73 11.65
N VAL B 371 25.40 53.55 12.84
CA VAL B 371 25.02 54.70 13.66
C VAL B 371 26.25 55.47 14.12
N GLN B 372 27.32 54.75 14.47
CA GLN B 372 28.52 55.47 14.90
C GLN B 372 29.18 56.21 13.73
N GLU B 373 29.20 55.58 12.56
CA GLU B 373 29.77 56.21 11.37
C GLU B 373 29.01 57.48 11.02
N ARG B 374 27.69 57.48 11.25
CA ARG B 374 26.88 58.66 10.96
C ARG B 374 27.11 59.75 11.99
N LYS B 375 27.24 59.36 13.25
CA LYS B 375 27.45 60.31 14.34
C LYS B 375 28.83 60.96 14.25
N GLU B 376 29.85 60.16 13.95
CA GLU B 376 31.22 60.67 13.91
C GLU B 376 31.47 61.51 12.66
N GLN B 377 30.76 61.23 11.58
CA GLN B 377 30.75 62.09 10.40
C GLN B 377 29.89 63.32 10.68
N ASP B 451 39.06 47.40 13.95
CA ASP B 451 39.00 46.65 15.21
C ASP B 451 37.67 45.90 15.38
N THR B 452 37.72 44.81 16.17
CA THR B 452 36.56 43.96 16.44
C THR B 452 35.57 44.60 17.41
N HIS B 453 34.28 44.44 17.12
CA HIS B 453 33.21 44.98 17.97
C HIS B 453 33.00 44.05 19.18
N ALA B 454 32.57 44.66 20.30
CA ALA B 454 32.46 43.89 21.54
C ALA B 454 31.45 42.76 21.43
N ILE B 455 30.42 42.93 20.61
CA ILE B 455 29.41 41.88 20.50
C ILE B 455 30.02 40.60 19.88
N ASP B 456 30.91 40.75 18.89
CA ASP B 456 31.56 39.57 18.31
C ASP B 456 32.48 38.91 19.34
N LYS B 457 33.23 39.73 20.08
CA LYS B 457 34.15 39.20 21.09
C LYS B 457 33.41 38.33 22.08
N TYR B 458 32.23 38.77 22.51
CA TYR B 458 31.51 37.98 23.51
C TYR B 458 30.84 36.76 22.88
N SER B 459 30.36 36.89 21.64
CA SER B 459 29.65 35.79 21.01
C SER B 459 30.58 34.59 20.78
N ARG B 460 31.86 34.87 20.50
CA ARG B 460 32.87 33.83 20.26
C ARG B 460 33.00 32.88 21.46
N ILE B 461 32.61 33.35 22.64
CA ILE B 461 32.71 32.58 23.87
C ILE B 461 31.35 32.03 24.26
N ILE B 462 30.32 32.87 24.15
CA ILE B 462 29.04 32.56 24.79
C ILE B 462 28.24 31.54 23.99
N PHE B 463 28.27 31.61 22.64
CA PHE B 463 27.45 30.64 21.89
C PHE B 463 27.91 29.20 22.11
N PRO B 464 29.22 28.88 22.01
CA PRO B 464 29.64 27.49 22.29
C PRO B 464 29.35 27.01 23.71
N ALA B 465 29.55 27.86 24.72
CA ALA B 465 29.33 27.47 26.11
C ALA B 465 27.89 27.10 26.36
N ALA B 466 26.96 27.86 25.75
CA ALA B 466 25.55 27.60 25.93
C ALA B 466 25.15 26.30 25.28
N TYR B 467 25.70 26.00 24.09
CA TYR B 467 25.34 24.75 23.43
C TYR B 467 25.90 23.53 24.17
N ILE B 468 27.10 23.66 24.77
CA ILE B 468 27.63 22.58 25.60
C ILE B 468 26.73 22.33 26.81
N LEU B 469 26.25 23.42 27.45
CA LEU B 469 25.38 23.28 28.61
C LEU B 469 24.07 22.58 28.24
N PHE B 470 23.51 22.93 27.08
CA PHE B 470 22.30 22.27 26.60
C PHE B 470 22.52 20.78 26.43
N ASN B 471 23.64 20.40 25.80
CA ASN B 471 23.89 18.98 25.55
C ASN B 471 24.04 18.20 26.85
N LEU B 472 24.73 18.78 27.84
CA LEU B 472 24.89 18.08 29.12
C LEU B 472 23.53 17.82 29.79
N ILE B 473 22.64 18.82 29.77
CA ILE B 473 21.32 18.62 30.38
C ILE B 473 20.52 17.57 29.60
N TYR B 474 20.51 17.70 28.27
CA TYR B 474 19.70 16.82 27.42
C TYR B 474 20.09 15.36 27.61
N TRP B 475 21.39 15.06 27.57
CA TRP B 475 21.83 13.69 27.71
C TRP B 475 21.77 13.17 29.15
N SER B 476 21.66 14.07 30.14
CA SER B 476 21.34 13.58 31.48
C SER B 476 19.87 13.22 31.61
N ILE B 477 19.01 13.77 30.74
CA ILE B 477 17.58 13.43 30.80
C ILE B 477 17.27 12.16 30.03
N PHE B 478 17.86 11.98 28.85
CA PHE B 478 17.54 10.84 27.99
C PHE B 478 18.57 9.73 28.06
N SER B 479 19.70 9.97 28.74
CA SER B 479 20.67 8.97 29.18
C SER B 479 21.27 8.08 28.09
N SER C 75 -43.32 -24.99 8.97
CA SER C 75 -43.38 -23.92 7.98
C SER C 75 -43.22 -24.45 6.54
N GLU C 76 -42.06 -24.99 6.19
CA GLU C 76 -41.73 -25.46 4.83
C GLU C 76 -42.57 -26.66 4.35
N GLN C 77 -43.56 -27.13 5.11
CA GLN C 77 -44.49 -28.15 4.62
C GLN C 77 -45.75 -27.53 4.03
N LEU C 78 -46.03 -26.26 4.33
CA LEU C 78 -47.17 -25.56 3.73
C LEU C 78 -46.86 -25.14 2.29
N LEU C 79 -45.69 -24.55 2.09
CA LEU C 79 -45.07 -24.49 0.77
C LEU C 79 -44.82 -25.92 0.28
N ARG C 80 -45.21 -26.25 -0.95
CA ARG C 80 -45.10 -27.64 -1.39
C ARG C 80 -43.78 -27.87 -2.15
N ILE C 81 -42.70 -27.75 -1.36
CA ILE C 81 -41.33 -27.74 -1.87
C ILE C 81 -40.99 -29.07 -2.53
N ASP C 82 -41.46 -30.18 -1.95
CA ASP C 82 -41.11 -31.51 -2.45
C ASP C 82 -41.89 -31.87 -3.72
N ASP C 83 -42.90 -31.10 -4.10
CA ASP C 83 -43.85 -31.49 -5.15
C ASP C 83 -43.67 -30.73 -6.47
N HIS C 84 -42.76 -29.74 -6.52
CA HIS C 84 -42.57 -28.86 -7.67
C HIS C 84 -41.11 -28.78 -8.15
N ASP C 85 -40.92 -28.64 -9.48
CA ASP C 85 -39.57 -28.47 -10.03
C ASP C 85 -39.16 -27.00 -10.03
N PHE C 86 -38.40 -26.62 -9.01
CA PHE C 86 -37.91 -25.25 -8.87
C PHE C 86 -36.57 -25.02 -9.57
N SER C 87 -36.22 -25.86 -10.55
CA SER C 87 -35.12 -25.55 -11.46
C SER C 87 -35.54 -24.69 -12.64
N MET C 88 -36.84 -24.40 -12.79
CA MET C 88 -37.35 -23.64 -13.92
C MET C 88 -38.29 -22.54 -13.43
N ARG C 89 -38.40 -21.48 -14.26
CA ARG C 89 -39.08 -20.24 -13.90
C ARG C 89 -40.60 -20.41 -13.82
N PRO C 90 -41.31 -19.48 -13.18
CA PRO C 90 -42.77 -19.44 -13.32
C PRO C 90 -43.16 -19.18 -14.76
N GLY C 91 -44.19 -19.89 -15.21
CA GLY C 91 -44.77 -19.63 -16.53
C GLY C 91 -43.99 -20.17 -17.71
N PHE C 92 -43.16 -21.19 -17.49
CA PHE C 92 -42.30 -21.76 -18.52
C PHE C 92 -43.15 -22.37 -19.64
N GLY C 93 -42.69 -22.18 -20.89
CA GLY C 93 -43.43 -22.43 -22.11
C GLY C 93 -44.48 -21.39 -22.47
N GLY C 94 -44.69 -20.39 -21.61
CA GLY C 94 -45.59 -19.29 -21.87
C GLY C 94 -44.89 -17.94 -21.86
N PRO C 95 -45.66 -16.85 -21.68
CA PRO C 95 -45.04 -15.50 -21.62
C PRO C 95 -44.00 -15.31 -20.52
N ALA C 96 -43.25 -14.21 -20.63
CA ALA C 96 -42.14 -13.87 -19.72
C ALA C 96 -42.66 -13.50 -18.33
N ILE C 97 -41.80 -13.71 -17.33
CA ILE C 97 -42.09 -13.37 -15.93
C ILE C 97 -41.64 -11.93 -15.71
N PRO C 98 -42.52 -11.01 -15.33
CA PRO C 98 -42.08 -9.64 -15.04
C PRO C 98 -41.51 -9.54 -13.63
N VAL C 99 -40.34 -8.93 -13.51
CA VAL C 99 -39.64 -8.81 -12.23
C VAL C 99 -39.32 -7.33 -12.00
N GLY C 100 -39.85 -6.76 -10.92
CA GLY C 100 -39.59 -5.36 -10.56
C GLY C 100 -38.48 -5.18 -9.52
N VAL C 101 -37.82 -4.01 -9.54
CA VAL C 101 -36.61 -3.76 -8.75
C VAL C 101 -36.65 -2.39 -8.07
N ASP C 102 -36.17 -2.33 -6.79
CA ASP C 102 -35.85 -1.11 -6.05
C ASP C 102 -34.39 -1.15 -5.59
N VAL C 103 -33.76 0.03 -5.40
CA VAL C 103 -32.40 0.13 -4.86
C VAL C 103 -32.31 1.25 -3.82
N GLN C 104 -31.57 1.00 -2.73
CA GLN C 104 -31.31 1.99 -1.68
C GLN C 104 -29.80 2.03 -1.45
N VAL C 105 -29.17 3.16 -1.79
CA VAL C 105 -27.72 3.33 -1.69
C VAL C 105 -27.37 3.72 -0.26
N GLU C 106 -26.53 2.90 0.39
CA GLU C 106 -26.11 3.12 1.77
C GLU C 106 -24.84 3.96 1.88
N SER C 107 -23.85 3.77 1.00
CA SER C 107 -22.64 4.60 1.04
C SER C 107 -21.85 4.46 -0.26
N LEU C 108 -21.04 5.50 -0.52
CA LEU C 108 -19.90 5.43 -1.44
C LEU C 108 -18.63 5.34 -0.61
N ASP C 109 -17.84 4.31 -0.89
CA ASP C 109 -16.86 3.80 0.07
C ASP C 109 -15.43 4.20 -0.29
N SER C 110 -15.07 4.26 -1.58
CA SER C 110 -13.80 4.83 -2.00
C SER C 110 -13.83 5.06 -3.53
N ILE C 111 -12.78 5.68 -4.05
CA ILE C 111 -12.62 5.93 -5.49
C ILE C 111 -11.13 5.95 -5.85
N SER C 112 -10.77 5.42 -7.03
CA SER C 112 -9.38 5.38 -7.49
C SER C 112 -9.24 6.02 -8.87
N GLU C 113 -8.36 7.02 -8.99
CA GLU C 113 -8.23 7.76 -10.24
C GLU C 113 -7.26 7.09 -11.21
N VAL C 114 -6.26 6.37 -10.71
CA VAL C 114 -5.31 5.68 -11.59
C VAL C 114 -5.88 4.35 -12.05
N ASP C 115 -6.61 3.64 -11.19
CA ASP C 115 -7.27 2.40 -11.62
C ASP C 115 -8.59 2.65 -12.33
N MET C 116 -9.15 3.85 -12.21
CA MET C 116 -10.44 4.25 -12.80
C MET C 116 -11.62 3.36 -12.34
N ASP C 117 -11.90 3.38 -11.02
CA ASP C 117 -13.04 2.64 -10.44
C ASP C 117 -13.52 3.29 -9.14
N PHE C 118 -14.71 2.85 -8.68
CA PHE C 118 -15.35 3.33 -7.45
C PHE C 118 -16.02 2.16 -6.73
N THR C 119 -16.20 2.29 -5.40
CA THR C 119 -16.80 1.24 -4.56
C THR C 119 -18.04 1.77 -3.83
N MET C 120 -19.10 0.94 -3.75
CA MET C 120 -20.43 1.30 -3.30
C MET C 120 -21.04 0.15 -2.50
N THR C 121 -21.82 0.50 -1.46
CA THR C 121 -22.58 -0.46 -0.66
C THR C 121 -24.07 -0.10 -0.73
N LEU C 122 -24.94 -1.11 -0.91
CA LEU C 122 -26.36 -0.87 -1.20
C LEU C 122 -27.25 -2.03 -0.76
N TYR C 123 -28.56 -1.76 -0.73
CA TYR C 123 -29.62 -2.77 -0.59
C TYR C 123 -30.31 -3.04 -1.93
N LEU C 124 -30.52 -4.29 -2.28
CA LEU C 124 -31.15 -4.65 -3.56
C LEU C 124 -32.41 -5.46 -3.31
N ARG C 125 -33.54 -5.05 -3.90
CA ARG C 125 -34.84 -5.65 -3.62
C ARG C 125 -35.57 -6.06 -4.91
N HIS C 126 -36.15 -7.28 -4.90
CA HIS C 126 -36.81 -7.90 -6.06
C HIS C 126 -38.26 -8.29 -5.75
N TYR C 127 -39.16 -8.17 -6.74
CA TYR C 127 -40.59 -8.46 -6.56
C TYR C 127 -41.14 -9.28 -7.72
N TRP C 128 -41.90 -10.35 -7.42
CA TRP C 128 -42.56 -11.19 -8.43
C TRP C 128 -43.63 -12.07 -7.77
N LYS C 129 -44.37 -12.82 -8.60
CA LYS C 129 -45.43 -13.73 -8.14
C LYS C 129 -45.21 -15.15 -8.69
N ASP C 130 -45.51 -16.15 -7.87
CA ASP C 130 -45.35 -17.57 -8.23
C ASP C 130 -46.43 -18.38 -7.52
N GLU C 131 -47.39 -18.91 -8.30
CA GLU C 131 -48.51 -19.67 -7.75
C GLU C 131 -48.09 -20.95 -7.04
N ARG C 132 -46.87 -21.43 -7.31
CA ARG C 132 -46.41 -22.65 -6.63
C ARG C 132 -46.16 -22.40 -5.15
N LEU C 133 -46.00 -21.14 -4.74
CA LEU C 133 -45.73 -20.76 -3.37
C LEU C 133 -46.95 -20.22 -2.62
N SER C 134 -48.14 -20.23 -3.22
CA SER C 134 -49.36 -19.86 -2.51
C SER C 134 -49.72 -20.91 -1.47
N PHE C 135 -50.20 -20.45 -0.30
CA PHE C 135 -50.44 -21.31 0.84
C PHE C 135 -51.77 -20.98 1.53
N PRO C 136 -52.45 -21.99 2.08
CA PRO C 136 -53.74 -21.73 2.76
C PRO C 136 -53.58 -21.05 4.13
N SER C 137 -54.45 -20.08 4.38
CA SER C 137 -54.44 -19.31 5.64
C SER C 137 -55.83 -18.73 5.92
N THR C 138 -56.18 -18.66 7.21
CA THR C 138 -57.41 -17.99 7.62
C THR C 138 -57.27 -16.48 7.67
N ASN C 139 -56.05 -15.95 7.57
CA ASN C 139 -55.74 -14.57 7.91
C ASN C 139 -54.57 -14.09 7.07
N ASN C 140 -54.38 -12.76 7.01
CA ASN C 140 -53.49 -12.14 6.02
C ASN C 140 -52.00 -12.09 6.45
N LEU C 141 -51.55 -12.96 7.36
CA LEU C 141 -50.17 -12.92 7.84
C LEU C 141 -49.20 -13.55 6.84
N SER C 142 -48.10 -12.85 6.53
CA SER C 142 -47.05 -13.38 5.66
C SER C 142 -46.09 -14.27 6.45
N MET C 143 -45.28 -15.04 5.72
CA MET C 143 -44.22 -15.86 6.29
C MET C 143 -42.84 -15.33 5.85
N THR C 144 -41.83 -15.45 6.73
CA THR C 144 -40.51 -14.86 6.49
C THR C 144 -39.40 -15.88 6.70
N PHE C 145 -38.41 -15.88 5.79
CA PHE C 145 -37.35 -16.90 5.76
C PHE C 145 -35.99 -16.25 5.46
N ASP C 146 -34.89 -17.02 5.65
CA ASP C 146 -33.51 -16.58 5.37
C ASP C 146 -32.92 -17.40 4.23
N GLY C 147 -31.60 -17.29 4.04
CA GLY C 147 -30.93 -17.83 2.87
C GLY C 147 -31.02 -19.34 2.74
N ARG C 148 -31.53 -20.01 3.77
CA ARG C 148 -31.62 -21.46 3.71
C ARG C 148 -32.82 -21.91 2.88
N LEU C 149 -33.79 -21.02 2.64
CA LEU C 149 -34.87 -21.35 1.71
C LEU C 149 -34.48 -21.05 0.27
N VAL C 150 -33.61 -20.05 0.06
CA VAL C 150 -33.27 -19.60 -1.29
C VAL C 150 -32.71 -20.73 -2.14
N LYS C 151 -32.05 -21.69 -1.51
CA LYS C 151 -31.45 -22.81 -2.22
C LYS C 151 -32.48 -23.79 -2.78
N LYS C 152 -33.70 -23.78 -2.23
CA LYS C 152 -34.72 -24.78 -2.51
C LYS C 152 -35.79 -24.31 -3.49
N ILE C 153 -35.98 -23.00 -3.65
CA ILE C 153 -36.98 -22.46 -4.57
C ILE C 153 -36.28 -21.77 -5.75
N TRP C 154 -37.09 -21.25 -6.70
CA TRP C 154 -36.60 -20.41 -7.80
C TRP C 154 -36.51 -18.92 -7.40
N VAL C 155 -35.44 -18.26 -7.81
CA VAL C 155 -35.27 -16.80 -7.66
C VAL C 155 -34.56 -16.22 -8.89
N PRO C 156 -34.70 -14.90 -9.12
CA PRO C 156 -34.04 -14.23 -10.25
C PRO C 156 -32.51 -14.26 -10.13
N ASP C 157 -31.84 -13.97 -11.28
CA ASP C 157 -30.39 -14.21 -11.43
C ASP C 157 -29.58 -12.95 -11.81
N MET C 158 -29.77 -11.84 -11.09
CA MET C 158 -29.12 -10.56 -11.41
C MET C 158 -27.61 -10.57 -11.16
N PHE C 159 -26.86 -9.82 -11.99
CA PHE C 159 -25.42 -9.58 -11.80
C PHE C 159 -25.11 -8.14 -12.19
N PHE C 160 -23.95 -7.64 -11.72
CA PHE C 160 -23.53 -6.25 -11.92
C PHE C 160 -22.58 -6.18 -13.12
N VAL C 161 -23.00 -5.49 -14.19
CA VAL C 161 -22.22 -5.44 -15.43
C VAL C 161 -21.01 -4.52 -15.26
N HIS C 162 -19.87 -4.93 -15.83
CA HIS C 162 -18.60 -4.21 -15.83
C HIS C 162 -18.03 -4.03 -14.41
N SER C 163 -18.33 -4.95 -13.49
CA SER C 163 -17.81 -4.88 -12.11
C SER C 163 -16.47 -5.61 -11.98
N LYS C 164 -15.60 -5.06 -11.12
CA LYS C 164 -14.28 -5.65 -10.88
C LYS C 164 -14.33 -6.72 -9.78
N ARG C 165 -15.09 -6.49 -8.71
CA ARG C 165 -15.29 -7.46 -7.61
C ARG C 165 -16.53 -7.05 -6.81
N SER C 166 -17.08 -8.00 -6.03
CA SER C 166 -18.24 -7.75 -5.16
C SER C 166 -18.44 -8.89 -4.15
N PHE C 167 -19.22 -8.63 -3.08
CA PHE C 167 -19.57 -9.65 -2.09
C PHE C 167 -20.83 -9.30 -1.31
N ILE C 168 -21.47 -10.35 -0.74
CA ILE C 168 -22.69 -10.24 0.07
C ILE C 168 -22.32 -10.40 1.57
N HIS C 169 -22.85 -9.54 2.43
CA HIS C 169 -22.46 -9.51 3.84
C HIS C 169 -22.97 -10.73 4.63
N ASP C 170 -22.16 -11.23 5.61
CA ASP C 170 -22.55 -12.44 6.34
C ASP C 170 -22.27 -12.43 7.86
N THR C 171 -22.46 -11.30 8.54
CA THR C 171 -22.27 -11.23 9.99
C THR C 171 -23.43 -10.46 10.62
N THR C 172 -24.08 -11.03 11.65
CA THR C 172 -23.77 -12.28 12.34
C THR C 172 -24.22 -13.55 11.57
N THR C 173 -25.02 -13.36 10.52
CA THR C 173 -25.38 -14.40 9.56
C THR C 173 -25.64 -13.71 8.21
N ASP C 174 -25.97 -14.51 7.18
CA ASP C 174 -26.17 -14.01 5.82
C ASP C 174 -27.24 -12.92 5.79
N ASN C 175 -26.88 -11.75 5.27
CA ASN C 175 -27.82 -10.62 5.22
C ASN C 175 -28.72 -10.73 3.98
N VAL C 176 -29.64 -11.71 4.06
CA VAL C 176 -30.55 -12.12 2.99
C VAL C 176 -31.91 -12.44 3.61
N MET C 177 -33.01 -12.05 2.94
CA MET C 177 -34.36 -12.27 3.46
C MET C 177 -35.38 -12.54 2.35
N LEU C 178 -36.34 -13.42 2.64
CA LEU C 178 -37.47 -13.75 1.78
C LEU C 178 -38.78 -13.59 2.54
N ARG C 179 -39.73 -12.82 1.98
CA ARG C 179 -41.05 -12.63 2.57
C ARG C 179 -42.09 -13.09 1.55
N VAL C 180 -42.99 -13.99 1.98
CA VAL C 180 -43.92 -14.66 1.08
C VAL C 180 -45.36 -14.42 1.54
N GLN C 181 -46.26 -14.02 0.57
CA GLN C 181 -47.66 -13.74 0.92
C GLN C 181 -48.50 -14.98 0.67
N PRO C 182 -49.67 -15.09 1.29
CA PRO C 182 -50.51 -16.26 1.02
C PRO C 182 -50.89 -16.42 -0.44
N ASP C 183 -50.97 -15.35 -1.21
CA ASP C 183 -51.26 -15.32 -2.65
C ASP C 183 -50.10 -15.81 -3.51
N GLY C 184 -48.92 -16.01 -2.94
CA GLY C 184 -47.74 -16.38 -3.72
C GLY C 184 -46.90 -15.24 -4.25
N LYS C 185 -47.12 -14.00 -3.79
CA LYS C 185 -46.21 -12.89 -4.07
C LYS C 185 -44.98 -12.97 -3.17
N VAL C 186 -43.81 -12.62 -3.72
CA VAL C 186 -42.54 -12.76 -3.03
C VAL C 186 -41.76 -11.45 -3.03
N LEU C 187 -41.14 -11.10 -1.90
CA LEU C 187 -40.11 -10.08 -1.80
C LEU C 187 -38.79 -10.74 -1.43
N TYR C 188 -37.72 -10.42 -2.18
CA TYR C 188 -36.39 -11.01 -2.00
C TYR C 188 -35.39 -9.87 -1.83
N SER C 189 -34.64 -9.87 -0.73
CA SER C 189 -33.87 -8.70 -0.30
C SER C 189 -32.47 -9.08 0.18
N LEU C 190 -31.45 -8.29 -0.18
CA LEU C 190 -30.06 -8.55 0.23
C LEU C 190 -29.23 -7.27 0.25
N ARG C 191 -28.14 -7.30 1.05
CA ARG C 191 -27.20 -6.19 1.25
C ARG C 191 -25.83 -6.57 0.67
N VAL C 192 -25.22 -5.68 -0.13
CA VAL C 192 -24.10 -6.04 -1.00
C VAL C 192 -23.15 -4.86 -1.21
N THR C 193 -21.84 -5.16 -1.38
CA THR C 193 -20.79 -4.19 -1.74
C THR C 193 -20.17 -4.55 -3.10
N VAL C 194 -20.00 -3.53 -3.97
CA VAL C 194 -19.52 -3.73 -5.34
C VAL C 194 -18.50 -2.65 -5.72
N THR C 195 -17.47 -3.05 -6.49
CA THR C 195 -16.50 -2.15 -7.11
C THR C 195 -16.66 -2.20 -8.64
N ALA C 196 -16.82 -1.03 -9.27
CA ALA C 196 -17.19 -0.91 -10.67
C ALA C 196 -16.30 0.09 -11.40
N MET C 197 -16.13 -0.11 -12.72
CA MET C 197 -15.19 0.71 -13.48
C MET C 197 -15.87 1.98 -13.95
N CYS C 198 -15.11 3.06 -14.02
CA CYS C 198 -15.64 4.34 -14.51
C CYS C 198 -14.49 5.04 -15.24
N ASN C 199 -14.58 5.05 -16.57
CA ASN C 199 -13.50 5.60 -17.40
C ASN C 199 -13.41 7.13 -17.25
N MET C 200 -12.21 7.66 -16.94
CA MET C 200 -12.04 9.07 -16.62
C MET C 200 -11.08 9.77 -17.60
N ASP C 201 -11.33 11.05 -17.89
CA ASP C 201 -10.47 11.89 -18.74
C ASP C 201 -10.00 13.08 -17.90
N PHE C 202 -8.68 13.28 -17.83
CA PHE C 202 -8.08 14.26 -16.95
C PHE C 202 -7.44 15.42 -17.72
N SER C 203 -7.79 15.58 -19.00
CA SER C 203 -7.13 16.57 -19.84
C SER C 203 -7.32 17.99 -19.31
N ARG C 204 -8.48 18.26 -18.73
CA ARG C 204 -8.81 19.59 -18.22
C ARG C 204 -8.49 19.77 -16.73
N PHE C 205 -7.82 18.79 -16.09
CA PHE C 205 -7.53 18.84 -14.68
C PHE C 205 -6.81 20.13 -14.29
N PRO C 206 -7.20 20.79 -13.18
CA PRO C 206 -8.22 20.40 -12.19
C PRO C 206 -9.65 20.85 -12.49
N LEU C 207 -9.93 21.30 -13.70
CA LEU C 207 -11.26 21.80 -14.02
C LEU C 207 -12.12 20.73 -14.71
N ASP C 208 -11.83 19.45 -14.46
CA ASP C 208 -12.55 18.35 -15.09
C ASP C 208 -13.85 18.03 -14.35
N THR C 209 -14.77 17.37 -15.07
CA THR C 209 -16.02 16.85 -14.54
C THR C 209 -16.18 15.40 -15.02
N GLN C 210 -16.53 14.49 -14.11
CA GLN C 210 -16.65 13.07 -14.42
C GLN C 210 -18.07 12.58 -14.18
N THR C 211 -18.56 11.69 -15.06
CA THR C 211 -19.85 11.01 -14.89
C THR C 211 -19.66 9.49 -14.83
N CYS C 212 -20.34 8.84 -13.88
CA CYS C 212 -20.20 7.42 -13.60
C CYS C 212 -21.58 6.77 -13.47
N SER C 213 -21.62 5.43 -13.64
CA SER C 213 -22.88 4.67 -13.54
C SER C 213 -22.63 3.22 -13.13
N LEU C 214 -23.69 2.64 -12.53
CA LEU C 214 -23.74 1.23 -12.11
C LEU C 214 -24.87 0.53 -12.87
N GLU C 215 -24.62 -0.72 -13.31
CA GLU C 215 -25.47 -1.41 -14.29
C GLU C 215 -25.89 -2.80 -13.80
N ILE C 216 -27.17 -3.15 -14.05
CA ILE C 216 -27.80 -4.37 -13.52
C ILE C 216 -28.50 -5.15 -14.64
N GLU C 217 -28.33 -6.48 -14.66
CA GLU C 217 -28.79 -7.35 -15.75
C GLU C 217 -28.93 -8.82 -15.29
N SER C 218 -29.79 -9.56 -16.01
CA SER C 218 -29.94 -11.01 -15.80
C SER C 218 -28.83 -11.77 -16.51
N TYR C 219 -28.26 -12.78 -15.83
CA TYR C 219 -27.13 -13.50 -16.43
C TYR C 219 -27.58 -14.49 -17.49
N ALA C 220 -28.75 -15.13 -17.33
CA ALA C 220 -29.12 -16.22 -18.21
C ALA C 220 -30.41 -16.07 -19.02
N TYR C 221 -31.28 -15.09 -18.73
CA TYR C 221 -32.61 -15.02 -19.36
C TYR C 221 -32.71 -13.79 -20.26
N THR C 222 -33.06 -14.01 -21.54
CA THR C 222 -33.41 -12.93 -22.46
C THR C 222 -34.83 -12.44 -22.18
N GLU C 223 -35.20 -11.38 -22.90
CA GLU C 223 -36.49 -10.70 -22.69
C GLU C 223 -37.67 -11.58 -23.11
N ASP C 224 -37.41 -12.69 -23.79
CA ASP C 224 -38.45 -13.67 -24.11
C ASP C 224 -38.90 -14.48 -22.90
N ASP C 225 -38.10 -14.53 -21.83
CA ASP C 225 -38.39 -15.32 -20.65
C ASP C 225 -38.53 -14.49 -19.38
N LEU C 226 -37.80 -13.39 -19.25
CA LEU C 226 -37.83 -12.54 -18.05
C LEU C 226 -37.83 -11.08 -18.48
N MET C 227 -38.73 -10.27 -17.90
CA MET C 227 -38.83 -8.85 -18.22
C MET C 227 -38.49 -8.03 -16.97
N LEU C 228 -37.41 -7.24 -17.04
CA LEU C 228 -36.82 -6.56 -15.90
C LEU C 228 -37.09 -5.05 -15.96
N TYR C 229 -37.56 -4.47 -14.84
CA TYR C 229 -37.96 -3.06 -14.86
C TYR C 229 -37.88 -2.42 -13.46
N TRP C 230 -37.77 -1.07 -13.45
CA TRP C 230 -37.80 -0.29 -12.21
C TRP C 230 -39.23 -0.22 -11.66
N LYS C 231 -39.44 -0.62 -10.41
CA LYS C 231 -40.81 -0.86 -9.95
C LYS C 231 -41.66 0.42 -9.87
N LYS C 232 -41.03 1.59 -9.61
CA LYS C 232 -41.78 2.82 -9.41
C LYS C 232 -41.21 3.97 -10.23
N GLY C 233 -40.52 3.69 -11.33
CA GLY C 233 -39.92 4.80 -12.04
C GLY C 233 -38.73 5.34 -11.26
N ASN C 234 -38.48 6.64 -11.40
CA ASN C 234 -37.38 7.23 -10.66
C ASN C 234 -37.58 7.21 -9.16
N ASP C 235 -38.79 6.91 -8.69
CA ASP C 235 -39.04 6.81 -7.25
C ASP C 235 -38.44 5.51 -6.69
N SER C 236 -37.91 4.63 -7.56
CA SER C 236 -37.33 3.35 -7.17
C SER C 236 -35.94 3.48 -6.56
N LEU C 237 -35.34 4.67 -6.58
CA LEU C 237 -33.96 4.86 -6.13
C LEU C 237 -33.97 5.80 -4.93
N LYS C 238 -33.34 5.36 -3.84
CA LYS C 238 -33.14 6.19 -2.65
C LYS C 238 -31.65 6.23 -2.31
N THR C 239 -31.21 7.36 -1.74
CA THR C 239 -29.81 7.58 -1.38
C THR C 239 -29.70 8.18 0.03
N ASP C 240 -28.70 7.71 0.78
CA ASP C 240 -28.52 8.04 2.19
C ASP C 240 -28.29 9.53 2.39
N GLU C 241 -28.89 10.09 3.45
CA GLU C 241 -28.84 11.54 3.67
C GLU C 241 -27.44 12.04 4.05
N ARG C 242 -26.51 11.16 4.39
CA ARG C 242 -25.18 11.57 4.81
C ARG C 242 -24.08 11.11 3.84
N ILE C 243 -24.41 10.97 2.55
CA ILE C 243 -23.47 10.37 1.60
C ILE C 243 -22.50 11.44 1.13
N SER C 244 -21.19 11.10 1.14
CA SER C 244 -20.15 12.07 0.81
C SER C 244 -18.82 11.37 0.50
N LEU C 245 -17.90 12.15 -0.09
CA LEU C 245 -16.53 11.74 -0.38
C LEU C 245 -15.56 12.80 0.12
N SER C 246 -14.34 12.38 0.47
CA SER C 246 -13.37 13.32 1.04
C SER C 246 -12.82 14.28 -0.02
N GLN C 247 -12.85 13.89 -1.30
CA GLN C 247 -12.10 14.58 -2.34
C GLN C 247 -13.00 15.11 -3.47
N PHE C 248 -14.32 14.88 -3.42
CA PHE C 248 -15.22 15.24 -4.51
C PHE C 248 -16.56 15.75 -3.97
N LEU C 249 -17.27 16.51 -4.82
CA LEU C 249 -18.68 16.85 -4.64
C LEU C 249 -19.53 15.95 -5.54
N ILE C 250 -20.57 15.34 -4.98
CA ILE C 250 -21.42 14.37 -5.68
C ILE C 250 -22.79 15.00 -5.93
N GLN C 251 -23.36 14.80 -7.14
CA GLN C 251 -24.65 15.38 -7.48
C GLN C 251 -25.35 14.62 -8.61
N GLU C 252 -26.68 14.82 -8.67
CA GLU C 252 -27.55 14.44 -9.81
C GLU C 252 -27.70 12.92 -10.00
N PHE C 253 -28.14 12.23 -8.92
CA PHE C 253 -28.50 10.80 -8.97
C PHE C 253 -29.82 10.63 -9.74
N HIS C 254 -29.85 9.73 -10.75
CA HIS C 254 -31.07 9.45 -11.51
C HIS C 254 -30.96 8.09 -12.21
N THR C 255 -32.12 7.52 -12.63
CA THR C 255 -32.19 6.18 -13.22
C THR C 255 -32.57 6.19 -14.71
N THR C 256 -32.05 5.20 -15.48
CA THR C 256 -32.39 4.97 -16.89
C THR C 256 -32.40 3.46 -17.20
N THR C 257 -32.88 3.08 -18.41
CA THR C 257 -32.87 1.70 -18.89
C THR C 257 -32.51 1.65 -20.39
N LYS C 258 -32.00 0.50 -20.85
CA LYS C 258 -31.64 0.33 -22.26
C LYS C 258 -31.58 -1.16 -22.63
N LEU C 259 -31.92 -1.46 -23.89
CA LEU C 259 -31.87 -2.83 -24.43
C LEU C 259 -30.48 -3.13 -25.00
N ALA C 260 -29.98 -4.35 -24.75
CA ALA C 260 -28.63 -4.74 -25.18
C ALA C 260 -28.68 -6.10 -25.86
N PHE C 261 -27.71 -6.36 -26.76
CA PHE C 261 -27.74 -7.53 -27.64
C PHE C 261 -26.44 -8.33 -27.58
N TYR C 262 -26.57 -9.66 -27.49
CA TYR C 262 -25.43 -10.59 -27.54
C TYR C 262 -25.72 -11.65 -28.60
N SER C 263 -24.81 -11.82 -29.55
CA SER C 263 -25.13 -12.63 -30.74
C SER C 263 -25.30 -14.11 -30.43
N SER C 264 -24.70 -14.60 -29.35
CA SER C 264 -24.85 -15.99 -28.94
C SER C 264 -26.17 -16.30 -28.26
N THR C 265 -26.92 -15.29 -27.82
CA THR C 265 -28.14 -15.53 -27.04
C THR C 265 -29.35 -14.67 -27.40
N GLY C 266 -29.15 -13.38 -27.62
CA GLY C 266 -30.25 -12.50 -27.96
C GLY C 266 -30.32 -11.18 -27.20
N TRP C 267 -31.53 -10.67 -26.92
CA TRP C 267 -31.74 -9.33 -26.38
C TRP C 267 -32.07 -9.35 -24.88
N TYR C 268 -31.55 -8.36 -24.14
CA TYR C 268 -31.70 -8.22 -22.68
C TYR C 268 -32.00 -6.76 -22.33
N ASN C 269 -32.80 -6.54 -21.28
CA ASN C 269 -32.98 -5.18 -20.75
C ASN C 269 -32.05 -4.92 -19.58
N ARG C 270 -31.46 -3.71 -19.54
CA ARG C 270 -30.46 -3.35 -18.54
C ARG C 270 -30.91 -2.08 -17.79
N LEU C 271 -30.66 -2.06 -16.46
CA LEU C 271 -30.99 -0.90 -15.61
C LEU C 271 -29.72 -0.14 -15.23
N TYR C 272 -29.84 1.20 -15.16
CA TYR C 272 -28.72 2.10 -14.87
C TYR C 272 -29.04 3.04 -13.70
N ILE C 273 -28.02 3.26 -12.85
CA ILE C 273 -27.95 4.34 -11.86
C ILE C 273 -26.81 5.28 -12.25
N ASN C 274 -27.09 6.59 -12.37
CA ASN C 274 -26.18 7.60 -12.93
C ASN C 274 -25.84 8.70 -11.90
N PHE C 275 -24.60 9.21 -11.90
CA PHE C 275 -24.22 10.33 -11.03
C PHE C 275 -23.00 11.10 -11.56
N THR C 276 -22.77 12.31 -11.02
CA THR C 276 -21.73 13.26 -11.48
C THR C 276 -20.78 13.71 -10.34
N LEU C 277 -19.49 13.90 -10.67
CA LEU C 277 -18.43 14.26 -9.71
C LEU C 277 -17.74 15.57 -10.10
N ARG C 278 -17.41 16.43 -9.11
CA ARG C 278 -16.70 17.70 -9.34
C ARG C 278 -15.74 17.99 -8.18
N ARG C 279 -14.73 18.86 -8.43
CA ARG C 279 -13.68 19.19 -7.46
C ARG C 279 -13.90 20.57 -6.81
N HIS C 280 -13.17 20.79 -5.71
CA HIS C 280 -13.09 22.08 -4.99
C HIS C 280 -12.07 23.02 -5.68
N ILE C 281 -12.52 23.96 -6.52
CA ILE C 281 -11.58 24.64 -7.44
C ILE C 281 -10.61 25.56 -6.70
N PHE C 282 -11.07 26.28 -5.67
CA PHE C 282 -10.22 27.30 -5.05
C PHE C 282 -9.04 26.70 -4.27
N PHE C 283 -9.15 25.44 -3.85
CA PHE C 283 -8.03 24.76 -3.21
C PHE C 283 -6.86 24.62 -4.18
N PHE C 284 -7.16 24.24 -5.42
CA PHE C 284 -6.11 24.02 -6.40
C PHE C 284 -5.55 25.35 -6.90
N LEU C 285 -6.40 26.36 -7.04
CA LEU C 285 -5.89 27.68 -7.40
C LEU C 285 -4.86 28.16 -6.37
N LEU C 286 -5.21 28.05 -5.07
CA LEU C 286 -4.32 28.54 -4.00
C LEU C 286 -3.01 27.76 -3.95
N GLN C 287 -3.05 26.44 -4.15
CA GLN C 287 -1.86 25.62 -3.95
C GLN C 287 -0.96 25.56 -5.19
N THR C 288 -1.46 25.92 -6.39
CA THR C 288 -0.74 25.65 -7.63
C THR C 288 -0.56 26.90 -8.48
N TYR C 289 -1.62 27.60 -8.82
CA TYR C 289 -1.51 28.75 -9.75
C TYR C 289 -0.96 30.02 -9.10
N PHE C 290 -1.30 30.28 -7.84
CA PHE C 290 -0.90 31.48 -7.13
C PHE C 290 0.61 31.56 -6.90
N PRO C 291 1.30 30.51 -6.46
CA PRO C 291 2.77 30.64 -6.28
C PRO C 291 3.53 30.91 -7.57
N ALA C 292 3.12 30.26 -8.67
CA ALA C 292 3.83 30.43 -9.92
C ALA C 292 3.68 31.87 -10.43
N THR C 293 2.53 32.46 -10.20
CA THR C 293 2.28 33.84 -10.61
C THR C 293 3.12 34.82 -9.79
N LEU C 294 3.24 34.57 -8.48
CA LEU C 294 4.08 35.43 -7.66
C LEU C 294 5.55 35.37 -8.07
N MET C 295 6.04 34.19 -8.46
CA MET C 295 7.45 34.11 -8.85
C MET C 295 7.71 34.81 -10.19
N VAL C 296 6.76 34.74 -11.11
CA VAL C 296 6.91 35.51 -12.35
C VAL C 296 7.02 37.00 -12.05
N MET C 297 6.21 37.48 -11.10
CA MET C 297 6.26 38.91 -10.78
C MET C 297 7.57 39.31 -10.10
N LEU C 298 8.12 38.42 -9.26
CA LEU C 298 9.42 38.74 -8.67
C LEU C 298 10.53 38.83 -9.72
N SER C 299 10.42 38.05 -10.83
CA SER C 299 11.48 38.13 -11.84
C SER C 299 11.54 39.50 -12.52
N TRP C 300 10.42 40.25 -12.51
CA TRP C 300 10.30 41.57 -13.14
C TRP C 300 10.97 42.67 -12.32
N VAL C 301 11.16 42.45 -11.02
CA VAL C 301 11.80 43.45 -10.14
C VAL C 301 13.19 43.79 -10.61
N SER C 302 13.84 42.86 -11.32
CA SER C 302 15.21 43.06 -11.78
C SER C 302 15.35 44.24 -12.75
N PHE C 303 14.32 44.52 -13.54
CA PHE C 303 14.37 45.59 -14.54
C PHE C 303 14.45 46.98 -13.90
N TRP C 304 14.32 47.09 -12.58
CA TRP C 304 14.29 48.36 -11.84
C TRP C 304 15.52 48.56 -10.95
N ILE C 305 16.50 47.67 -11.05
CA ILE C 305 17.77 47.67 -10.32
C ILE C 305 18.87 48.12 -11.28
N ASP C 306 19.79 48.94 -10.78
CA ASP C 306 20.88 49.56 -11.55
C ASP C 306 21.75 48.52 -12.26
N ARG C 307 21.99 48.75 -13.56
CA ARG C 307 22.72 47.76 -14.36
C ARG C 307 24.19 47.65 -13.95
N ARG C 308 24.70 48.59 -13.15
CA ARG C 308 26.09 48.56 -12.74
C ARG C 308 26.32 47.56 -11.61
N ALA C 309 25.24 47.13 -10.94
CA ALA C 309 25.38 46.22 -9.81
C ALA C 309 25.37 44.75 -10.23
N VAL C 310 26.49 44.33 -10.86
CA VAL C 310 26.56 42.96 -11.40
C VAL C 310 26.40 41.93 -10.29
N PRO C 311 27.05 42.06 -9.13
CA PRO C 311 26.88 41.04 -8.08
C PRO C 311 25.52 41.09 -7.41
N ALA C 312 24.65 42.04 -7.75
CA ALA C 312 23.27 41.95 -7.32
C ALA C 312 22.34 41.39 -8.40
N ARG C 313 22.52 41.84 -9.66
CA ARG C 313 21.60 41.43 -10.72
C ARG C 313 21.78 39.94 -11.05
N VAL C 314 23.00 39.42 -10.92
CA VAL C 314 23.23 38.04 -11.40
C VAL C 314 22.70 37.01 -10.40
N PRO C 315 22.90 37.13 -9.09
CA PRO C 315 22.37 36.07 -8.20
C PRO C 315 20.84 36.04 -8.11
N LEU C 316 20.17 37.17 -8.35
CA LEU C 316 18.72 37.24 -8.22
C LEU C 316 18.03 36.36 -9.25
N GLY C 317 18.49 36.41 -10.49
CA GLY C 317 17.95 35.59 -11.56
C GLY C 317 18.04 34.10 -11.36
N ILE C 318 19.26 33.62 -11.08
CA ILE C 318 19.47 32.18 -10.97
C ILE C 318 18.79 31.64 -9.72
N THR C 319 18.68 32.44 -8.64
CA THR C 319 17.93 31.95 -7.49
C THR C 319 16.42 31.93 -7.75
N THR C 320 15.91 32.83 -8.59
CA THR C 320 14.50 32.73 -8.98
C THR C 320 14.24 31.47 -9.82
N VAL C 321 15.18 31.11 -10.69
CA VAL C 321 15.03 29.88 -11.47
C VAL C 321 14.99 28.65 -10.56
N LEU C 322 15.88 28.62 -9.56
CA LEU C 322 15.88 27.51 -8.59
C LEU C 322 14.56 27.41 -7.84
N THR C 323 13.98 28.56 -7.45
CA THR C 323 12.75 28.53 -6.67
C THR C 323 11.57 28.02 -7.50
N MET C 324 11.49 28.45 -8.77
CA MET C 324 10.42 27.93 -9.62
C MET C 324 10.57 26.43 -9.84
N SER C 325 11.82 25.96 -9.94
CA SER C 325 12.08 24.54 -10.17
C SER C 325 11.61 23.67 -8.99
N THR C 326 11.91 24.10 -7.75
CA THR C 326 11.45 23.30 -6.61
C THR C 326 9.92 23.30 -6.49
N ILE C 327 9.27 24.41 -6.86
CA ILE C 327 7.80 24.42 -6.82
C ILE C 327 7.22 23.37 -7.77
N ILE C 328 7.75 23.33 -9.00
CA ILE C 328 7.18 22.41 -10.00
C ILE C 328 7.44 20.96 -9.61
N THR C 329 8.61 20.70 -8.99
CA THR C 329 8.90 19.34 -8.55
C THR C 329 7.94 18.86 -7.46
N GLY C 330 7.57 19.77 -6.54
CA GLY C 330 6.66 19.36 -5.46
C GLY C 330 5.27 19.08 -5.98
N VAL C 331 4.82 19.87 -6.95
CA VAL C 331 3.49 19.64 -7.51
C VAL C 331 3.46 18.28 -8.22
N ASN C 332 4.53 17.97 -8.96
CA ASN C 332 4.56 16.71 -9.71
C ASN C 332 4.58 15.52 -8.75
N ALA C 333 5.29 15.65 -7.63
CA ALA C 333 5.34 14.56 -6.66
C ALA C 333 4.02 14.35 -5.97
N SER C 334 3.14 15.35 -5.94
CA SER C 334 1.89 15.23 -5.18
C SER C 334 0.70 14.69 -5.99
N MET C 335 0.77 14.74 -7.31
CA MET C 335 -0.34 14.47 -8.22
C MET C 335 -0.51 12.98 -8.54
N PRO C 336 -1.72 12.54 -8.91
CA PRO C 336 -1.90 11.13 -9.30
C PRO C 336 -1.13 10.82 -10.58
N ARG C 337 -0.72 9.56 -10.72
CA ARG C 337 0.29 9.16 -11.70
C ARG C 337 -0.27 8.94 -13.11
N VAL C 338 -0.88 9.99 -13.67
CA VAL C 338 -1.53 9.94 -14.98
C VAL C 338 -0.57 10.54 -15.99
N SER C 339 0.05 9.69 -16.83
CA SER C 339 1.17 10.09 -17.66
C SER C 339 0.76 10.63 -19.04
N TYR C 340 -0.03 11.70 -19.07
CA TYR C 340 -0.28 12.53 -20.25
C TYR C 340 -0.51 13.97 -19.80
N ILE C 341 -0.49 14.89 -20.78
CA ILE C 341 -0.39 16.32 -20.49
C ILE C 341 -1.74 16.88 -20.06
N LYS C 342 -1.75 17.69 -19.00
CA LYS C 342 -2.96 18.21 -18.37
C LYS C 342 -2.91 19.75 -18.31
N ALA C 343 -4.09 20.37 -18.16
CA ALA C 343 -4.20 21.83 -18.28
C ALA C 343 -3.28 22.59 -17.33
N VAL C 344 -3.00 22.03 -16.15
CA VAL C 344 -2.16 22.68 -15.14
C VAL C 344 -0.67 22.55 -15.49
N ASP C 345 -0.30 21.49 -16.21
CA ASP C 345 1.05 21.33 -16.73
C ASP C 345 1.45 22.49 -17.64
N ILE C 346 0.51 22.92 -18.49
CA ILE C 346 0.79 23.92 -19.51
C ILE C 346 1.11 25.25 -18.85
N TYR C 347 0.36 25.56 -17.79
CA TYR C 347 0.50 26.84 -17.08
C TYR C 347 1.85 26.89 -16.38
N LEU C 348 2.24 25.77 -15.74
CA LEU C 348 3.52 25.80 -15.02
C LEU C 348 4.72 25.91 -15.98
N TRP C 349 4.71 25.19 -17.12
CA TRP C 349 5.92 25.26 -17.95
C TRP C 349 6.01 26.58 -18.73
N VAL C 350 4.87 27.21 -19.03
CA VAL C 350 4.94 28.56 -19.61
C VAL C 350 5.51 29.56 -18.60
N SER C 351 5.13 29.46 -17.32
CA SER C 351 5.70 30.37 -16.33
C SER C 351 7.21 30.15 -16.17
N PHE C 352 7.65 28.89 -16.28
CA PHE C 352 9.10 28.62 -16.20
C PHE C 352 9.86 29.32 -17.34
N VAL C 353 9.28 29.32 -18.54
CA VAL C 353 9.96 29.95 -19.67
C VAL C 353 10.06 31.47 -19.50
N PHE C 354 9.00 32.10 -18.95
CA PHE C 354 9.08 33.54 -18.68
C PHE C 354 10.26 33.87 -17.75
N VAL C 355 10.44 33.06 -16.70
CA VAL C 355 11.54 33.37 -15.78
C VAL C 355 12.91 33.17 -16.44
N PHE C 356 13.05 32.16 -17.30
CA PHE C 356 14.32 31.90 -18.01
C PHE C 356 14.70 33.06 -18.92
N LEU C 357 13.69 33.61 -19.61
CA LEU C 357 13.95 34.70 -20.54
C LEU C 357 14.37 35.98 -19.81
N SER C 358 13.91 36.16 -18.56
CA SER C 358 14.40 37.34 -17.82
C SER C 358 15.89 37.25 -17.49
N VAL C 359 16.46 36.05 -17.43
CA VAL C 359 17.89 35.88 -17.18
C VAL C 359 18.70 36.15 -18.44
N LEU C 360 18.15 35.80 -19.60
CA LEU C 360 18.85 36.17 -20.84
C LEU C 360 18.86 37.69 -21.10
N GLU C 361 17.83 38.41 -20.63
CA GLU C 361 17.76 39.87 -20.85
C GLU C 361 18.96 40.61 -20.25
N TYR C 362 19.34 40.28 -19.02
CA TYR C 362 20.44 41.03 -18.40
C TYR C 362 21.79 40.64 -18.97
N ALA C 363 21.93 39.39 -19.43
CA ALA C 363 23.18 38.99 -20.09
C ALA C 363 23.43 39.85 -21.31
N ALA C 364 22.37 40.14 -22.07
CA ALA C 364 22.53 41.04 -23.20
C ALA C 364 22.94 42.45 -22.76
N VAL C 365 22.24 42.98 -21.74
CA VAL C 365 22.53 44.36 -21.29
C VAL C 365 23.97 44.49 -20.81
N ASN C 366 24.45 43.53 -20.02
CA ASN C 366 25.79 43.57 -19.45
C ASN C 366 26.85 43.46 -20.53
N TYR C 367 26.62 42.58 -21.52
CA TYR C 367 27.59 42.41 -22.59
C TYR C 367 27.73 43.69 -23.41
N LEU C 368 26.60 44.29 -23.81
CA LEU C 368 26.67 45.49 -24.67
C LEU C 368 27.23 46.68 -23.90
N THR C 369 26.91 46.77 -22.60
CA THR C 369 27.50 47.82 -21.77
C THR C 369 29.03 47.70 -21.73
N THR C 370 29.52 46.46 -21.63
CA THR C 370 30.95 46.21 -21.55
C THR C 370 31.63 46.54 -22.87
N VAL C 371 30.96 46.22 -23.98
CA VAL C 371 31.50 46.51 -25.32
C VAL C 371 31.62 48.01 -25.52
N GLN C 372 30.63 48.78 -25.05
CA GLN C 372 30.73 50.23 -25.22
C GLN C 372 31.83 50.82 -24.35
N GLU C 373 31.98 50.32 -23.12
CA GLU C 373 33.03 50.80 -22.23
C GLU C 373 34.41 50.52 -22.82
N ARG C 374 34.54 49.41 -23.54
CA ARG C 374 35.81 49.07 -24.17
C ARG C 374 36.09 49.94 -25.38
N LYS C 375 35.04 50.20 -26.18
CA LYS C 375 35.16 51.01 -27.38
C LYS C 375 35.46 52.47 -27.03
N GLU C 376 34.77 53.01 -26.03
CA GLU C 376 34.93 54.40 -25.67
C GLU C 376 36.24 54.67 -24.94
N GLN C 377 36.76 53.67 -24.24
CA GLN C 377 38.12 53.71 -23.69
C GLN C 377 39.12 53.48 -24.82
N ASP C 451 22.60 56.29 -16.60
CA ASP C 451 21.32 56.24 -17.29
C ASP C 451 20.88 54.80 -17.62
N THR C 452 19.56 54.61 -17.75
CA THR C 452 18.96 53.32 -18.05
C THR C 452 19.14 52.92 -19.52
N HIS C 453 19.43 51.63 -19.74
CA HIS C 453 19.60 51.08 -21.09
C HIS C 453 18.23 50.82 -21.72
N ALA C 454 18.18 50.94 -23.06
CA ALA C 454 16.90 50.84 -23.75
C ALA C 454 16.25 49.48 -23.56
N ILE C 455 17.06 48.43 -23.40
CA ILE C 455 16.46 47.10 -23.25
C ILE C 455 15.67 47.00 -21.95
N ASP C 456 16.16 47.63 -20.85
CA ASP C 456 15.38 47.61 -19.61
C ASP C 456 14.10 48.41 -19.76
N LYS C 457 14.19 49.57 -20.41
CA LYS C 457 13.02 50.43 -20.62
C LYS C 457 11.92 49.67 -21.31
N TYR C 458 12.28 48.87 -22.33
CA TYR C 458 11.23 48.17 -23.06
C TYR C 458 10.73 46.97 -22.29
N SER C 459 11.62 46.28 -21.55
CA SER C 459 11.22 45.08 -20.83
C SER C 459 10.20 45.39 -19.75
N ARG C 460 10.31 46.58 -19.14
CA ARG C 460 9.41 47.01 -18.07
C ARG C 460 7.96 47.05 -18.55
N ILE C 461 7.75 47.17 -19.85
CA ILE C 461 6.43 47.24 -20.45
C ILE C 461 6.04 45.91 -21.07
N ILE C 462 6.99 45.29 -21.77
CA ILE C 462 6.65 44.18 -22.67
C ILE C 462 6.44 42.89 -21.89
N PHE C 463 7.23 42.62 -20.83
CA PHE C 463 7.03 41.35 -20.13
C PHE C 463 5.66 41.25 -19.47
N PRO C 464 5.18 42.26 -18.72
CA PRO C 464 3.82 42.17 -18.16
C PRO C 464 2.71 42.07 -19.20
N ALA C 465 2.78 42.81 -20.30
CA ALA C 465 1.75 42.79 -21.32
C ALA C 465 1.60 41.41 -21.94
N ALA C 466 2.75 40.75 -22.17
CA ALA C 466 2.72 39.43 -22.77
C ALA C 466 2.10 38.41 -21.83
N TYR C 467 2.41 38.52 -20.53
CA TYR C 467 1.85 37.55 -19.58
C TYR C 467 0.34 37.75 -19.41
N ILE C 468 -0.13 39.02 -19.46
CA ILE C 468 -1.57 39.27 -19.42
C ILE C 468 -2.26 38.65 -20.64
N LEU C 469 -1.65 38.80 -21.82
CA LEU C 469 -2.22 38.24 -23.05
C LEU C 469 -2.32 36.72 -22.97
N PHE C 470 -1.28 36.07 -22.43
CA PHE C 470 -1.29 34.62 -22.23
C PHE C 470 -2.44 34.20 -21.35
N ASN C 471 -2.63 34.92 -20.21
CA ASN C 471 -3.70 34.53 -19.29
C ASN C 471 -5.08 34.67 -19.91
N LEU C 472 -5.30 35.74 -20.69
CA LEU C 472 -6.60 35.92 -21.33
C LEU C 472 -6.91 34.76 -22.29
N ILE C 473 -5.91 34.35 -23.08
CA ILE C 473 -6.13 33.24 -24.01
C ILE C 473 -6.39 31.94 -23.25
N TYR C 474 -5.55 31.66 -22.24
CA TYR C 474 -5.63 30.40 -21.51
C TYR C 474 -6.99 30.23 -20.84
N TRP C 475 -7.48 31.27 -20.16
CA TRP C 475 -8.75 31.15 -19.47
C TRP C 475 -9.94 31.24 -20.41
N SER C 476 -9.75 31.73 -21.65
CA SER C 476 -10.82 31.57 -22.64
C SER C 476 -10.89 30.15 -23.17
N ILE C 477 -9.79 29.39 -23.07
CA ILE C 477 -9.81 28.01 -23.54
C ILE C 477 -10.36 27.05 -22.49
N PHE C 478 -9.96 27.23 -21.23
CA PHE C 478 -10.33 26.30 -20.17
C PHE C 478 -11.48 26.82 -19.31
N SER C 479 -11.88 28.07 -19.50
CA SER C 479 -13.14 28.65 -19.01
C SER C 479 -13.37 28.59 -17.50
N SER D 75 -36.94 -31.63 -14.90
CA SER D 75 -35.89 -31.34 -15.87
C SER D 75 -34.79 -32.42 -15.88
N GLU D 76 -34.02 -32.53 -14.80
CA GLU D 76 -32.88 -33.46 -14.68
C GLU D 76 -33.25 -34.94 -14.74
N GLN D 77 -34.51 -35.32 -14.96
CA GLN D 77 -34.87 -36.71 -15.21
C GLN D 77 -34.91 -37.05 -16.69
N LEU D 78 -34.97 -36.04 -17.56
CA LEU D 78 -34.90 -36.27 -19.00
C LEU D 78 -33.47 -36.56 -19.45
N LEU D 79 -32.52 -35.76 -18.99
CA LEU D 79 -31.11 -36.13 -18.96
C LEU D 79 -30.97 -37.36 -18.07
N ARG D 80 -30.27 -38.40 -18.54
CA ARG D 80 -30.22 -39.65 -17.76
C ARG D 80 -28.96 -39.67 -16.87
N ILE D 81 -29.00 -38.74 -15.89
CA ILE D 81 -27.86 -38.46 -15.03
C ILE D 81 -27.49 -39.66 -14.19
N ASP D 82 -28.50 -40.39 -13.69
CA ASP D 82 -28.25 -41.52 -12.81
C ASP D 82 -27.74 -42.76 -13.55
N ASP D 83 -27.77 -42.77 -14.88
CA ASP D 83 -27.53 -43.98 -15.66
C ASP D 83 -26.17 -44.00 -16.37
N HIS D 84 -25.39 -42.92 -16.30
CA HIS D 84 -24.13 -42.75 -17.03
C HIS D 84 -22.95 -42.36 -16.13
N ASP D 85 -21.74 -42.85 -16.47
CA ASP D 85 -20.53 -42.46 -15.72
C ASP D 85 -19.94 -41.18 -16.29
N PHE D 86 -20.25 -40.06 -15.64
CA PHE D 86 -19.75 -38.76 -16.06
C PHE D 86 -18.41 -38.40 -15.40
N SER D 87 -17.66 -39.39 -14.93
CA SER D 87 -16.25 -39.18 -14.57
C SER D 87 -15.30 -39.30 -15.75
N MET D 88 -15.80 -39.68 -16.93
CA MET D 88 -14.96 -39.88 -18.11
C MET D 88 -15.56 -39.17 -19.31
N ARG D 89 -14.68 -38.83 -20.27
CA ARG D 89 -15.01 -37.97 -21.41
C ARG D 89 -15.92 -38.68 -22.42
N PRO D 90 -16.57 -37.92 -23.31
CA PRO D 90 -17.23 -38.55 -24.46
C PRO D 90 -16.21 -39.24 -25.34
N GLY D 91 -16.57 -40.43 -25.84
CA GLY D 91 -15.76 -41.14 -26.80
C GLY D 91 -14.53 -41.83 -26.26
N PHE D 92 -14.53 -42.17 -24.97
CA PHE D 92 -13.38 -42.79 -24.30
C PHE D 92 -13.09 -44.16 -24.90
N GLY D 93 -11.79 -44.47 -25.04
CA GLY D 93 -11.26 -45.57 -25.82
C GLY D 93 -11.27 -45.39 -27.32
N GLY D 94 -11.81 -44.28 -27.82
CA GLY D 94 -11.79 -43.93 -29.23
C GLY D 94 -11.07 -42.62 -29.50
N PRO D 95 -11.34 -42.01 -30.66
CA PRO D 95 -10.72 -40.71 -30.99
C PRO D 95 -10.99 -39.57 -30.00
N ALA D 96 -10.23 -38.49 -30.12
CA ALA D 96 -10.29 -37.34 -29.22
C ALA D 96 -11.59 -36.55 -29.41
N ILE D 97 -11.99 -35.85 -28.35
CA ILE D 97 -13.17 -34.99 -28.35
C ILE D 97 -12.73 -33.61 -28.81
N PRO D 98 -13.28 -33.07 -29.90
CA PRO D 98 -12.92 -31.70 -30.30
C PRO D 98 -13.72 -30.68 -29.51
N VAL D 99 -13.04 -29.68 -28.95
CA VAL D 99 -13.67 -28.65 -28.13
C VAL D 99 -13.30 -27.28 -28.69
N GLY D 100 -14.32 -26.51 -29.11
CA GLY D 100 -14.10 -25.15 -29.63
C GLY D 100 -14.29 -24.04 -28.60
N VAL D 101 -13.62 -22.90 -28.82
CA VAL D 101 -13.54 -21.83 -27.82
C VAL D 101 -13.78 -20.45 -28.46
N ASP D 102 -14.53 -19.56 -27.76
CA ASP D 102 -14.63 -18.12 -28.03
C ASP D 102 -14.23 -17.33 -26.77
N VAL D 103 -13.75 -16.09 -26.95
CA VAL D 103 -13.44 -15.19 -25.82
C VAL D 103 -13.93 -13.77 -26.12
N GLN D 104 -14.49 -13.11 -25.08
CA GLN D 104 -14.94 -11.72 -25.16
C GLN D 104 -14.31 -10.95 -23.99
N VAL D 105 -13.41 -10.03 -24.30
CA VAL D 105 -12.68 -9.26 -23.29
C VAL D 105 -13.54 -8.09 -22.82
N GLU D 106 -13.82 -8.05 -21.52
CA GLU D 106 -14.66 -7.01 -20.94
C GLU D 106 -13.85 -5.81 -20.44
N SER D 107 -12.67 -6.01 -19.85
CA SER D 107 -11.84 -4.87 -19.43
C SER D 107 -10.42 -5.30 -19.15
N LEU D 108 -9.51 -4.33 -19.24
CA LEU D 108 -8.18 -4.40 -18.63
C LEU D 108 -8.19 -3.54 -17.38
N ASP D 109 -7.82 -4.13 -16.25
CA ASP D 109 -8.20 -3.64 -14.94
C ASP D 109 -7.05 -2.94 -14.21
N SER D 110 -5.80 -3.41 -14.36
CA SER D 110 -4.63 -2.69 -13.88
C SER D 110 -3.37 -3.31 -14.51
N ILE D 111 -2.22 -2.68 -14.25
CA ILE D 111 -0.91 -3.16 -14.71
C ILE D 111 0.17 -2.73 -13.70
N SER D 112 1.18 -3.60 -13.47
CA SER D 112 2.28 -3.30 -12.55
C SER D 112 3.64 -3.46 -13.25
N GLU D 113 4.45 -2.40 -13.22
CA GLU D 113 5.72 -2.44 -13.94
C GLU D 113 6.85 -3.05 -13.10
N VAL D 114 6.78 -2.93 -11.77
CA VAL D 114 7.82 -3.53 -10.93
C VAL D 114 7.54 -5.01 -10.68
N ASP D 115 6.27 -5.40 -10.56
CA ASP D 115 5.94 -6.82 -10.44
C ASP D 115 5.88 -7.53 -11.79
N MET D 116 5.81 -6.78 -12.89
CA MET D 116 5.70 -7.29 -14.27
C MET D 116 4.47 -8.21 -14.47
N ASP D 117 3.26 -7.63 -14.30
CA ASP D 117 2.00 -8.36 -14.54
C ASP D 117 0.87 -7.40 -14.90
N PHE D 118 -0.26 -7.97 -15.39
CA PHE D 118 -1.47 -7.22 -15.78
C PHE D 118 -2.70 -8.03 -15.37
N THR D 119 -3.84 -7.33 -15.19
CA THR D 119 -5.11 -7.93 -14.75
C THR D 119 -6.21 -7.65 -15.78
N MET D 120 -7.05 -8.67 -16.04
CA MET D 120 -8.04 -8.70 -17.12
C MET D 120 -9.31 -9.42 -16.66
N THR D 121 -10.47 -8.93 -17.13
CA THR D 121 -11.77 -9.56 -16.89
C THR D 121 -12.41 -9.92 -18.23
N LEU D 122 -12.99 -11.13 -18.34
CA LEU D 122 -13.44 -11.66 -19.63
C LEU D 122 -14.57 -12.67 -19.47
N TYR D 123 -15.22 -12.98 -20.61
CA TYR D 123 -16.16 -14.09 -20.75
C TYR D 123 -15.51 -15.26 -21.51
N LEU D 124 -15.67 -16.48 -21.03
CA LEU D 124 -15.07 -17.67 -21.66
C LEU D 124 -16.16 -18.67 -22.05
N ARG D 125 -16.17 -19.09 -23.32
CA ARG D 125 -17.24 -19.94 -23.84
C ARG D 125 -16.70 -21.20 -24.53
N HIS D 126 -17.33 -22.36 -24.24
CA HIS D 126 -16.91 -23.67 -24.70
C HIS D 126 -18.03 -24.39 -25.46
N TYR D 127 -17.68 -25.17 -26.50
CA TYR D 127 -18.66 -25.87 -27.33
C TYR D 127 -18.23 -27.32 -27.61
N TRP D 128 -19.15 -28.27 -27.44
CA TRP D 128 -18.91 -29.69 -27.76
C TRP D 128 -20.24 -30.45 -27.83
N LYS D 129 -20.16 -31.76 -28.18
CA LYS D 129 -21.33 -32.64 -28.30
C LYS D 129 -21.14 -33.90 -27.45
N ASP D 130 -22.22 -34.38 -26.83
CA ASP D 130 -22.21 -35.57 -25.98
C ASP D 130 -23.57 -36.27 -26.09
N GLU D 131 -23.59 -37.44 -26.72
CA GLU D 131 -24.82 -38.19 -26.96
C GLU D 131 -25.51 -38.63 -25.66
N ARG D 132 -24.79 -38.65 -24.54
CA ARG D 132 -25.38 -39.03 -23.27
C ARG D 132 -26.38 -38.00 -22.79
N LEU D 133 -26.30 -36.77 -23.30
CA LEU D 133 -27.17 -35.66 -22.92
C LEU D 133 -28.28 -35.35 -23.92
N SER D 134 -28.42 -36.15 -24.98
CA SER D 134 -29.55 -36.00 -25.90
C SER D 134 -30.86 -36.42 -25.23
N PHE D 135 -31.93 -35.67 -25.51
CA PHE D 135 -33.21 -35.83 -24.83
C PHE D 135 -34.37 -35.77 -25.82
N PRO D 136 -35.45 -36.52 -25.57
CA PRO D 136 -36.60 -36.49 -26.48
C PRO D 136 -37.45 -35.22 -26.35
N SER D 137 -37.87 -34.69 -27.51
CA SER D 137 -38.68 -33.47 -27.57
C SER D 137 -39.49 -33.43 -28.87
N THR D 138 -40.69 -32.86 -28.79
CA THR D 138 -41.51 -32.63 -29.98
C THR D 138 -41.07 -31.41 -30.77
N ASN D 139 -40.22 -30.57 -30.19
CA ASN D 139 -39.96 -29.22 -30.69
C ASN D 139 -38.54 -28.81 -30.35
N ASN D 140 -38.04 -27.76 -31.02
CA ASN D 140 -36.61 -27.43 -31.02
C ASN D 140 -36.15 -26.57 -29.80
N LEU D 141 -36.87 -26.59 -28.68
CA LEU D 141 -36.53 -25.77 -27.53
C LEU D 141 -35.36 -26.37 -26.73
N SER D 142 -34.35 -25.55 -26.42
CA SER D 142 -33.22 -25.98 -25.59
C SER D 142 -33.58 -25.87 -24.10
N MET D 143 -32.76 -26.50 -23.25
CA MET D 143 -32.87 -26.40 -21.80
C MET D 143 -31.66 -25.67 -21.23
N THR D 144 -31.85 -24.91 -20.14
CA THR D 144 -30.81 -24.05 -19.58
C THR D 144 -30.64 -24.28 -18.07
N PHE D 145 -29.39 -24.34 -17.60
CA PHE D 145 -29.06 -24.72 -16.22
C PHE D 145 -27.94 -23.82 -15.67
N ASP D 146 -27.71 -23.88 -14.35
CA ASP D 146 -26.64 -23.14 -13.66
C ASP D 146 -25.61 -24.11 -13.06
N GLY D 147 -24.73 -23.57 -12.21
CA GLY D 147 -23.57 -24.32 -11.74
C GLY D 147 -23.91 -25.57 -10.95
N ARG D 148 -25.18 -25.76 -10.62
CA ARG D 148 -25.56 -26.93 -9.85
C ARG D 148 -25.65 -28.18 -10.72
N LEU D 149 -25.74 -28.01 -12.05
CA LEU D 149 -25.64 -29.16 -12.94
C LEU D 149 -24.20 -29.52 -13.24
N VAL D 150 -23.31 -28.53 -13.27
CA VAL D 150 -21.92 -28.72 -13.68
C VAL D 150 -21.23 -29.79 -12.86
N LYS D 151 -21.65 -29.94 -11.60
CA LYS D 151 -21.04 -30.92 -10.69
C LYS D 151 -21.40 -32.35 -11.05
N LYS D 152 -22.48 -32.56 -11.80
CA LYS D 152 -23.06 -33.87 -12.04
C LYS D 152 -22.71 -34.44 -13.42
N ILE D 153 -22.34 -33.61 -14.38
CA ILE D 153 -21.98 -34.07 -15.72
C ILE D 153 -20.48 -33.86 -15.97
N TRP D 154 -20.02 -34.28 -17.17
CA TRP D 154 -18.66 -33.99 -17.63
C TRP D 154 -18.54 -32.63 -18.33
N VAL D 155 -17.46 -31.90 -18.05
CA VAL D 155 -17.12 -30.65 -18.74
C VAL D 155 -15.60 -30.55 -18.93
N PRO D 156 -15.15 -29.71 -19.88
CA PRO D 156 -13.70 -29.52 -20.12
C PRO D 156 -12.99 -28.87 -18.94
N ASP D 157 -11.64 -28.96 -18.95
CA ASP D 157 -10.81 -28.64 -17.78
C ASP D 157 -9.75 -27.55 -18.03
N MET D 158 -10.14 -26.42 -18.61
CA MET D 158 -9.19 -25.35 -18.99
C MET D 158 -8.61 -24.61 -17.78
N PHE D 159 -7.34 -24.17 -17.92
CA PHE D 159 -6.67 -23.32 -16.93
C PHE D 159 -5.81 -22.29 -17.67
N PHE D 160 -5.44 -21.21 -16.96
CA PHE D 160 -4.69 -20.08 -17.54
C PHE D 160 -3.21 -20.27 -17.21
N VAL D 161 -2.39 -20.45 -18.26
CA VAL D 161 -0.97 -20.73 -18.08
C VAL D 161 -0.22 -19.46 -17.69
N HIS D 162 0.74 -19.62 -16.76
CA HIS D 162 1.59 -18.55 -16.23
C HIS D 162 0.80 -17.47 -15.48
N SER D 163 -0.34 -17.81 -14.89
CA SER D 163 -1.15 -16.85 -14.14
C SER D 163 -0.73 -16.79 -12.67
N LYS D 164 -0.82 -15.59 -12.08
CA LYS D 164 -0.47 -15.39 -10.67
C LYS D 164 -1.66 -15.67 -9.75
N ARG D 165 -2.87 -15.25 -10.13
CA ARG D 165 -4.11 -15.50 -9.38
C ARG D 165 -5.31 -15.28 -10.30
N SER D 166 -6.48 -15.83 -9.91
CA SER D 166 -7.73 -15.66 -10.67
C SER D 166 -8.95 -16.10 -9.83
N PHE D 167 -10.15 -15.65 -10.25
CA PHE D 167 -11.40 -16.07 -9.60
C PHE D 167 -12.62 -15.91 -10.53
N ILE D 168 -13.69 -16.68 -10.21
CA ILE D 168 -14.96 -16.66 -10.94
C ILE D 168 -16.01 -15.88 -10.12
N HIS D 169 -16.77 -15.00 -10.78
CA HIS D 169 -17.69 -14.08 -10.07
C HIS D 169 -18.91 -14.83 -9.49
N ASP D 170 -19.41 -14.38 -8.31
CA ASP D 170 -20.51 -15.08 -7.64
C ASP D 170 -21.59 -14.18 -7.00
N THR D 171 -21.95 -13.06 -7.61
CA THR D 171 -22.99 -12.19 -7.06
C THR D 171 -23.91 -11.75 -8.20
N THR D 172 -25.24 -11.91 -8.05
CA THR D 172 -25.95 -12.39 -6.86
C THR D 172 -25.90 -13.93 -6.67
N THR D 173 -25.44 -14.64 -7.70
CA THR D 173 -25.11 -16.07 -7.63
C THR D 173 -23.98 -16.33 -8.64
N ASP D 174 -23.55 -17.60 -8.72
CA ASP D 174 -22.43 -18.00 -9.57
C ASP D 174 -22.69 -17.61 -11.03
N ASN D 175 -21.77 -16.85 -11.62
CA ASN D 175 -21.94 -16.38 -13.00
C ASN D 175 -21.45 -17.45 -13.98
N VAL D 176 -22.24 -18.53 -14.06
CA VAL D 176 -21.98 -19.76 -14.82
C VAL D 176 -23.29 -20.23 -15.45
N MET D 177 -23.23 -20.72 -16.71
CA MET D 177 -24.42 -21.16 -17.43
C MET D 177 -24.13 -22.34 -18.35
N LEU D 178 -25.11 -23.25 -18.46
CA LEU D 178 -25.10 -24.40 -19.37
C LEU D 178 -26.37 -24.41 -20.22
N ARG D 179 -26.22 -24.48 -21.54
CA ARG D 179 -27.35 -24.57 -22.47
C ARG D 179 -27.20 -25.86 -23.28
N VAL D 180 -28.25 -26.69 -23.29
CA VAL D 180 -28.20 -28.03 -23.86
C VAL D 180 -29.28 -28.19 -24.93
N GLN D 181 -28.87 -28.75 -26.14
CA GLN D 181 -29.82 -28.91 -27.23
C GLN D 181 -30.38 -30.33 -27.20
N PRO D 182 -31.53 -30.56 -27.83
CA PRO D 182 -32.07 -31.93 -27.84
C PRO D 182 -31.14 -32.95 -28.47
N ASP D 183 -30.28 -32.55 -29.39
CA ASP D 183 -29.26 -33.37 -30.05
C ASP D 183 -28.09 -33.73 -29.16
N GLY D 184 -27.96 -33.11 -27.98
CA GLY D 184 -26.81 -33.31 -27.12
C GLY D 184 -25.64 -32.38 -27.34
N LYS D 185 -25.80 -31.30 -28.10
CA LYS D 185 -24.81 -30.24 -28.17
C LYS D 185 -24.90 -29.33 -26.92
N VAL D 186 -23.75 -28.88 -26.43
CA VAL D 186 -23.66 -28.13 -25.18
C VAL D 186 -22.90 -26.82 -25.38
N LEU D 187 -23.40 -25.73 -24.79
CA LEU D 187 -22.66 -24.49 -24.59
C LEU D 187 -22.43 -24.27 -23.10
N TYR D 188 -21.18 -23.97 -22.72
CA TYR D 188 -20.77 -23.81 -21.33
C TYR D 188 -20.07 -22.45 -21.21
N SER D 189 -20.57 -21.59 -20.31
CA SER D 189 -20.20 -20.17 -20.32
C SER D 189 -19.95 -19.65 -18.89
N LEU D 190 -18.89 -18.82 -18.72
CA LEU D 190 -18.56 -18.26 -17.40
C LEU D 190 -17.81 -16.94 -17.52
N ARG D 191 -17.88 -16.12 -16.47
CA ARG D 191 -17.25 -14.80 -16.35
C ARG D 191 -16.16 -14.83 -15.29
N VAL D 192 -14.96 -14.32 -15.60
CA VAL D 192 -13.75 -14.58 -14.81
C VAL D 192 -12.76 -13.41 -14.87
N THR D 193 -12.01 -13.20 -13.76
CA THR D 193 -10.92 -12.23 -13.65
C THR D 193 -9.59 -12.94 -13.40
N VAL D 194 -8.52 -12.54 -14.13
CA VAL D 194 -7.22 -13.21 -14.06
C VAL D 194 -6.08 -12.17 -14.06
N THR D 195 -5.03 -12.45 -13.28
CA THR D 195 -3.77 -11.69 -13.28
C THR D 195 -2.64 -12.57 -13.83
N ALA D 196 -1.91 -12.06 -14.83
CA ALA D 196 -0.96 -12.85 -15.60
C ALA D 196 0.37 -12.10 -15.75
N MET D 197 1.47 -12.85 -15.90
CA MET D 197 2.81 -12.24 -15.91
C MET D 197 3.14 -11.79 -17.31
N CYS D 198 3.89 -10.70 -17.41
CA CYS D 198 4.34 -10.17 -18.70
C CYS D 198 5.72 -9.57 -18.48
N ASN D 199 6.76 -10.27 -18.96
CA ASN D 199 8.14 -9.84 -18.73
C ASN D 199 8.46 -8.57 -19.53
N MET D 200 8.98 -7.53 -18.85
CA MET D 200 9.19 -6.22 -19.47
C MET D 200 10.66 -5.80 -19.46
N ASP D 201 11.11 -5.08 -20.51
CA ASP D 201 12.46 -4.52 -20.61
C ASP D 201 12.35 -3.00 -20.72
N PHE D 202 13.04 -2.28 -19.83
CA PHE D 202 12.91 -0.84 -19.70
C PHE D 202 14.17 -0.10 -20.13
N SER D 203 15.06 -0.77 -20.87
CA SER D 203 16.35 -0.18 -21.22
C SER D 203 16.18 1.09 -22.06
N ARG D 204 15.17 1.13 -22.91
CA ARG D 204 14.92 2.26 -23.80
C ARG D 204 13.95 3.28 -23.21
N PHE D 205 13.54 3.14 -21.95
CA PHE D 205 12.55 4.02 -21.33
C PHE D 205 12.97 5.48 -21.45
N PRO D 206 12.04 6.40 -21.79
CA PRO D 206 10.60 6.19 -22.03
C PRO D 206 10.20 5.81 -23.44
N LEU D 207 11.14 5.43 -24.29
CA LEU D 207 10.83 5.11 -25.68
C LEU D 207 10.63 3.59 -25.89
N ASP D 208 10.27 2.87 -24.83
CA ASP D 208 10.09 1.41 -24.90
C ASP D 208 8.73 1.02 -25.46
N THR D 209 8.65 -0.21 -25.98
CA THR D 209 7.41 -0.84 -26.44
C THR D 209 7.34 -2.24 -25.84
N GLN D 210 6.18 -2.61 -25.29
CA GLN D 210 6.01 -3.90 -24.62
C GLN D 210 4.93 -4.73 -25.33
N THR D 211 5.14 -6.04 -25.43
CA THR D 211 4.14 -6.99 -25.93
C THR D 211 3.80 -8.04 -24.87
N CYS D 212 2.50 -8.32 -24.71
CA CYS D 212 1.98 -9.21 -23.67
C CYS D 212 0.97 -10.20 -24.28
N SER D 213 0.74 -11.31 -23.56
CA SER D 213 -0.19 -12.34 -24.01
C SER D 213 -0.79 -13.14 -22.85
N LEU D 214 -1.97 -13.70 -23.10
CA LEU D 214 -2.71 -14.58 -22.19
C LEU D 214 -2.87 -15.95 -22.84
N GLU D 215 -2.71 -17.02 -22.05
CA GLU D 215 -2.56 -18.38 -22.56
C GLU D 215 -3.54 -19.38 -21.91
N ILE D 216 -4.10 -20.28 -22.72
CA ILE D 216 -5.17 -21.19 -22.31
C ILE D 216 -4.85 -22.63 -22.71
N GLU D 217 -5.10 -23.59 -21.80
CA GLU D 217 -4.69 -24.99 -21.94
C GLU D 217 -5.51 -25.92 -21.05
N SER D 218 -5.59 -27.21 -21.45
CA SER D 218 -6.22 -28.26 -20.65
C SER D 218 -5.25 -28.76 -19.57
N TYR D 219 -5.76 -28.94 -18.34
CA TYR D 219 -4.86 -29.34 -17.25
C TYR D 219 -4.51 -30.82 -17.32
N ALA D 220 -5.43 -31.69 -17.77
CA ALA D 220 -5.20 -33.12 -17.65
C ALA D 220 -5.19 -33.93 -18.95
N TYR D 221 -5.63 -33.41 -20.10
CA TYR D 221 -5.80 -34.20 -21.32
C TYR D 221 -4.81 -33.76 -22.40
N THR D 222 -4.03 -34.72 -22.91
CA THR D 222 -3.19 -34.51 -24.08
C THR D 222 -4.03 -34.57 -25.36
N GLU D 223 -3.39 -34.27 -26.48
CA GLU D 223 -4.06 -34.16 -27.78
C GLU D 223 -4.58 -35.53 -28.27
N ASP D 224 -4.19 -36.62 -27.62
CA ASP D 224 -4.73 -37.94 -27.91
C ASP D 224 -6.16 -38.11 -27.39
N ASP D 225 -6.60 -37.29 -26.46
CA ASP D 225 -7.92 -37.40 -25.84
C ASP D 225 -8.80 -36.19 -26.06
N LEU D 226 -8.23 -34.98 -26.13
CA LEU D 226 -8.99 -33.74 -26.30
C LEU D 226 -8.26 -32.85 -27.30
N MET D 227 -8.99 -32.29 -28.27
CA MET D 227 -8.42 -31.41 -29.30
C MET D 227 -9.03 -30.02 -29.15
N LEU D 228 -8.20 -29.03 -28.83
CA LEU D 228 -8.64 -27.68 -28.45
C LEU D 228 -8.33 -26.67 -29.58
N TYR D 229 -9.32 -25.85 -29.94
CA TYR D 229 -9.16 -24.94 -31.07
C TYR D 229 -10.07 -23.72 -30.98
N TRP D 230 -9.68 -22.64 -31.69
CA TRP D 230 -10.50 -21.42 -31.81
C TRP D 230 -11.67 -21.67 -32.76
N LYS D 231 -12.91 -21.41 -32.30
CA LYS D 231 -14.06 -21.91 -33.05
C LYS D 231 -14.24 -21.24 -34.41
N LYS D 232 -13.81 -19.97 -34.56
CA LYS D 232 -14.05 -19.23 -35.79
C LYS D 232 -12.79 -18.54 -36.30
N GLY D 233 -11.61 -19.03 -35.94
CA GLY D 233 -10.43 -18.31 -36.37
C GLY D 233 -10.27 -17.04 -35.57
N ASN D 234 -9.70 -16.01 -36.20
CA ASN D 234 -9.56 -14.75 -35.50
C ASN D 234 -10.88 -14.08 -35.20
N ASP D 235 -11.97 -14.55 -35.77
CA ASP D 235 -13.29 -14.00 -35.47
C ASP D 235 -13.76 -14.46 -34.08
N SER D 236 -13.01 -15.35 -33.42
CA SER D 236 -13.36 -15.89 -32.11
C SER D 236 -13.08 -14.93 -30.97
N LEU D 237 -12.43 -13.79 -31.23
CA LEU D 237 -12.01 -12.87 -30.19
C LEU D 237 -12.73 -11.54 -30.38
N LYS D 238 -13.40 -11.06 -29.33
CA LYS D 238 -14.03 -9.75 -29.32
C LYS D 238 -13.51 -8.94 -28.13
N THR D 239 -13.44 -7.61 -28.30
CA THR D 239 -12.94 -6.70 -27.28
C THR D 239 -13.85 -5.48 -27.14
N ASP D 240 -14.04 -5.05 -25.88
CA ASP D 240 -15.01 -4.01 -25.52
C ASP D 240 -14.64 -2.69 -26.18
N GLU D 241 -15.68 -1.95 -26.65
CA GLU D 241 -15.46 -0.73 -27.40
C GLU D 241 -14.88 0.40 -26.54
N ARG D 242 -14.89 0.28 -25.22
CA ARG D 242 -14.41 1.35 -24.34
C ARG D 242 -13.17 0.94 -23.55
N ILE D 243 -12.34 0.04 -24.09
CA ILE D 243 -11.24 -0.53 -23.32
C ILE D 243 -10.05 0.44 -23.36
N SER D 244 -9.46 0.72 -22.19
CA SER D 244 -8.39 1.70 -22.08
C SER D 244 -7.62 1.54 -20.78
N LEU D 245 -6.45 2.21 -20.72
CA LEU D 245 -5.59 2.29 -19.54
C LEU D 245 -5.21 3.75 -19.30
N SER D 246 -4.95 4.09 -18.04
CA SER D 246 -4.65 5.49 -17.71
C SER D 246 -3.25 5.91 -18.17
N GLN D 247 -2.34 4.95 -18.34
CA GLN D 247 -0.93 5.23 -18.52
C GLN D 247 -0.36 4.70 -19.83
N PHE D 248 -1.15 4.02 -20.66
CA PHE D 248 -0.67 3.38 -21.89
C PHE D 248 -1.67 3.50 -23.03
N LEU D 249 -1.17 3.36 -24.25
CA LEU D 249 -1.97 3.15 -25.47
C LEU D 249 -1.94 1.66 -25.83
N ILE D 250 -3.10 1.07 -26.08
CA ILE D 250 -3.23 -0.37 -26.36
C ILE D 250 -3.59 -0.57 -27.83
N GLN D 251 -2.97 -1.56 -28.48
CA GLN D 251 -3.23 -1.81 -29.90
C GLN D 251 -2.89 -3.25 -30.31
N GLU D 252 -3.50 -3.67 -31.43
CA GLU D 252 -3.14 -4.89 -32.19
C GLU D 252 -3.47 -6.20 -31.45
N PHE D 253 -4.75 -6.35 -31.05
CA PHE D 253 -5.27 -7.60 -30.49
C PHE D 253 -5.40 -8.66 -31.60
N HIS D 254 -4.83 -9.86 -31.39
CA HIS D 254 -4.94 -10.97 -32.36
C HIS D 254 -4.66 -12.31 -31.69
N THR D 255 -5.10 -13.42 -32.33
CA THR D 255 -5.00 -14.77 -31.77
C THR D 255 -4.01 -15.68 -32.51
N THR D 256 -3.38 -16.61 -31.76
CA THR D 256 -2.47 -17.64 -32.30
C THR D 256 -2.63 -18.95 -31.50
N THR D 257 -2.00 -20.05 -31.99
CA THR D 257 -1.96 -21.35 -31.31
C THR D 257 -0.58 -22.00 -31.47
N LYS D 258 -0.24 -22.91 -30.54
CA LYS D 258 1.05 -23.61 -30.59
C LYS D 258 0.99 -24.91 -29.76
N LEU D 259 1.75 -25.93 -30.22
CA LEU D 259 1.86 -27.21 -29.53
C LEU D 259 2.97 -27.17 -28.49
N ALA D 260 2.72 -27.77 -27.32
CA ALA D 260 3.67 -27.75 -26.20
C ALA D 260 3.84 -29.15 -25.64
N PHE D 261 5.01 -29.42 -25.03
CA PHE D 261 5.41 -30.77 -24.62
C PHE D 261 5.85 -30.82 -23.15
N TYR D 262 5.35 -31.84 -22.43
CA TYR D 262 5.76 -32.12 -21.04
C TYR D 262 6.17 -33.59 -20.94
N SER D 263 7.39 -33.84 -20.45
CA SER D 263 7.97 -35.18 -20.56
C SER D 263 7.23 -36.22 -19.72
N SER D 264 6.56 -35.79 -18.66
CA SER D 264 5.79 -36.70 -17.82
C SER D 264 4.45 -37.13 -18.42
N THR D 265 3.96 -36.43 -19.45
CA THR D 265 2.63 -36.71 -19.98
C THR D 265 2.49 -36.73 -21.50
N GLY D 266 3.12 -35.77 -22.18
CA GLY D 266 3.03 -35.72 -23.64
C GLY D 266 2.73 -34.35 -24.25
N TRP D 267 2.00 -34.32 -25.36
CA TRP D 267 1.79 -33.10 -26.16
C TRP D 267 0.40 -32.48 -25.94
N TYR D 268 0.34 -31.14 -25.91
CA TYR D 268 -0.87 -30.36 -25.68
C TYR D 268 -0.94 -29.19 -26.66
N ASN D 269 -2.16 -28.80 -27.08
CA ASN D 269 -2.31 -27.57 -27.87
C ASN D 269 -2.70 -26.40 -26.97
N ARG D 270 -2.11 -25.22 -27.23
CA ARG D 270 -2.29 -24.04 -26.41
C ARG D 270 -2.80 -22.88 -27.27
N LEU D 271 -3.73 -22.08 -26.71
CA LEU D 271 -4.29 -20.90 -27.38
C LEU D 271 -3.72 -19.61 -26.77
N TYR D 272 -3.50 -18.60 -27.64
CA TYR D 272 -2.90 -17.32 -27.26
C TYR D 272 -3.77 -16.14 -27.70
N ILE D 273 -3.85 -15.13 -26.82
CA ILE D 273 -4.34 -13.77 -27.11
C ILE D 273 -3.17 -12.79 -26.93
N ASN D 274 -2.88 -11.98 -27.95
CA ASN D 274 -1.68 -11.12 -28.04
C ASN D 274 -2.05 -9.63 -28.13
N PHE D 275 -1.25 -8.75 -27.50
CA PHE D 275 -1.47 -7.29 -27.63
C PHE D 275 -0.18 -6.49 -27.34
N THR D 276 -0.18 -5.20 -27.73
CA THR D 276 0.98 -4.29 -27.65
C THR D 276 0.69 -3.00 -26.87
N LEU D 277 1.70 -2.49 -26.12
CA LEU D 277 1.58 -1.31 -25.26
C LEU D 277 2.61 -0.23 -25.63
N ARG D 278 2.20 1.06 -25.60
CA ARG D 278 3.09 2.19 -25.90
C ARG D 278 2.75 3.39 -25.01
N ARG D 279 3.71 4.33 -24.85
CA ARG D 279 3.57 5.50 -23.97
C ARG D 279 3.29 6.80 -24.75
N HIS D 280 2.84 7.82 -24.02
CA HIS D 280 2.64 9.19 -24.51
C HIS D 280 3.99 9.96 -24.51
N ILE D 281 4.67 10.07 -25.65
CA ILE D 281 6.08 10.49 -25.63
C ILE D 281 6.25 11.97 -25.23
N PHE D 282 5.36 12.85 -25.70
CA PHE D 282 5.57 14.28 -25.49
C PHE D 282 5.41 14.70 -24.02
N PHE D 283 4.69 13.91 -23.23
CA PHE D 283 4.59 14.17 -21.78
C PHE D 283 5.95 14.04 -21.12
N PHE D 284 6.69 12.99 -21.49
CA PHE D 284 7.99 12.75 -20.87
C PHE D 284 9.04 13.72 -21.40
N LEU D 285 8.96 14.08 -22.68
CA LEU D 285 9.87 15.12 -23.17
C LEU D 285 9.71 16.42 -22.39
N LEU D 286 8.45 16.85 -22.19
CA LEU D 286 8.18 18.12 -21.50
C LEU D 286 8.63 18.08 -20.04
N GLN D 287 8.43 16.96 -19.35
CA GLN D 287 8.70 16.92 -17.92
C GLN D 287 10.16 16.60 -17.58
N THR D 288 10.95 16.07 -18.52
CA THR D 288 12.27 15.52 -18.19
C THR D 288 13.37 16.11 -19.06
N TYR D 289 13.26 16.04 -20.38
CA TYR D 289 14.36 16.49 -21.25
C TYR D 289 14.47 18.00 -21.40
N PHE D 290 13.34 18.70 -21.43
CA PHE D 290 13.29 20.14 -21.63
C PHE D 290 13.93 20.93 -20.49
N PRO D 291 13.67 20.63 -19.21
CA PRO D 291 14.34 21.41 -18.14
C PRO D 291 15.85 21.25 -18.12
N ALA D 292 16.35 20.04 -18.37
CA ALA D 292 17.79 19.82 -18.31
C ALA D 292 18.49 20.60 -19.42
N THR D 293 17.84 20.70 -20.58
CA THR D 293 18.40 21.44 -21.70
C THR D 293 18.44 22.93 -21.42
N LEU D 294 17.39 23.46 -20.79
CA LEU D 294 17.39 24.87 -20.42
C LEU D 294 18.50 25.21 -19.41
N MET D 295 18.75 24.32 -18.47
CA MET D 295 19.79 24.61 -17.49
C MET D 295 21.19 24.56 -18.10
N VAL D 296 21.42 23.65 -19.05
CA VAL D 296 22.71 23.67 -19.76
C VAL D 296 22.90 25.01 -20.48
N MET D 297 21.83 25.54 -21.08
CA MET D 297 21.97 26.80 -21.81
C MET D 297 22.23 27.97 -20.86
N LEU D 298 21.61 27.95 -19.67
CA LEU D 298 21.91 29.02 -18.71
C LEU D 298 23.37 28.98 -18.26
N SER D 299 23.99 27.79 -18.20
CA SER D 299 25.40 27.77 -17.75
C SER D 299 26.33 28.48 -18.73
N TRP D 300 25.92 28.60 -20.01
CA TRP D 300 26.72 29.24 -21.07
C TRP D 300 26.70 30.77 -20.98
N VAL D 301 25.69 31.35 -20.31
CA VAL D 301 25.57 32.80 -20.17
C VAL D 301 26.80 33.38 -19.48
N SER D 302 27.47 32.58 -18.66
CA SER D 302 28.61 33.05 -17.89
C SER D 302 29.78 33.49 -18.77
N PHE D 303 29.95 32.90 -19.95
CA PHE D 303 31.05 33.23 -20.85
C PHE D 303 30.95 34.64 -21.42
N TRP D 304 29.83 35.34 -21.19
CA TRP D 304 29.55 36.67 -21.74
C TRP D 304 29.55 37.78 -20.68
N ILE D 305 29.91 37.44 -19.44
CA ILE D 305 29.99 38.33 -18.28
C ILE D 305 31.48 38.61 -18.02
N ASP D 306 31.78 39.86 -17.66
CA ASP D 306 33.14 40.38 -17.45
C ASP D 306 33.89 39.58 -16.40
N ARG D 307 35.13 39.18 -16.74
CA ARG D 307 35.91 38.31 -15.85
C ARG D 307 36.33 39.02 -14.56
N ARG D 308 36.21 40.34 -14.50
CA ARG D 308 36.60 41.11 -13.33
C ARG D 308 35.55 41.00 -12.23
N ALA D 309 34.33 40.59 -12.57
CA ALA D 309 33.25 40.53 -11.59
C ALA D 309 33.21 39.20 -10.85
N VAL D 310 34.20 39.00 -9.96
CA VAL D 310 34.31 37.71 -9.25
C VAL D 310 33.06 37.43 -8.42
N PRO D 311 32.50 38.38 -7.65
CA PRO D 311 31.30 38.08 -6.88
C PRO D 311 30.06 37.90 -7.72
N ALA D 312 30.12 38.10 -9.03
CA ALA D 312 29.01 37.69 -9.88
C ALA D 312 29.25 36.35 -10.57
N ARG D 313 30.47 36.13 -11.08
CA ARG D 313 30.72 34.90 -11.82
C ARG D 313 30.70 33.68 -10.92
N VAL D 314 31.11 33.83 -9.65
CA VAL D 314 31.26 32.63 -8.81
C VAL D 314 29.90 32.14 -8.29
N PRO D 315 28.98 32.99 -7.81
CA PRO D 315 27.71 32.42 -7.32
C PRO D 315 26.82 31.82 -8.41
N LEU D 316 26.94 32.30 -9.65
CA LEU D 316 26.09 31.84 -10.75
C LEU D 316 26.33 30.37 -11.04
N GLY D 317 27.59 29.95 -11.09
CA GLY D 317 27.95 28.57 -11.34
C GLY D 317 27.44 27.57 -10.33
N ILE D 318 27.74 27.84 -9.05
CA ILE D 318 27.39 26.89 -8.00
C ILE D 318 25.88 26.84 -7.80
N THR D 319 25.16 27.96 -8.05
CA THR D 319 23.70 27.87 -7.97
C THR D 319 23.11 27.11 -9.17
N THR D 320 23.75 27.17 -10.33
CA THR D 320 23.28 26.33 -11.44
C THR D 320 23.49 24.83 -11.14
N VAL D 321 24.61 24.49 -10.49
CA VAL D 321 24.84 23.10 -10.10
C VAL D 321 23.76 22.61 -9.11
N LEU D 322 23.42 23.47 -8.13
CA LEU D 322 22.35 23.12 -7.19
C LEU D 322 21.02 22.88 -7.90
N THR D 323 20.70 23.72 -8.88
CA THR D 323 19.40 23.61 -9.56
C THR D 323 19.31 22.32 -10.38
N MET D 324 20.41 21.97 -11.08
CA MET D 324 20.39 20.71 -11.83
C MET D 324 20.25 19.51 -10.89
N SER D 325 20.88 19.61 -9.71
CA SER D 325 20.82 18.52 -8.74
C SER D 325 19.40 18.27 -8.22
N THR D 326 18.67 19.35 -7.88
CA THR D 326 17.30 19.14 -7.40
C THR D 326 16.39 18.59 -8.50
N ILE D 327 16.62 18.97 -9.76
CA ILE D 327 15.82 18.41 -10.85
C ILE D 327 16.01 16.91 -10.95
N ILE D 328 17.26 16.45 -10.90
CA ILE D 328 17.53 15.02 -11.08
C ILE D 328 16.98 14.22 -9.90
N THR D 329 17.03 14.81 -8.69
CA THR D 329 16.48 14.11 -7.53
C THR D 329 14.96 13.93 -7.63
N GLY D 330 14.25 14.92 -8.18
CA GLY D 330 12.81 14.81 -8.30
C GLY D 330 12.41 13.77 -9.32
N VAL D 331 13.17 13.70 -10.41
CA VAL D 331 12.85 12.70 -11.44
C VAL D 331 13.04 11.30 -10.86
N ASN D 332 14.13 11.11 -10.10
CA ASN D 332 14.42 9.78 -9.55
C ASN D 332 13.35 9.37 -8.54
N ALA D 333 12.86 10.33 -7.75
CA ALA D 333 11.83 10.01 -6.77
C ALA D 333 10.50 9.67 -7.43
N SER D 334 10.27 10.10 -8.68
CA SER D 334 8.96 9.90 -9.31
C SER D 334 8.85 8.60 -10.12
N MET D 335 9.96 7.98 -10.49
CA MET D 335 10.05 6.87 -11.43
C MET D 335 9.82 5.51 -10.76
N PRO D 336 9.36 4.48 -11.52
CA PRO D 336 9.21 3.15 -10.94
C PRO D 336 10.56 2.57 -10.57
N ARG D 337 10.56 1.70 -9.54
CA ARG D 337 11.79 1.31 -8.86
C ARG D 337 12.57 0.19 -9.56
N VAL D 338 12.98 0.45 -10.80
CA VAL D 338 13.67 -0.51 -11.65
C VAL D 338 15.15 -0.18 -11.59
N SER D 339 15.93 -1.01 -10.87
CA SER D 339 17.31 -0.68 -10.53
C SER D 339 18.34 -1.14 -11.56
N TYR D 340 18.22 -0.65 -12.80
CA TYR D 340 19.26 -0.72 -13.83
C TYR D 340 19.14 0.51 -14.73
N ILE D 341 20.19 0.72 -15.55
CA ILE D 341 20.38 2.00 -16.24
C ILE D 341 19.46 2.09 -17.45
N LYS D 342 18.82 3.26 -17.62
CA LYS D 342 17.80 3.49 -18.65
C LYS D 342 18.18 4.71 -19.51
N ALA D 343 17.60 4.78 -20.71
CA ALA D 343 18.02 5.78 -21.69
C ALA D 343 17.94 7.21 -21.18
N VAL D 344 16.99 7.50 -20.29
CA VAL D 344 16.79 8.85 -19.74
C VAL D 344 17.82 9.17 -18.66
N ASP D 345 18.33 8.14 -17.97
CA ASP D 345 19.42 8.31 -17.01
C ASP D 345 20.67 8.87 -17.69
N ILE D 346 20.96 8.40 -18.89
CA ILE D 346 22.20 8.75 -19.59
C ILE D 346 22.18 10.23 -19.94
N TYR D 347 21.01 10.70 -20.37
CA TYR D 347 20.85 12.09 -20.81
C TYR D 347 21.02 13.03 -19.62
N LEU D 348 20.42 12.67 -18.48
CA LEU D 348 20.52 13.56 -17.33
C LEU D 348 21.96 13.64 -16.78
N TRP D 349 22.68 12.51 -16.70
CA TRP D 349 24.02 12.63 -16.08
C TRP D 349 25.03 13.27 -17.04
N VAL D 350 24.85 13.14 -18.36
CA VAL D 350 25.70 13.90 -19.28
C VAL D 350 25.45 15.41 -19.14
N SER D 351 24.18 15.82 -18.99
CA SER D 351 23.93 17.25 -18.80
C SER D 351 24.54 17.77 -17.50
N PHE D 352 24.54 16.93 -16.44
CA PHE D 352 25.17 17.35 -15.19
C PHE D 352 26.67 17.60 -15.38
N VAL D 353 27.34 16.75 -16.17
CA VAL D 353 28.77 16.94 -16.37
C VAL D 353 29.08 18.22 -17.16
N PHE D 354 28.24 18.54 -18.15
CA PHE D 354 28.45 19.82 -18.87
C PHE D 354 28.40 21.01 -17.91
N VAL D 355 27.45 21.01 -16.97
CA VAL D 355 27.36 22.16 -16.07
C VAL D 355 28.57 22.22 -15.11
N PHE D 356 29.08 21.06 -14.67
CA PHE D 356 30.25 21.02 -13.78
C PHE D 356 31.49 21.58 -14.48
N LEU D 357 31.66 21.25 -15.75
CA LEU D 357 32.83 21.71 -16.48
C LEU D 357 32.80 23.22 -16.71
N SER D 358 31.59 23.81 -16.79
CA SER D 358 31.57 25.28 -16.90
C SER D 358 32.06 25.98 -15.64
N VAL D 359 32.01 25.33 -14.48
CA VAL D 359 32.52 25.90 -13.22
C VAL D 359 34.04 25.79 -13.17
N LEU D 360 34.59 24.70 -13.72
CA LEU D 360 36.06 24.63 -13.79
C LEU D 360 36.67 25.67 -14.76
N GLU D 361 35.93 26.04 -15.82
CA GLU D 361 36.45 27.01 -16.80
C GLU D 361 36.81 28.37 -16.16
N TYR D 362 35.91 28.90 -15.31
CA TYR D 362 36.19 30.22 -14.76
C TYR D 362 37.27 30.17 -13.69
N ALA D 363 37.40 29.04 -12.98
CA ALA D 363 38.48 28.90 -12.02
C ALA D 363 39.83 29.03 -12.69
N ALA D 364 39.95 28.44 -13.88
CA ALA D 364 41.19 28.61 -14.64
C ALA D 364 41.42 30.08 -15.05
N VAL D 365 40.36 30.71 -15.58
CA VAL D 365 40.51 32.11 -16.04
C VAL D 365 40.92 33.04 -14.91
N ASN D 366 40.28 32.89 -13.74
CA ASN D 366 40.55 33.76 -12.60
C ASN D 366 41.96 33.54 -12.06
N TYR D 367 42.39 32.28 -12.00
CA TYR D 367 43.74 31.99 -11.51
C TYR D 367 44.80 32.61 -12.40
N LEU D 368 44.68 32.40 -13.72
CA LEU D 368 45.72 32.91 -14.63
C LEU D 368 45.71 34.43 -14.70
N THR D 369 44.53 35.04 -14.59
CA THR D 369 44.44 36.49 -14.53
C THR D 369 45.19 37.04 -13.31
N THR D 370 45.04 36.34 -12.18
CA THR D 370 45.67 36.77 -10.93
C THR D 370 47.19 36.62 -11.02
N VAL D 371 47.64 35.54 -11.67
CA VAL D 371 49.07 35.30 -11.84
C VAL D 371 49.70 36.38 -12.70
N GLN D 372 48.99 36.80 -13.76
CA GLN D 372 49.56 37.86 -14.59
C GLN D 372 49.61 39.19 -13.86
N GLU D 373 48.56 39.50 -13.09
CA GLU D 373 48.52 40.75 -12.32
C GLU D 373 49.66 40.79 -11.31
N ARG D 374 50.02 39.62 -10.76
CA ARG D 374 51.11 39.55 -9.79
C ARG D 374 52.47 39.71 -10.48
N LYS D 375 52.61 39.07 -11.64
CA LYS D 375 53.85 39.14 -12.39
C LYS D 375 54.12 40.54 -12.94
N GLU D 376 53.08 41.18 -13.47
CA GLU D 376 53.25 42.50 -14.08
C GLU D 376 53.42 43.58 -13.02
N GLN D 377 52.87 43.39 -11.84
CA GLN D 377 53.16 44.25 -10.69
C GLN D 377 54.54 43.91 -10.14
N ASP D 451 39.87 43.61 -21.68
CA ASP D 451 39.73 42.70 -22.81
C ASP D 451 39.40 41.27 -22.38
N THR D 452 38.75 40.53 -23.30
CA THR D 452 38.33 39.15 -23.07
C THR D 452 39.51 38.17 -23.14
N HIS D 453 39.50 37.19 -22.22
CA HIS D 453 40.54 36.16 -22.17
C HIS D 453 40.26 35.08 -23.22
N ALA D 454 41.34 34.47 -23.73
CA ALA D 454 41.19 33.53 -24.84
C ALA D 454 40.35 32.33 -24.45
N ILE D 455 40.37 31.94 -23.18
CA ILE D 455 39.58 30.76 -22.79
C ILE D 455 38.08 31.04 -22.93
N ASP D 456 37.63 32.26 -22.61
CA ASP D 456 36.21 32.58 -22.80
C ASP D 456 35.86 32.59 -24.29
N LYS D 457 36.73 33.18 -25.10
CA LYS D 457 36.50 33.26 -26.54
C LYS D 457 36.27 31.88 -27.13
N TYR D 458 37.08 30.91 -26.69
CA TYR D 458 36.93 29.58 -27.28
C TYR D 458 35.73 28.85 -26.69
N SER D 459 35.43 29.07 -25.40
CA SER D 459 34.33 28.36 -24.77
C SER D 459 32.99 28.74 -25.39
N ARG D 460 32.86 30.01 -25.84
CA ARG D 460 31.64 30.51 -26.46
C ARG D 460 31.27 29.71 -27.70
N ILE D 461 32.24 29.06 -28.32
CA ILE D 461 32.03 28.27 -29.52
C ILE D 461 31.98 26.79 -29.21
N ILE D 462 32.89 26.34 -28.35
CA ILE D 462 33.14 24.91 -28.20
C ILE D 462 32.06 24.23 -27.36
N PHE D 463 31.56 24.89 -26.28
CA PHE D 463 30.56 24.19 -25.47
C PHE D 463 29.27 23.91 -26.24
N PRO D 464 28.68 24.87 -26.97
CA PRO D 464 27.48 24.54 -27.77
C PRO D 464 27.69 23.48 -28.85
N ALA D 465 28.81 23.52 -29.56
CA ALA D 465 29.09 22.56 -30.63
C ALA D 465 29.16 21.15 -30.10
N ALA D 466 29.77 20.98 -28.93
CA ALA D 466 29.89 19.65 -28.34
C ALA D 466 28.55 19.12 -27.91
N TYR D 467 27.69 19.98 -27.35
CA TYR D 467 26.37 19.50 -26.92
C TYR D 467 25.48 19.14 -28.12
N ILE D 468 25.60 19.89 -29.23
CA ILE D 468 24.88 19.52 -30.45
C ILE D 468 25.33 18.16 -30.96
N LEU D 469 26.65 17.91 -30.95
CA LEU D 469 27.19 16.63 -31.40
C LEU D 469 26.67 15.47 -30.54
N PHE D 470 26.62 15.69 -29.23
CA PHE D 470 26.08 14.66 -28.32
C PHE D 470 24.64 14.34 -28.67
N ASN D 471 23.82 15.38 -28.89
CA ASN D 471 22.40 15.13 -29.17
C ASN D 471 22.21 14.36 -30.48
N LEU D 472 22.99 14.70 -31.51
CA LEU D 472 22.87 13.97 -32.77
C LEU D 472 23.19 12.49 -32.61
N ILE D 473 24.24 12.17 -31.85
CA ILE D 473 24.58 10.76 -31.64
C ILE D 473 23.49 10.06 -30.83
N TYR D 474 23.06 10.69 -29.74
CA TYR D 474 22.09 10.09 -28.83
C TYR D 474 20.79 9.75 -29.55
N TRP D 475 20.25 10.69 -30.32
CA TRP D 475 18.99 10.44 -30.99
C TRP D 475 19.14 9.55 -32.22
N SER D 476 20.36 9.36 -32.74
CA SER D 476 20.55 8.32 -33.74
C SER D 476 20.57 6.93 -33.10
N ILE D 477 20.88 6.86 -31.80
CA ILE D 477 20.89 5.56 -31.13
C ILE D 477 19.50 5.14 -30.65
N PHE D 478 18.74 6.08 -30.09
CA PHE D 478 17.45 5.77 -29.50
C PHE D 478 16.28 6.14 -30.40
N SER D 479 16.54 6.83 -31.50
CA SER D 479 15.63 7.01 -32.64
C SER D 479 14.28 7.65 -32.32
N SER E 75 -16.23 -46.18 -13.37
CA SER E 75 -14.81 -46.06 -13.08
C SER E 75 -14.47 -46.45 -11.63
N GLU E 76 -14.95 -45.70 -10.64
CA GLU E 76 -14.64 -45.90 -9.21
C GLU E 76 -15.18 -47.22 -8.63
N GLN E 77 -15.78 -48.11 -9.42
CA GLN E 77 -16.14 -49.45 -8.94
C GLN E 77 -15.06 -50.48 -9.25
N LEU E 78 -14.14 -50.17 -10.17
CA LEU E 78 -13.01 -51.05 -10.45
C LEU E 78 -11.94 -50.95 -9.37
N LEU E 79 -11.59 -49.73 -8.99
CA LEU E 79 -10.93 -49.45 -7.72
C LEU E 79 -11.87 -49.88 -6.59
N ARG E 80 -11.39 -50.65 -5.62
CA ARG E 80 -12.28 -51.18 -4.60
C ARG E 80 -12.32 -50.26 -3.36
N ILE E 81 -12.88 -49.08 -3.61
CA ILE E 81 -12.87 -47.97 -2.67
C ILE E 81 -13.65 -48.32 -1.41
N ASP E 82 -14.77 -49.02 -1.56
CA ASP E 82 -15.63 -49.35 -0.43
C ASP E 82 -15.08 -50.47 0.44
N ASP E 83 -14.03 -51.17 0.00
CA ASP E 83 -13.58 -52.40 0.63
C ASP E 83 -12.27 -52.26 1.42
N HIS E 84 -11.63 -51.09 1.39
CA HIS E 84 -10.31 -50.84 1.98
C HIS E 84 -10.29 -49.63 2.92
N ASP E 85 -9.48 -49.70 3.98
CA ASP E 85 -9.31 -48.56 4.89
C ASP E 85 -8.21 -47.63 4.40
N PHE E 86 -8.62 -46.56 3.71
CA PHE E 86 -7.69 -45.57 3.19
C PHE E 86 -7.39 -44.44 4.17
N SER E 87 -7.60 -44.67 5.48
CA SER E 87 -7.07 -43.78 6.51
C SER E 87 -5.63 -44.10 6.91
N MET E 88 -5.06 -45.19 6.37
CA MET E 88 -3.71 -45.62 6.74
C MET E 88 -2.90 -45.92 5.48
N ARG E 89 -1.56 -45.81 5.62
CA ARG E 89 -0.62 -45.85 4.51
C ARG E 89 -0.49 -47.26 3.92
N PRO E 90 0.05 -47.39 2.70
CA PRO E 90 0.46 -48.71 2.22
C PRO E 90 1.54 -49.29 3.10
N GLY E 91 1.43 -50.60 3.36
CA GLY E 91 2.48 -51.32 4.08
C GLY E 91 2.54 -51.10 5.57
N PHE E 92 1.43 -50.71 6.19
CA PHE E 92 1.37 -50.39 7.61
C PHE E 92 1.67 -51.63 8.44
N GLY E 93 2.42 -51.44 9.54
CA GLY E 93 3.03 -52.48 10.34
C GLY E 93 4.28 -53.10 9.74
N GLY E 94 4.66 -52.72 8.52
CA GLY E 94 5.88 -53.15 7.88
C GLY E 94 6.82 -52.00 7.55
N PRO E 95 7.77 -52.23 6.61
CA PRO E 95 8.69 -51.15 6.21
C PRO E 95 8.03 -49.89 5.65
N ALA E 96 8.82 -48.82 5.54
CA ALA E 96 8.36 -47.50 5.11
C ALA E 96 8.01 -47.50 3.62
N ILE E 97 7.11 -46.58 3.26
CA ILE E 97 6.67 -46.38 1.87
C ILE E 97 7.62 -45.38 1.23
N PRO E 98 8.33 -45.74 0.16
CA PRO E 98 9.19 -44.74 -0.51
C PRO E 98 8.38 -43.87 -1.45
N VAL E 99 8.56 -42.55 -1.35
CA VAL E 99 7.82 -41.59 -2.15
C VAL E 99 8.81 -40.68 -2.88
N GLY E 100 8.79 -40.69 -4.22
CA GLY E 100 9.66 -39.84 -5.02
C GLY E 100 9.01 -38.53 -5.49
N VAL E 101 9.84 -37.51 -5.73
CA VAL E 101 9.35 -36.14 -5.98
C VAL E 101 10.09 -35.50 -7.17
N ASP E 102 9.34 -34.76 -8.02
CA ASP E 102 9.86 -33.82 -9.04
C ASP E 102 9.27 -32.42 -8.80
N VAL E 103 9.98 -31.37 -9.23
CA VAL E 103 9.49 -29.99 -9.17
C VAL E 103 9.80 -29.24 -10.46
N GLN E 104 8.85 -28.42 -10.93
CA GLN E 104 9.01 -27.57 -12.11
C GLN E 104 8.61 -26.14 -11.71
N VAL E 105 9.60 -25.23 -11.69
CA VAL E 105 9.37 -23.84 -11.28
C VAL E 105 8.82 -23.04 -12.45
N GLU E 106 7.63 -22.46 -12.26
CA GLU E 106 6.97 -21.69 -13.31
C GLU E 106 7.33 -20.20 -13.26
N SER E 107 7.46 -19.59 -12.08
CA SER E 107 7.86 -18.18 -12.00
C SER E 107 8.30 -17.83 -10.59
N LEU E 108 9.12 -16.76 -10.51
CA LEU E 108 9.34 -15.99 -9.30
C LEU E 108 8.54 -14.70 -9.41
N ASP E 109 7.70 -14.44 -8.42
CA ASP E 109 6.57 -13.54 -8.57
C ASP E 109 6.80 -12.19 -7.90
N SER E 110 7.48 -12.14 -6.74
CA SER E 110 7.92 -10.89 -6.15
C SER E 110 8.95 -11.19 -5.04
N ILE E 111 9.55 -10.12 -4.48
CA ILE E 111 10.51 -10.21 -3.37
C ILE E 111 10.40 -8.96 -2.50
N SER E 112 10.56 -9.12 -1.18
CA SER E 112 10.51 -7.99 -0.23
C SER E 112 11.75 -7.94 0.64
N GLU E 113 12.45 -6.79 0.63
CA GLU E 113 13.71 -6.69 1.36
C GLU E 113 13.50 -6.30 2.83
N VAL E 114 12.43 -5.56 3.14
CA VAL E 114 12.17 -5.19 4.53
C VAL E 114 11.46 -6.31 5.28
N ASP E 115 10.57 -7.05 4.60
CA ASP E 115 9.94 -8.20 5.24
C ASP E 115 10.80 -9.46 5.17
N MET E 116 11.82 -9.47 4.32
CA MET E 116 12.73 -10.61 4.10
C MET E 116 12.00 -11.89 3.66
N ASP E 117 11.34 -11.83 2.48
CA ASP E 117 10.66 -13.00 1.89
C ASP E 117 10.56 -12.88 0.37
N PHE E 118 10.20 -14.00 -0.28
CA PHE E 118 10.03 -14.10 -1.74
C PHE E 118 8.83 -15.00 -2.05
N THR E 119 8.24 -14.81 -3.24
CA THR E 119 7.04 -15.54 -3.69
C THR E 119 7.32 -16.28 -5.01
N MET E 120 6.82 -17.52 -5.11
CA MET E 120 7.14 -18.48 -6.17
C MET E 120 5.89 -19.28 -6.55
N THR E 121 5.75 -19.61 -7.85
CA THR E 121 4.69 -20.47 -8.35
C THR E 121 5.31 -21.67 -9.06
N LEU E 122 4.78 -22.88 -8.80
CA LEU E 122 5.43 -24.12 -9.24
C LEU E 122 4.43 -25.25 -9.44
N TYR E 123 4.90 -26.32 -10.10
CA TYR E 123 4.23 -27.62 -10.19
C TYR E 123 4.89 -28.66 -9.27
N LEU E 124 4.11 -29.41 -8.51
CA LEU E 124 4.64 -30.41 -7.58
C LEU E 124 4.11 -31.79 -7.92
N ARG E 125 5.01 -32.77 -8.08
CA ARG E 125 4.63 -34.10 -8.54
C ARG E 125 5.15 -35.21 -7.62
N HIS E 126 4.29 -36.19 -7.32
CA HIS E 126 4.56 -37.28 -6.38
C HIS E 126 4.37 -38.66 -7.03
N TYR E 127 5.20 -39.64 -6.65
CA TYR E 127 5.15 -40.99 -7.23
C TYR E 127 5.24 -42.08 -6.15
N TRP E 128 4.36 -43.09 -6.22
CA TRP E 128 4.39 -44.24 -5.31
C TRP E 128 3.53 -45.37 -5.86
N LYS E 129 3.53 -46.53 -5.15
CA LYS E 129 2.76 -47.71 -5.54
C LYS E 129 1.86 -48.18 -4.38
N ASP E 130 0.65 -48.65 -4.71
CA ASP E 130 -0.31 -49.13 -3.72
C ASP E 130 -1.15 -50.24 -4.35
N GLU E 131 -0.95 -51.49 -3.87
CA GLU E 131 -1.62 -52.65 -4.43
C GLU E 131 -3.14 -52.59 -4.26
N ARG E 132 -3.64 -51.76 -3.34
CA ARG E 132 -5.08 -51.65 -3.16
C ARG E 132 -5.76 -50.99 -4.35
N LEU E 133 -5.00 -50.28 -5.18
CA LEU E 133 -5.51 -49.56 -6.35
C LEU E 133 -5.23 -50.27 -7.67
N SER E 134 -4.66 -51.49 -7.66
CA SER E 134 -4.51 -52.27 -8.88
C SER E 134 -5.86 -52.76 -9.39
N PHE E 135 -6.04 -52.74 -10.71
CA PHE E 135 -7.32 -53.02 -11.35
C PHE E 135 -7.16 -53.92 -12.56
N PRO E 136 -8.14 -54.79 -12.84
CA PRO E 136 -8.04 -55.69 -14.00
C PRO E 136 -8.28 -54.97 -15.34
N SER E 137 -7.46 -55.31 -16.34
CA SER E 137 -7.54 -54.72 -17.67
C SER E 137 -6.94 -55.67 -18.71
N THR E 138 -7.52 -55.66 -19.91
CA THR E 138 -6.96 -56.41 -21.03
C THR E 138 -5.78 -55.70 -21.69
N ASN E 139 -5.56 -54.42 -21.36
CA ASN E 139 -4.69 -53.54 -22.14
C ASN E 139 -4.07 -52.50 -21.20
N ASN E 140 -3.01 -51.84 -21.68
CA ASN E 140 -2.15 -51.03 -20.81
C ASN E 140 -2.64 -49.58 -20.58
N LEU E 141 -3.94 -49.30 -20.74
CA LEU E 141 -4.46 -47.95 -20.59
C LEU E 141 -4.60 -47.55 -19.12
N SER E 142 -4.10 -46.36 -18.75
CA SER E 142 -4.26 -45.83 -17.39
C SER E 142 -5.61 -45.13 -17.25
N MET E 143 -5.99 -44.87 -15.99
CA MET E 143 -7.19 -44.10 -15.66
C MET E 143 -6.79 -42.77 -15.01
N THR E 144 -7.59 -41.71 -15.25
CA THR E 144 -7.23 -40.36 -14.80
C THR E 144 -8.42 -39.70 -14.06
N PHE E 145 -8.12 -39.03 -12.94
CA PHE E 145 -9.13 -38.48 -12.03
C PHE E 145 -8.73 -37.09 -11.55
N ASP E 146 -9.68 -36.36 -10.92
CA ASP E 146 -9.44 -35.03 -10.34
C ASP E 146 -9.60 -35.07 -8.81
N GLY E 147 -9.68 -33.89 -8.20
CA GLY E 147 -9.59 -33.77 -6.75
C GLY E 147 -10.72 -34.46 -6.01
N ARG E 148 -11.73 -34.93 -6.73
CA ARG E 148 -12.85 -35.58 -6.07
C ARG E 148 -12.52 -37.02 -5.69
N LEU E 149 -11.46 -37.60 -6.28
CA LEU E 149 -11.00 -38.91 -5.82
C LEU E 149 -10.05 -38.78 -4.64
N VAL E 150 -9.30 -37.67 -4.57
CA VAL E 150 -8.25 -37.49 -3.56
C VAL E 150 -8.80 -37.64 -2.15
N LYS E 151 -10.07 -37.27 -1.96
CA LYS E 151 -10.70 -37.32 -0.65
C LYS E 151 -10.99 -38.75 -0.18
N LYS E 152 -11.03 -39.70 -1.10
CA LYS E 152 -11.48 -41.06 -0.84
C LYS E 152 -10.33 -42.06 -0.70
N ILE E 153 -9.15 -41.77 -1.22
CA ILE E 153 -7.99 -42.67 -1.13
C ILE E 153 -6.92 -42.04 -0.20
N TRP E 154 -5.83 -42.80 0.00
CA TRP E 154 -4.64 -42.29 0.69
C TRP E 154 -3.68 -41.55 -0.26
N VAL E 155 -3.12 -40.43 0.20
CA VAL E 155 -2.07 -39.69 -0.50
C VAL E 155 -1.06 -39.12 0.50
N PRO E 156 0.16 -38.79 0.04
CA PRO E 156 1.19 -38.20 0.91
C PRO E 156 0.80 -36.82 1.45
N ASP E 157 1.52 -36.37 2.49
CA ASP E 157 1.12 -35.20 3.30
C ASP E 157 2.18 -34.08 3.37
N MET E 158 2.72 -33.66 2.21
CA MET E 158 3.80 -32.67 2.16
C MET E 158 3.34 -31.25 2.55
N PHE E 159 4.26 -30.49 3.19
CA PHE E 159 4.05 -29.08 3.51
C PHE E 159 5.37 -28.32 3.30
N PHE E 160 5.28 -26.99 3.17
CA PHE E 160 6.44 -26.13 2.87
C PHE E 160 6.94 -25.53 4.19
N VAL E 161 8.18 -25.89 4.57
CA VAL E 161 8.74 -25.46 5.85
C VAL E 161 9.16 -23.99 5.78
N HIS E 162 8.92 -23.26 6.86
CA HIS E 162 9.22 -21.84 7.05
C HIS E 162 8.47 -20.94 6.07
N SER E 163 7.28 -21.34 5.61
CA SER E 163 6.47 -20.54 4.69
C SER E 163 5.55 -19.58 5.44
N LYS E 164 5.33 -18.40 4.85
CA LYS E 164 4.45 -17.39 5.45
C LYS E 164 2.99 -17.60 5.04
N ARG E 165 2.74 -17.95 3.77
CA ARG E 165 1.40 -18.24 3.24
C ARG E 165 1.53 -18.99 1.92
N SER E 166 0.44 -19.68 1.50
CA SER E 166 0.40 -20.42 0.24
C SER E 166 -1.04 -20.81 -0.15
N PHE E 167 -1.25 -21.14 -1.43
CA PHE E 167 -2.57 -21.62 -1.90
C PHE E 167 -2.45 -22.44 -3.19
N ILE E 168 -3.48 -23.28 -3.43
CA ILE E 168 -3.59 -24.13 -4.62
C ILE E 168 -4.62 -23.52 -5.59
N HIS E 169 -4.30 -23.47 -6.89
CA HIS E 169 -5.13 -22.78 -7.87
C HIS E 169 -6.45 -23.53 -8.15
N ASP E 170 -7.56 -22.77 -8.41
CA ASP E 170 -8.87 -23.40 -8.60
C ASP E 170 -9.75 -22.80 -9.72
N THR E 171 -9.18 -22.38 -10.84
CA THR E 171 -9.96 -21.84 -11.96
C THR E 171 -9.45 -22.44 -13.26
N THR E 172 -10.33 -23.01 -14.09
CA THR E 172 -11.79 -23.05 -13.96
C THR E 172 -12.31 -24.12 -12.96
N THR E 173 -11.41 -25.01 -12.52
CA THR E 173 -11.65 -25.95 -11.42
C THR E 173 -10.29 -26.22 -10.76
N ASP E 174 -10.31 -27.06 -9.71
CA ASP E 174 -9.11 -27.36 -8.92
C ASP E 174 -7.99 -27.92 -9.82
N ASN E 175 -6.82 -27.27 -9.77
CA ASN E 175 -5.70 -27.68 -10.62
C ASN E 175 -4.92 -28.82 -9.94
N VAL E 176 -5.57 -29.99 -9.92
CA VAL E 176 -5.12 -31.21 -9.24
C VAL E 176 -5.45 -32.41 -10.14
N MET E 177 -4.55 -33.40 -10.22
CA MET E 177 -4.73 -34.57 -11.08
C MET E 177 -4.13 -35.83 -10.47
N LEU E 178 -4.81 -36.97 -10.69
CA LEU E 178 -4.36 -38.31 -10.30
C LEU E 178 -4.39 -39.25 -11.51
N ARG E 179 -3.27 -39.92 -11.79
CA ARG E 179 -3.16 -40.89 -12.87
C ARG E 179 -2.76 -42.24 -12.26
N VAL E 180 -3.54 -43.29 -12.55
CA VAL E 180 -3.40 -44.59 -11.91
C VAL E 180 -3.17 -45.67 -12.95
N GLN E 181 -2.13 -46.56 -12.72
CA GLN E 181 -1.80 -47.61 -13.68
C GLN E 181 -2.50 -48.90 -13.26
N PRO E 182 -2.69 -49.84 -14.17
CA PRO E 182 -3.32 -51.11 -13.78
C PRO E 182 -2.57 -51.85 -12.67
N ASP E 183 -1.25 -51.68 -12.57
CA ASP E 183 -0.38 -52.26 -11.56
C ASP E 183 -0.54 -51.61 -10.18
N GLY E 184 -1.25 -50.50 -10.08
CA GLY E 184 -1.36 -49.76 -8.82
C GLY E 184 -0.30 -48.70 -8.57
N LYS E 185 0.47 -48.32 -9.58
CA LYS E 185 1.35 -47.15 -9.49
C LYS E 185 0.53 -45.87 -9.69
N VAL E 186 0.88 -44.81 -8.94
CA VAL E 186 0.12 -43.57 -8.92
C VAL E 186 1.03 -42.37 -9.18
N LEU E 187 0.55 -41.43 -10.01
CA LEU E 187 1.12 -40.08 -10.13
C LEU E 187 0.11 -39.07 -9.61
N TYR E 188 0.56 -38.17 -8.73
CA TYR E 188 -0.28 -37.17 -8.07
C TYR E 188 0.35 -35.80 -8.31
N SER E 189 -0.42 -34.87 -8.91
CA SER E 189 0.14 -33.63 -9.46
C SER E 189 -0.73 -32.42 -9.12
N LEU E 190 -0.09 -31.28 -8.78
CA LEU E 190 -0.82 -30.04 -8.43
C LEU E 190 0.03 -28.80 -8.69
N ARG E 191 -0.65 -27.66 -8.89
CA ARG E 191 -0.06 -26.35 -9.17
C ARG E 191 -0.32 -25.41 -7.99
N VAL E 192 0.72 -24.70 -7.51
CA VAL E 192 0.68 -24.04 -6.21
C VAL E 192 1.57 -22.78 -6.18
N THR E 193 1.14 -21.77 -5.38
CA THR E 193 1.91 -20.54 -5.11
C THR E 193 2.25 -20.44 -3.62
N VAL E 194 3.51 -20.09 -3.31
CA VAL E 194 4.01 -20.06 -1.93
C VAL E 194 4.89 -18.82 -1.70
N THR E 195 4.77 -18.23 -0.49
CA THR E 195 5.66 -17.16 0.00
C THR E 195 6.48 -17.67 1.17
N ALA E 196 7.81 -17.51 1.08
CA ALA E 196 8.76 -18.13 2.01
C ALA E 196 9.79 -17.12 2.49
N MET E 197 10.32 -17.35 3.71
CA MET E 197 11.22 -16.37 4.33
C MET E 197 12.63 -16.61 3.86
N CYS E 198 13.40 -15.51 3.74
CA CYS E 198 14.80 -15.60 3.35
C CYS E 198 15.54 -14.49 4.09
N ASN E 199 16.31 -14.86 5.11
CA ASN E 199 17.00 -13.88 5.96
C ASN E 199 18.12 -13.19 5.19
N MET E 200 18.14 -11.85 5.19
CA MET E 200 19.07 -11.06 4.37
C MET E 200 19.98 -10.17 5.22
N ASP E 201 21.23 -9.97 4.79
CA ASP E 201 22.19 -9.07 5.42
C ASP E 201 22.61 -8.00 4.41
N PHE E 202 22.45 -6.73 4.79
CA PHE E 202 22.63 -5.60 3.89
C PHE E 202 23.87 -4.77 4.24
N SER E 203 24.77 -5.32 5.06
CA SER E 203 25.90 -4.54 5.55
C SER E 203 26.80 -4.05 4.42
N ARG E 204 26.93 -4.85 3.36
CA ARG E 204 27.79 -4.52 2.23
C ARG E 204 27.05 -3.82 1.09
N PHE E 205 25.78 -3.45 1.28
CA PHE E 205 24.96 -2.85 0.23
C PHE E 205 25.65 -1.62 -0.36
N PRO E 206 25.65 -1.46 -1.70
CA PRO E 206 25.00 -2.29 -2.72
C PRO E 206 25.81 -3.46 -3.25
N LEU E 207 26.92 -3.82 -2.60
CA LEU E 207 27.77 -4.89 -3.10
C LEU E 207 27.45 -6.23 -2.42
N ASP E 208 26.22 -6.40 -1.92
CA ASP E 208 25.82 -7.62 -1.21
C ASP E 208 25.42 -8.73 -2.17
N THR E 209 25.48 -9.97 -1.67
CA THR E 209 25.01 -11.17 -2.37
C THR E 209 24.14 -11.97 -1.40
N GLN E 210 22.97 -12.42 -1.86
CA GLN E 210 22.02 -13.14 -1.02
C GLN E 210 21.79 -14.56 -1.57
N THR E 211 21.64 -15.54 -0.66
CA THR E 211 21.26 -16.91 -1.00
C THR E 211 19.97 -17.31 -0.30
N CYS E 212 19.06 -17.94 -1.05
CA CYS E 212 17.72 -18.31 -0.57
C CYS E 212 17.40 -19.76 -0.92
N SER E 213 16.42 -20.34 -0.22
CA SER E 213 16.02 -21.73 -0.45
C SER E 213 14.57 -21.98 -0.03
N LEU E 214 13.97 -23.00 -0.68
CA LEU E 214 12.62 -23.50 -0.40
C LEU E 214 12.70 -24.94 0.07
N GLU E 215 11.88 -25.30 1.08
CA GLU E 215 12.04 -26.55 1.83
C GLU E 215 10.74 -27.35 1.89
N ILE E 216 10.85 -28.69 1.74
CA ILE E 216 9.70 -29.59 1.62
C ILE E 216 9.83 -30.79 2.59
N GLU E 217 8.73 -31.14 3.26
CA GLU E 217 8.72 -32.14 4.34
C GLU E 217 7.32 -32.72 4.56
N SER E 218 7.28 -33.94 5.13
CA SER E 218 6.02 -34.59 5.55
C SER E 218 5.58 -34.05 6.91
N TYR E 219 4.27 -33.76 7.04
CA TYR E 219 3.79 -33.17 8.29
C TYR E 219 3.67 -34.19 9.40
N ALA E 220 3.30 -35.45 9.08
CA ALA E 220 2.97 -36.41 10.14
C ALA E 220 3.81 -37.69 10.20
N TYR E 221 4.61 -38.03 9.19
CA TYR E 221 5.29 -39.33 9.14
C TYR E 221 6.82 -39.16 9.27
N THR E 222 7.41 -39.85 10.24
CA THR E 222 8.86 -39.97 10.37
C THR E 222 9.40 -40.98 9.36
N GLU E 223 10.72 -41.08 9.30
CA GLU E 223 11.41 -41.92 8.32
C GLU E 223 11.18 -43.40 8.57
N ASP E 224 10.61 -43.76 9.72
CA ASP E 224 10.20 -45.14 10.01
C ASP E 224 8.96 -45.57 9.22
N ASP E 225 8.18 -44.62 8.71
CA ASP E 225 6.94 -44.92 8.00
C ASP E 225 6.93 -44.43 6.55
N LEU E 226 7.61 -43.32 6.24
CA LEU E 226 7.64 -42.75 4.90
C LEU E 226 9.06 -42.30 4.59
N MET E 227 9.58 -42.64 3.40
CA MET E 227 10.93 -42.26 2.97
C MET E 227 10.82 -41.36 1.74
N LEU E 228 11.27 -40.10 1.89
CA LEU E 228 11.08 -39.05 0.89
C LEU E 228 12.39 -38.73 0.17
N TYR E 229 12.34 -38.67 -1.17
CA TYR E 229 13.57 -38.49 -1.96
C TYR E 229 13.30 -37.85 -3.32
N TRP E 230 14.35 -37.24 -3.90
CA TRP E 230 14.31 -36.67 -5.25
C TRP E 230 14.36 -37.80 -6.28
N LYS E 231 13.38 -37.85 -7.20
CA LYS E 231 13.22 -39.07 -8.00
C LYS E 231 14.39 -39.31 -8.98
N LYS E 232 15.05 -38.25 -9.45
CA LYS E 232 16.08 -38.39 -10.46
C LYS E 232 17.36 -37.64 -10.10
N GLY E 233 17.60 -37.38 -8.82
CA GLY E 233 18.77 -36.58 -8.51
C GLY E 233 18.53 -35.13 -8.89
N ASN E 234 19.61 -34.44 -9.27
CA ASN E 234 19.44 -33.06 -9.68
C ASN E 234 18.65 -32.90 -10.95
N ASP E 235 18.39 -33.98 -11.68
CA ASP E 235 17.55 -33.92 -12.88
C ASP E 235 16.08 -33.75 -12.51
N SER E 236 15.75 -33.81 -11.22
CA SER E 236 14.38 -33.70 -10.73
C SER E 236 13.86 -32.26 -10.72
N LEU E 237 14.71 -31.27 -10.99
CA LEU E 237 14.33 -29.86 -10.88
C LEU E 237 14.43 -29.23 -12.27
N LYS E 238 13.35 -28.59 -12.70
CA LYS E 238 13.32 -27.82 -13.94
C LYS E 238 12.85 -26.39 -13.64
N THR E 239 13.36 -25.43 -14.42
CA THR E 239 13.06 -24.01 -14.26
C THR E 239 12.74 -23.36 -15.61
N ASP E 240 11.75 -22.46 -15.60
CA ASP E 240 11.20 -21.86 -16.80
C ASP E 240 12.25 -21.03 -17.55
N GLU E 241 12.24 -21.11 -18.88
CA GLU E 241 13.28 -20.46 -19.68
C GLU E 241 13.19 -18.94 -19.65
N ARG E 242 12.09 -18.35 -19.15
CA ARG E 242 11.93 -16.90 -19.16
C ARG E 242 11.87 -16.33 -17.73
N ILE E 243 12.52 -16.98 -16.76
CA ILE E 243 12.38 -16.59 -15.36
C ILE E 243 13.30 -15.41 -15.07
N SER E 244 12.76 -14.37 -14.42
CA SER E 244 13.51 -13.14 -14.17
C SER E 244 12.85 -12.29 -13.08
N LEU E 245 13.61 -11.31 -12.58
CA LEU E 245 13.18 -10.31 -11.62
C LEU E 245 13.56 -8.92 -12.12
N SER E 246 12.77 -7.92 -11.72
CA SER E 246 13.02 -6.55 -12.20
C SER E 246 14.26 -5.93 -11.56
N GLN E 247 14.66 -6.40 -10.38
CA GLN E 247 15.65 -5.72 -9.55
C GLN E 247 16.87 -6.58 -9.25
N PHE E 248 16.93 -7.83 -9.71
CA PHE E 248 18.02 -8.75 -9.36
C PHE E 248 18.40 -9.63 -10.55
N LEU E 249 19.63 -10.17 -10.50
CA LEU E 249 20.10 -11.26 -11.35
C LEU E 249 20.04 -12.57 -10.56
N ILE E 250 19.44 -13.61 -11.16
CA ILE E 250 19.23 -14.90 -10.50
C ILE E 250 20.15 -15.94 -11.13
N GLN E 251 20.77 -16.80 -10.29
CA GLN E 251 21.69 -17.81 -10.80
C GLN E 251 21.85 -18.99 -9.83
N GLU E 252 22.30 -20.13 -10.39
CA GLU E 252 22.80 -21.30 -9.67
C GLU E 252 21.71 -22.07 -8.90
N PHE E 253 20.65 -22.48 -9.63
CA PHE E 253 19.60 -23.36 -9.09
C PHE E 253 20.14 -24.78 -8.93
N HIS E 254 19.98 -25.38 -7.73
CA HIS E 254 20.43 -26.76 -7.47
C HIS E 254 19.70 -27.35 -6.26
N THR E 255 19.70 -28.69 -6.14
CA THR E 255 18.96 -29.41 -5.09
C THR E 255 19.86 -30.10 -4.05
N THR E 256 19.38 -30.18 -2.79
CA THR E 256 20.05 -30.90 -1.68
C THR E 256 18.99 -31.56 -0.77
N THR E 257 19.46 -32.42 0.17
CA THR E 257 18.60 -33.05 1.19
C THR E 257 19.31 -33.09 2.54
N LYS E 258 18.54 -33.18 3.63
CA LYS E 258 19.10 -33.25 4.98
C LYS E 258 18.10 -33.85 5.97
N LEU E 259 18.62 -34.57 6.98
CA LEU E 259 17.80 -35.16 8.04
C LEU E 259 17.59 -34.17 9.18
N ALA E 260 16.37 -34.13 9.73
CA ALA E 260 16.00 -33.17 10.78
C ALA E 260 15.30 -33.90 11.91
N PHE E 261 15.39 -33.34 13.14
CA PHE E 261 14.93 -34.02 14.36
C PHE E 261 13.99 -33.14 15.19
N TYR E 262 12.89 -33.75 15.66
CA TYR E 262 11.93 -33.11 16.56
C TYR E 262 11.71 -34.01 17.76
N SER E 263 11.92 -33.48 18.98
CA SER E 263 11.99 -34.35 20.16
C SER E 263 10.66 -35.00 20.50
N SER E 264 9.54 -34.40 20.11
CA SER E 264 8.22 -34.97 20.33
C SER E 264 7.87 -36.12 19.40
N THR E 265 8.60 -36.30 18.28
CA THR E 265 8.21 -37.31 17.29
C THR E 265 9.35 -38.14 16.72
N GLY E 266 10.48 -37.51 16.40
CA GLY E 266 11.61 -38.25 15.83
C GLY E 266 12.27 -37.62 14.61
N TRP E 267 12.77 -38.44 13.68
CA TRP E 267 13.60 -38.00 12.55
C TRP E 267 12.82 -37.95 11.24
N TYR E 268 13.10 -36.94 10.41
CA TYR E 268 12.44 -36.68 9.12
C TYR E 268 13.49 -36.31 8.06
N ASN E 269 13.25 -36.69 6.79
CA ASN E 269 14.10 -36.21 5.70
C ASN E 269 13.46 -35.01 5.02
N ARG E 270 14.30 -34.01 4.68
CA ARG E 270 13.85 -32.74 4.11
C ARG E 270 14.54 -32.48 2.76
N LEU E 271 13.78 -31.96 1.79
CA LEU E 271 14.30 -31.61 0.47
C LEU E 271 14.46 -30.09 0.33
N TYR E 272 15.53 -29.67 -0.38
CA TYR E 272 15.87 -28.25 -0.57
C TYR E 272 16.04 -27.91 -2.05
N ILE E 273 15.55 -26.72 -2.43
CA ILE E 273 15.85 -26.02 -3.68
C ILE E 273 16.60 -24.72 -3.33
N ASN E 274 17.78 -24.50 -3.92
CA ASN E 274 18.72 -23.43 -3.56
C ASN E 274 18.97 -22.47 -4.75
N PHE E 275 19.13 -21.15 -4.48
CA PHE E 275 19.47 -20.19 -5.53
C PHE E 275 20.15 -18.93 -4.95
N THR E 276 20.78 -18.12 -5.85
CA THR E 276 21.58 -16.94 -5.49
C THR E 276 21.13 -15.66 -6.22
N LEU E 277 21.20 -14.49 -5.53
CA LEU E 277 20.75 -13.20 -6.03
C LEU E 277 21.88 -12.16 -6.02
N ARG E 278 21.96 -11.31 -7.07
CA ARG E 278 22.97 -10.25 -7.18
C ARG E 278 22.37 -9.00 -7.85
N ARG E 279 23.00 -7.83 -7.64
CA ARG E 279 22.53 -6.54 -8.14
C ARG E 279 23.32 -6.05 -9.37
N HIS E 280 22.75 -5.07 -10.07
CA HIS E 280 23.38 -4.33 -11.19
C HIS E 280 24.31 -3.22 -10.64
N ILE E 281 25.62 -3.45 -10.57
CA ILE E 281 26.49 -2.58 -9.76
C ILE E 281 26.63 -1.17 -10.37
N PHE E 282 26.74 -1.07 -11.70
CA PHE E 282 27.04 0.21 -12.32
C PHE E 282 25.89 1.22 -12.22
N PHE E 283 24.65 0.74 -12.03
CA PHE E 283 23.53 1.63 -11.79
C PHE E 283 23.71 2.39 -10.49
N PHE E 284 24.15 1.69 -9.44
CA PHE E 284 24.29 2.32 -8.14
C PHE E 284 25.53 3.22 -8.10
N LEU E 285 26.61 2.81 -8.79
CA LEU E 285 27.76 3.70 -8.89
C LEU E 285 27.38 5.04 -9.52
N LEU E 286 26.64 4.98 -10.65
CA LEU E 286 26.26 6.21 -11.36
C LEU E 286 25.33 7.09 -10.53
N GLN E 287 24.39 6.51 -9.81
CA GLN E 287 23.38 7.31 -9.12
C GLN E 287 23.83 7.80 -7.74
N THR E 288 24.88 7.22 -7.14
CA THR E 288 25.20 7.48 -5.74
C THR E 288 26.64 7.92 -5.55
N TYR E 289 27.62 7.15 -6.01
CA TYR E 289 29.03 7.47 -5.74
C TYR E 289 29.60 8.61 -6.61
N PHE E 290 29.17 8.69 -7.86
CA PHE E 290 29.67 9.67 -8.81
C PHE E 290 29.31 11.11 -8.42
N PRO E 291 28.06 11.42 -8.03
CA PRO E 291 27.76 12.83 -7.65
C PRO E 291 28.54 13.30 -6.44
N ALA E 292 28.72 12.44 -5.44
CA ALA E 292 29.40 12.86 -4.21
C ALA E 292 30.87 13.16 -4.52
N THR E 293 31.46 12.40 -5.44
CA THR E 293 32.84 12.62 -5.81
C THR E 293 33.03 13.93 -6.58
N LEU E 294 32.07 14.25 -7.46
CA LEU E 294 32.15 15.52 -8.17
C LEU E 294 32.03 16.72 -7.23
N MET E 295 31.18 16.62 -6.19
CA MET E 295 31.04 17.75 -5.29
C MET E 295 32.30 17.94 -4.42
N VAL E 296 32.95 16.85 -4.02
CA VAL E 296 34.22 17.00 -3.31
C VAL E 296 35.23 17.73 -4.18
N MET E 297 35.26 17.41 -5.48
CA MET E 297 36.24 18.08 -6.35
C MET E 297 35.91 19.56 -6.56
N LEU E 298 34.62 19.91 -6.61
CA LEU E 298 34.28 21.33 -6.71
C LEU E 298 34.72 22.10 -5.46
N SER E 299 34.72 21.46 -4.28
CA SER E 299 35.12 22.22 -3.08
C SER E 299 36.60 22.63 -3.13
N TRP E 300 37.42 21.91 -3.91
CA TRP E 300 38.86 22.17 -4.04
C TRP E 300 39.16 23.38 -4.92
N VAL E 301 38.23 23.77 -5.79
CA VAL E 301 38.41 24.92 -6.69
C VAL E 301 38.67 26.19 -5.90
N SER E 302 38.19 26.25 -4.67
CA SER E 302 38.31 27.44 -3.85
C SER E 302 39.77 27.80 -3.54
N PHE E 303 40.66 26.80 -3.44
CA PHE E 303 42.05 27.03 -3.10
C PHE E 303 42.82 27.78 -4.20
N TRP E 304 42.19 28.01 -5.36
CA TRP E 304 42.82 28.64 -6.53
C TRP E 304 42.25 30.02 -6.84
N ILE E 305 41.38 30.54 -5.97
CA ILE E 305 40.72 31.84 -6.06
C ILE E 305 41.39 32.76 -5.04
N ASP E 306 41.58 34.03 -5.44
CA ASP E 306 42.29 35.06 -4.67
C ASP E 306 41.66 35.27 -3.30
N ARG E 307 42.51 35.28 -2.27
CA ARG E 307 42.02 35.37 -0.89
C ARG E 307 41.40 36.73 -0.57
N ARG E 308 41.61 37.73 -1.43
CA ARG E 308 41.08 39.06 -1.20
C ARG E 308 39.60 39.14 -1.56
N ALA E 309 39.10 38.17 -2.33
CA ALA E 309 37.70 38.20 -2.78
C ALA E 309 36.76 37.54 -1.79
N VAL E 310 36.54 38.22 -0.65
CA VAL E 310 35.72 37.64 0.41
C VAL E 310 34.30 37.36 -0.07
N PRO E 311 33.63 38.26 -0.80
CA PRO E 311 32.26 37.96 -1.26
C PRO E 311 32.21 36.92 -2.35
N ALA E 312 33.34 36.42 -2.84
CA ALA E 312 33.32 35.25 -3.70
C ALA E 312 33.65 33.97 -2.96
N ARG E 313 34.67 34.00 -2.09
CA ARG E 313 35.10 32.77 -1.41
C ARG E 313 34.05 32.29 -0.41
N VAL E 314 33.30 33.21 0.21
CA VAL E 314 32.41 32.78 1.30
C VAL E 314 31.14 32.14 0.74
N PRO E 315 30.47 32.67 -0.29
CA PRO E 315 29.23 32.00 -0.74
C PRO E 315 29.46 30.63 -1.40
N LEU E 316 30.64 30.41 -1.99
CA LEU E 316 30.93 29.18 -2.70
C LEU E 316 30.92 27.98 -1.75
N GLY E 317 31.56 28.14 -0.60
CA GLY E 317 31.60 27.08 0.40
C GLY E 317 30.26 26.64 0.95
N ILE E 318 29.48 27.61 1.43
CA ILE E 318 28.21 27.28 2.06
C ILE E 318 27.21 26.75 1.04
N THR E 319 27.30 27.20 -0.22
CA THR E 319 26.41 26.61 -1.23
C THR E 319 26.86 25.19 -1.63
N THR E 320 28.15 24.88 -1.55
CA THR E 320 28.56 23.50 -1.75
C THR E 320 28.07 22.57 -0.63
N VAL E 321 28.06 23.08 0.62
CA VAL E 321 27.53 22.30 1.73
C VAL E 321 26.04 22.01 1.54
N LEU E 322 25.27 23.03 1.10
CA LEU E 322 23.86 22.83 0.82
C LEU E 322 23.64 21.77 -0.27
N THR E 323 24.45 21.80 -1.31
CA THR E 323 24.25 20.86 -2.42
C THR E 323 24.54 19.41 -2.00
N MET E 324 25.61 19.22 -1.21
CA MET E 324 25.88 17.86 -0.71
C MET E 324 24.74 17.36 0.18
N SER E 325 24.17 18.28 0.97
CA SER E 325 23.09 17.91 1.89
C SER E 325 21.84 17.44 1.14
N THR E 326 21.45 18.15 0.08
CA THR E 326 20.26 17.70 -0.65
C THR E 326 20.49 16.37 -1.36
N ILE E 327 21.73 16.12 -1.82
CA ILE E 327 22.01 14.82 -2.44
C ILE E 327 21.82 13.68 -1.44
N ILE E 328 22.35 13.84 -0.22
CA ILE E 328 22.28 12.75 0.75
C ILE E 328 20.84 12.53 1.20
N THR E 329 20.05 13.61 1.28
CA THR E 329 18.64 13.46 1.65
C THR E 329 17.85 12.68 0.61
N GLY E 330 18.15 12.89 -0.67
CA GLY E 330 17.41 12.17 -1.72
C GLY E 330 17.76 10.70 -1.73
N VAL E 331 19.03 10.38 -1.49
CA VAL E 331 19.41 8.97 -1.46
C VAL E 331 18.71 8.27 -0.30
N ASN E 332 18.66 8.93 0.86
CA ASN E 332 18.04 8.30 2.03
C ASN E 332 16.55 8.09 1.80
N ALA E 333 15.89 9.03 1.14
CA ALA E 333 14.46 8.87 0.87
C ALA E 333 14.17 7.77 -0.14
N SER E 334 15.15 7.38 -0.95
CA SER E 334 14.89 6.39 -2.00
C SER E 334 15.15 4.94 -1.59
N MET E 335 15.90 4.71 -0.51
CA MET E 335 16.41 3.40 -0.10
C MET E 335 15.41 2.60 0.74
N PRO E 336 15.51 1.26 0.76
CA PRO E 336 14.62 0.48 1.63
C PRO E 336 14.93 0.75 3.09
N ARG E 337 13.89 0.61 3.93
CA ARG E 337 13.91 1.13 5.30
C ARG E 337 14.63 0.21 6.30
N VAL E 338 15.91 -0.06 6.04
CA VAL E 338 16.73 -0.97 6.85
C VAL E 338 17.57 -0.10 7.78
N SER E 339 17.21 -0.07 9.07
CA SER E 339 17.78 0.89 10.01
C SER E 339 19.05 0.42 10.72
N TYR E 340 20.09 0.12 9.94
CA TYR E 340 21.46 -0.07 10.41
C TYR E 340 22.44 0.37 9.31
N ILE E 341 23.72 0.53 9.70
CA ILE E 341 24.69 1.23 8.86
C ILE E 341 25.18 0.33 7.74
N LYS E 342 25.25 0.89 6.51
CA LYS E 342 25.58 0.15 5.30
C LYS E 342 26.77 0.80 4.59
N ALA E 343 27.43 0.02 3.72
CA ALA E 343 28.70 0.45 3.12
C ALA E 343 28.60 1.78 2.39
N VAL E 344 27.44 2.09 1.80
CA VAL E 344 27.24 3.32 1.04
C VAL E 344 27.02 4.53 1.97
N ASP E 345 26.49 4.28 3.17
CA ASP E 345 26.37 5.31 4.19
C ASP E 345 27.73 5.89 4.56
N ILE E 346 28.73 5.03 4.67
CA ILE E 346 30.05 5.43 5.16
C ILE E 346 30.70 6.38 4.15
N TYR E 347 30.51 6.08 2.87
CA TYR E 347 31.13 6.85 1.79
C TYR E 347 30.51 8.24 1.74
N LEU E 348 29.17 8.30 1.88
CA LEU E 348 28.54 9.62 1.82
C LEU E 348 28.91 10.52 3.00
N TRP E 349 28.96 9.97 4.24
CA TRP E 349 29.23 10.90 5.35
C TRP E 349 30.71 11.29 5.41
N VAL E 350 31.62 10.45 4.93
CA VAL E 350 33.02 10.90 4.82
C VAL E 350 33.15 12.03 3.78
N SER E 351 32.44 11.93 2.66
CA SER E 351 32.51 13.03 1.69
C SER E 351 31.93 14.33 2.26
N PHE E 352 30.89 14.22 3.09
CA PHE E 352 30.33 15.43 3.71
C PHE E 352 31.36 16.11 4.62
N VAL E 353 32.14 15.31 5.35
CA VAL E 353 33.15 15.91 6.25
C VAL E 353 34.26 16.61 5.46
N PHE E 354 34.68 16.02 4.33
CA PHE E 354 35.68 16.73 3.50
C PHE E 354 35.19 18.12 3.07
N VAL E 355 33.91 18.21 2.67
CA VAL E 355 33.44 19.53 2.22
C VAL E 355 33.37 20.52 3.39
N PHE E 356 32.98 20.07 4.59
CA PHE E 356 32.91 20.93 5.78
C PHE E 356 34.29 21.50 6.14
N LEU E 357 35.32 20.66 6.05
CA LEU E 357 36.65 21.09 6.40
C LEU E 357 37.20 22.13 5.42
N SER E 358 36.76 22.07 4.15
CA SER E 358 37.19 23.13 3.22
C SER E 358 36.64 24.50 3.60
N VAL E 359 35.52 24.57 4.32
CA VAL E 359 34.94 25.85 4.76
C VAL E 359 35.70 26.38 5.97
N LEU E 360 36.17 25.49 6.83
CA LEU E 360 37.01 25.96 7.94
C LEU E 360 38.38 26.50 7.47
N GLU E 361 38.92 25.96 6.37
CA GLU E 361 40.22 26.41 5.87
C GLU E 361 40.25 27.91 5.54
N TYR E 362 39.22 28.40 4.84
CA TYR E 362 39.26 29.81 4.44
C TYR E 362 38.99 30.74 5.62
N ALA E 363 38.21 30.28 6.60
CA ALA E 363 37.99 31.09 7.80
C ALA E 363 39.31 31.36 8.51
N ALA E 364 40.18 30.35 8.56
CA ALA E 364 41.51 30.58 9.13
C ALA E 364 42.31 31.58 8.30
N VAL E 365 42.33 31.40 6.97
CA VAL E 365 43.12 32.29 6.10
C VAL E 365 42.68 33.75 6.24
N ASN E 366 41.36 33.98 6.22
CA ASN E 366 40.82 35.33 6.28
C ASN E 366 41.11 35.98 7.63
N TYR E 367 40.97 35.20 8.72
CA TYR E 367 41.25 35.77 10.04
C TYR E 367 42.70 36.19 10.18
N LEU E 368 43.64 35.31 9.78
CA LEU E 368 45.06 35.65 9.96
C LEU E 368 45.49 36.78 9.04
N THR E 369 44.91 36.83 7.83
CA THR E 369 45.17 37.95 6.94
C THR E 369 44.75 39.28 7.56
N THR E 370 43.59 39.27 8.22
CA THR E 370 43.04 40.47 8.85
C THR E 370 43.91 40.91 10.04
N VAL E 371 44.40 39.92 10.79
CA VAL E 371 45.26 40.21 11.94
C VAL E 371 46.56 40.84 11.48
N GLN E 372 47.13 40.35 10.37
CA GLN E 372 48.38 40.96 9.90
C GLN E 372 48.15 42.38 9.39
N GLU E 373 47.04 42.60 8.68
CA GLU E 373 46.71 43.93 8.17
C GLU E 373 46.54 44.92 9.32
N ARG E 374 46.00 44.44 10.45
CA ARG E 374 45.81 45.31 11.61
C ARG E 374 47.14 45.61 12.30
N LYS E 375 48.00 44.58 12.40
CA LYS E 375 49.29 44.73 13.04
C LYS E 375 50.22 45.64 12.24
N GLU E 376 50.24 45.46 10.92
CA GLU E 376 51.15 46.21 10.07
C GLU E 376 50.68 47.66 9.90
N GLN E 377 49.38 47.90 9.99
CA GLN E 377 48.84 49.26 10.06
C GLN E 377 49.08 49.80 11.47
N ASP E 451 50.16 38.01 -2.95
CA ASP E 451 50.76 36.68 -2.89
C ASP E 451 49.88 35.66 -2.14
N THR E 452 50.07 34.39 -2.49
CA THR E 452 49.30 33.28 -1.92
C THR E 452 49.76 32.95 -0.49
N HIS E 453 48.78 32.66 0.39
CA HIS E 453 49.04 32.30 1.78
C HIS E 453 49.47 30.83 1.86
N ALA E 454 50.31 30.52 2.85
CA ALA E 454 50.87 29.17 2.94
C ALA E 454 49.81 28.11 3.14
N ILE E 455 48.69 28.47 3.80
CA ILE E 455 47.66 27.46 4.04
C ILE E 455 47.02 27.01 2.72
N ASP E 456 46.83 27.94 1.77
CA ASP E 456 46.28 27.54 0.46
C ASP E 456 47.28 26.65 -0.28
N LYS E 457 48.55 27.04 -0.25
CA LYS E 457 49.60 26.27 -0.93
C LYS E 457 49.59 24.83 -0.48
N TYR E 458 49.44 24.61 0.84
CA TYR E 458 49.49 23.24 1.32
C TYR E 458 48.19 22.51 1.04
N SER E 459 47.06 23.22 1.12
CA SER E 459 45.76 22.56 0.92
C SER E 459 45.62 22.02 -0.49
N ARG E 460 46.23 22.73 -1.48
CA ARG E 460 46.17 22.32 -2.88
C ARG E 460 46.76 20.92 -3.09
N ILE E 461 47.61 20.48 -2.18
CA ILE E 461 48.28 19.19 -2.27
C ILE E 461 47.62 18.19 -1.32
N ILE E 462 47.32 18.64 -0.11
CA ILE E 462 46.98 17.71 0.95
C ILE E 462 45.55 17.19 0.84
N PHE E 463 44.59 18.04 0.42
CA PHE E 463 43.21 17.54 0.36
C PHE E 463 43.05 16.43 -0.68
N PRO E 464 43.55 16.57 -1.92
CA PRO E 464 43.45 15.44 -2.88
C PRO E 464 44.15 14.16 -2.44
N ALA E 465 45.35 14.27 -1.86
CA ALA E 465 46.12 13.10 -1.44
C ALA E 465 45.37 12.30 -0.38
N ALA E 466 44.73 13.01 0.54
CA ALA E 466 43.99 12.34 1.61
C ALA E 466 42.78 11.62 1.06
N TYR E 467 42.08 12.24 0.10
CA TYR E 467 40.89 11.58 -0.46
C TYR E 467 41.27 10.35 -1.29
N ILE E 468 42.41 10.40 -2.00
CA ILE E 468 42.89 9.22 -2.71
C ILE E 468 43.21 8.08 -1.74
N LEU E 469 43.85 8.42 -0.61
CA LEU E 469 44.19 7.40 0.39
C LEU E 469 42.94 6.74 0.97
N PHE E 470 41.91 7.56 1.23
CA PHE E 470 40.64 7.03 1.73
C PHE E 470 40.04 6.05 0.74
N ASN E 471 40.03 6.42 -0.56
CA ASN E 471 39.42 5.53 -1.55
C ASN E 471 40.16 4.21 -1.65
N LEU E 472 41.50 4.24 -1.61
CA LEU E 472 42.26 2.99 -1.68
C LEU E 472 41.93 2.06 -0.52
N ILE E 473 41.83 2.61 0.69
CA ILE E 473 41.48 1.76 1.83
C ILE E 473 40.06 1.21 1.71
N TYR E 474 39.11 2.10 1.37
CA TYR E 474 37.71 1.71 1.30
C TYR E 474 37.48 0.58 0.30
N TRP E 475 38.03 0.70 -0.90
CA TRP E 475 37.82 -0.32 -1.91
C TRP E 475 38.65 -1.58 -1.67
N SER E 476 39.70 -1.50 -0.81
CA SER E 476 40.33 -2.75 -0.39
C SER E 476 39.49 -3.47 0.66
N ILE E 477 38.60 -2.75 1.35
CA ILE E 477 37.75 -3.41 2.34
C ILE E 477 36.50 -4.02 1.70
N PHE E 478 35.87 -3.31 0.76
CA PHE E 478 34.61 -3.75 0.19
C PHE E 478 34.78 -4.39 -1.19
N SER E 479 35.98 -4.31 -1.75
CA SER E 479 36.44 -5.09 -2.91
C SER E 479 35.60 -4.98 -4.18
C1 NAG F . -31.42 -25.08 42.73
C2 NAG F . -32.87 -24.59 42.71
C3 NAG F . -33.73 -25.42 43.66
C4 NAG F . -33.59 -26.90 43.33
C5 NAG F . -32.11 -27.30 43.34
C6 NAG F . -31.89 -28.73 42.92
C7 NAG F . -33.02 -22.20 42.15
C8 NAG F . -33.09 -20.81 42.69
N2 NAG F . -32.95 -23.17 43.06
O3 NAG F . -35.09 -25.03 43.53
O4 NAG F . -34.28 -27.67 44.31
O5 NAG F . -31.39 -26.48 42.42
O6 NAG F . -30.57 -29.16 43.24
O7 NAG F . -33.03 -22.43 40.94
C1 NAG G . -25.95 7.11 29.41
C2 NAG G . -27.22 7.96 29.34
C3 NAG G . -27.00 9.20 28.48
C4 NAG G . -25.77 9.97 28.97
C5 NAG G . -24.57 9.04 29.06
C6 NAG G . -23.35 9.71 29.66
C7 NAG G . -29.17 6.50 29.64
C8 NAG G . -30.28 5.75 28.95
N2 NAG G . -28.34 7.18 28.84
O3 NAG G . -28.15 10.03 28.53
O4 NAG G . -25.48 11.03 28.08
O5 NAG G . -24.87 7.91 29.90
O6 NAG G . -23.26 11.07 29.26
O7 NAG G . -29.06 6.49 30.85
C1 OCT H . 5.37 56.54 -1.10
C2 OCT H . 5.60 55.19 -1.77
C3 OCT H . 5.24 54.07 -0.80
C4 OCT H . 5.48 52.72 -1.46
C5 OCT H . 5.13 51.59 -0.47
C6 OCT H . 5.37 50.23 -1.14
C7 OCT H . 5.01 49.12 -0.16
C8 OCT H . 5.24 47.77 -0.82
C1 OCT I . 4.74 50.30 4.29
C2 OCT I . 4.10 51.56 3.70
C3 OCT I . 5.07 52.73 3.78
C4 OCT I . 4.40 53.98 3.23
C5 OCT I . 5.39 55.15 3.29
C6 OCT I . 4.73 56.42 2.77
C7 OCT I . 5.70 57.59 2.90
C8 OCT I . 5.08 58.85 2.31
C1 HEX J . 9.63 48.13 17.83
C2 HEX J . 9.63 49.20 16.74
C3 HEX J . 10.66 50.28 17.04
C4 HEX J . 10.70 51.27 15.89
C5 HEX J . 11.62 52.44 16.21
C6 HEX J . 11.50 53.50 15.11
C1 D10 K . 6.16 22.63 22.38
C2 D10 K . 5.10 23.67 22.03
C3 D10 K . 5.57 24.67 20.99
C4 D10 K . 4.50 25.67 20.62
C5 D10 K . 4.95 26.70 19.59
C6 D10 K . 3.79 27.55 19.09
C7 D10 K . 4.21 28.67 18.13
C8 D10 K . 3.04 29.50 17.64
C9 D10 K . 3.46 30.82 17.03
C10 D10 K . 2.28 31.70 16.65
C1 HEX L . -11.72 32.39 7.39
C2 HEX L . -10.67 33.43 7.05
C3 HEX L . -10.29 34.21 8.30
C4 HEX L . -9.23 35.25 7.98
C5 HEX L . -8.86 36.02 9.24
C6 HEX L . -7.81 37.07 8.91
C1 OCT M . -11.37 31.41 2.85
C2 OCT M . -10.40 31.91 1.78
C3 OCT M . -9.09 32.35 2.43
C4 OCT M . -8.14 32.87 1.35
C5 OCT M . -6.82 33.31 1.98
C6 OCT M . -5.88 33.82 0.89
C7 OCT M . -4.57 34.27 1.54
C8 OCT M . -3.62 34.78 0.46
C1 HEX N . -4.84 27.48 21.30
C2 HEX N . -3.94 28.72 21.38
C3 HEX N . -2.85 28.63 20.30
C4 HEX N . -1.97 29.86 20.38
C5 HEX N . -0.87 29.79 19.32
C6 HEX N . 0.03 31.02 19.43
C1 HEX O . 9.23 47.39 -8.87
C2 HEX O . 8.29 48.59 -8.80
C3 HEX O . 9.07 49.82 -8.35
C4 HEX O . 8.11 51.01 -8.23
C5 HEX O . 8.88 52.25 -7.75
C6 HEX O . 7.92 53.42 -7.63
C1 EST P . -0.67 14.79 9.38
C2 EST P . -1.65 13.95 9.87
C3 EST P . -1.29 12.78 10.52
O3 EST P . -2.27 11.96 11.02
C4 EST P . 0.05 12.47 10.70
C5 EST P . 1.03 13.32 10.21
C6 EST P . 2.47 12.90 10.42
C7 EST P . 3.49 13.79 9.73
C8 EST P . 3.08 15.26 9.85
C9 EST P . 1.76 15.47 9.09
C10 EST P . 0.69 14.50 9.55
C11 EST P . 1.33 16.94 9.12
C12 EST P . 2.43 17.86 8.58
C13 EST P . 3.77 17.68 9.32
C14 EST P . 4.13 16.18 9.25
C15 EST P . 5.56 16.16 9.75
C16 EST P . 6.18 17.39 9.06
C17 EST P . 5.01 18.28 8.62
O17 EST P . 5.29 19.65 8.93
C18 EST P . 3.67 18.18 10.76
C1 HEX Q . 17.06 43.88 13.78
C2 HEX Q . 17.08 44.52 15.18
C3 HEX Q . 18.32 45.40 15.32
C4 HEX Q . 18.37 45.98 16.73
C5 HEX Q . 19.62 46.85 16.88
C6 HEX Q . 19.66 47.43 18.29
C1 HEX R . 6.67 54.65 -11.94
C2 HEX R . 7.51 54.39 -13.18
C3 HEX R . 8.44 55.58 -13.43
C4 HEX R . 9.28 55.32 -14.67
C5 HEX R . 10.21 56.50 -14.94
C6 HEX R . 11.08 56.23 -16.15
C1 EST S . -4.00 15.70 -6.20
C2 EST S . -5.13 14.92 -6.28
C3 EST S . -5.77 14.50 -5.11
O3 EST S . -6.90 13.74 -5.21
C4 EST S . -5.26 14.87 -3.88
C5 EST S . -4.11 15.65 -3.80
C6 EST S . -3.60 16.00 -2.43
C7 EST S . -2.27 16.73 -2.41
C8 EST S . -2.22 17.76 -3.54
C9 EST S . -2.28 17.02 -4.89
C10 EST S . -3.47 16.09 -4.97
C11 EST S . -2.15 17.99 -6.07
C12 EST S . -0.89 18.86 -5.96
C13 EST S . -0.80 19.61 -4.63
C14 EST S . -0.92 18.57 -3.50
C15 EST S . -0.55 19.36 -2.25
C16 EST S . 0.64 20.19 -2.73
C17 EST S . 0.59 20.20 -4.27
O17 EST S . 0.84 21.52 -4.77
C18 EST S . -1.87 20.70 -4.53
CL CL T . 30.37 42.72 -3.84
C1 HEX U . 16.00 50.79 18.87
C2 HEX U . 15.43 51.54 17.67
C3 HEX U . 16.21 52.83 17.46
C4 HEX U . 15.64 53.57 16.25
C5 HEX U . 16.41 54.87 16.04
C6 HEX U . 15.88 55.60 14.81
C1 NAG V . 5.00 -52.46 25.62
C2 NAG V . 4.40 -52.44 27.04
C3 NAG V . 4.32 -53.85 27.60
C4 NAG V . 3.58 -54.77 26.63
C5 NAG V . 4.21 -54.70 25.24
C6 NAG V . 3.46 -55.49 24.21
C7 NAG V . 4.85 -50.32 28.20
C8 NAG V . 5.77 -49.59 29.12
N2 NAG V . 5.18 -51.58 27.92
O3 NAG V . 3.65 -53.83 28.85
O4 NAG V . 3.62 -56.12 27.10
O5 NAG V . 4.24 -53.34 24.79
O6 NAG V . 4.23 -55.68 23.03
O7 NAG V . 3.86 -49.79 27.71
C1 NAG W . 10.74 -18.56 33.47
C2 NAG W . 10.34 -18.20 34.89
C3 NAG W . 10.31 -16.68 35.07
C4 NAG W . 11.63 -16.07 34.64
C5 NAG W . 11.99 -16.53 33.22
C6 NAG W . 13.35 -16.06 32.77
C7 NAG W . 8.93 -19.98 35.81
C8 NAG W . 7.53 -20.43 36.11
N2 NAG W . 9.06 -18.78 35.24
O3 NAG W . 10.06 -16.37 36.44
O4 NAG W . 11.55 -14.65 34.66
O5 NAG W . 12.00 -17.96 33.16
O6 NAG W . 13.64 -14.76 33.27
O7 NAG W . 9.91 -20.68 36.08
C1 OCT X . 24.38 45.30 23.96
C2 OCT X . 23.48 44.72 22.87
C3 OCT X . 23.57 43.20 22.89
C4 OCT X . 22.67 42.61 21.81
C5 OCT X . 22.77 41.09 21.82
C6 OCT X . 21.86 40.51 20.74
C7 OCT X . 21.97 38.98 20.76
C8 OCT X . 21.06 38.39 19.69
C1 OCT Y . 25.60 37.19 22.96
C2 OCT Y . 25.30 38.33 23.93
C3 OCT Y . 26.35 39.42 23.78
C4 OCT Y . 26.08 40.54 24.78
C5 OCT Y . 27.12 41.65 24.59
C6 OCT Y . 26.88 42.76 25.61
C7 OCT Y . 27.96 43.83 25.46
C8 OCT Y . 27.68 44.99 26.42
C1 HEX Z . 37.46 28.78 22.13
C2 HEX Z . 37.06 30.24 22.34
C3 HEX Z . 38.28 31.15 22.16
C4 HEX Z . 37.82 32.61 22.27
C5 HEX Z . 39.02 33.54 22.22
C6 HEX Z . 38.55 34.98 22.52
C1 D10 AA . 28.92 5.69 13.37
C2 D10 AA . 28.49 6.41 14.64
C3 D10 AA . 28.37 7.92 14.45
C4 D10 AA . 27.90 8.63 15.71
C5 D10 AA . 27.78 10.14 15.56
C6 D10 AA . 27.13 10.79 16.76
C7 D10 AA . 27.08 12.31 16.69
C8 D10 AA . 26.41 12.94 17.91
C9 D10 AA . 26.71 14.43 18.05
C10 D10 AA . 26.12 15.02 19.33
C1 HEX BA . 11.97 17.43 28.04
C2 HEX BA . 12.70 18.70 27.61
C3 HEX BA . 14.15 18.64 28.11
C4 HEX BA . 14.89 19.91 27.68
C5 HEX BA . 16.33 19.86 28.16
C6 HEX BA . 17.06 21.13 27.75
C1 OCT CA . 8.41 19.46 25.85
C2 OCT CA . 8.32 20.72 24.99
C3 OCT CA . 9.69 21.01 24.37
C4 OCT CA . 9.60 22.29 23.54
C5 OCT CA . 10.95 22.58 22.89
C6 OCT CA . 10.85 23.85 22.05
C7 OCT CA . 12.21 24.16 21.44
C8 OCT CA . 12.13 25.43 20.60
C1 HEX DA . 24.10 7.23 24.34
C2 HEX DA . 25.14 8.36 24.27
C3 HEX DA . 24.88 9.20 23.01
C4 HEX DA . 25.91 10.32 22.96
C5 HEX DA . 25.67 11.16 21.71
C6 HEX DA . 26.71 12.28 21.65
C1 HEX EA . 36.81 29.81 12.88
C2 HEX EA . 38.09 29.50 13.63
C3 HEX EA . 39.22 30.40 13.12
C4 HEX EA . 40.52 30.03 13.82
C5 HEX EA . 41.66 30.92 13.30
C6 HEX EA . 42.96 30.54 14.00
C1 NAG FA . -57.57 -9.87 4.94
C2 NAG FA . -58.20 -10.06 3.58
C3 NAG FA . -59.64 -10.55 3.72
C4 NAG FA . -59.70 -11.79 4.60
C5 NAG FA . -59.00 -11.52 5.93
C6 NAG FA . -58.91 -12.75 6.81
C7 NAG FA . -57.24 -8.57 1.88
C8 NAG FA . -57.34 -7.26 1.18
N2 NAG FA . -58.16 -8.83 2.80
O3 NAG FA . -60.19 -10.84 2.43
O4 NAG FA . -61.05 -12.16 4.84
O5 NAG FA . -57.65 -11.08 5.69
O6 NAG FA . -58.56 -12.41 8.14
O7 NAG FA . -56.33 -9.37 1.63
C1 NAG GA . -35.72 10.19 -14.14
C2 NAG GA . -36.14 10.30 -15.61
C3 NAG GA . -35.00 10.90 -16.43
C4 NAG GA . -34.54 12.21 -15.82
C5 NAG GA . -34.19 12.02 -14.34
C6 NAG GA . -33.84 13.31 -13.65
C7 NAG GA . -37.80 8.58 -16.11
C8 NAG GA . -38.04 7.22 -16.71
N2 NAG GA . -36.54 9.02 -16.14
O3 NAG GA . -35.46 11.12 -17.77
O4 NAG GA . -33.39 12.70 -16.52
O5 NAG GA . -35.31 11.46 -13.65
O6 NAG GA . -33.13 14.19 -14.51
O7 NAG GA . -38.71 9.24 -15.62
C1 OCT HA . 18.34 44.75 -29.58
C2 OCT HA . 18.65 43.46 -28.82
C3 OCT HA . 17.39 42.96 -28.12
C4 OCT HA . 17.71 41.68 -27.36
C5 OCT HA . 16.44 41.19 -26.65
C6 OCT HA . 16.75 39.89 -25.88
C7 OCT HA . 15.50 39.41 -25.19
C8 OCT HA . 15.80 38.11 -24.43
C1 OCT IA . 12.09 42.47 -24.66
C2 OCT IA . 12.53 42.87 -26.07
C3 OCT IA . 13.29 44.19 -26.01
C4 OCT IA . 13.69 44.62 -27.42
C5 OCT IA . 14.47 45.93 -27.35
C6 OCT IA . 14.87 46.38 -28.75
C7 OCT IA . 15.59 47.73 -28.67
C8 OCT IA . 16.04 48.15 -30.06
C1 HEX JA . 3.37 49.60 -15.46
C2 HEX JA . 4.51 49.86 -16.43
C3 HEX JA . 5.10 51.26 -16.20
C4 HEX JA . 6.30 51.45 -17.12
C5 HEX JA . 6.85 52.86 -17.02
C6 HEX JA . 7.93 53.06 -18.08
C1 D10 KA . -8.67 31.00 -1.59
C2 D10 KA . -8.71 31.20 -3.11
C3 D10 KA . -7.36 31.63 -3.67
C4 D10 KA . -7.39 31.78 -5.18
C5 D10 KA . -6.06 32.23 -5.78
C6 D10 KA . -6.07 32.18 -7.30
C7 D10 KA . -4.80 32.71 -7.95
C8 D10 KA . -4.83 32.65 -9.46
C9 D10 KA . -3.77 33.51 -10.13
C10 D10 KA . -3.89 33.53 -11.64
C1 HEX LA . -3.91 23.89 -25.40
C2 HEX LA . -2.80 24.94 -25.33
C3 HEX LA . -3.41 26.31 -25.11
C4 HEX LA . -2.29 27.36 -25.04
C5 HEX LA . -2.91 28.74 -24.82
C6 HEX LA . -1.80 29.79 -24.76
C1 OCT MA . -0.34 20.97 -26.01
C2 OCT MA . 1.17 21.18 -25.92
C3 OCT MA . 1.47 22.36 -25.01
C4 OCT MA . 2.98 22.59 -24.95
C5 OCT MA . 3.31 23.75 -24.01
C6 OCT MA . 4.82 23.96 -23.95
C7 OCT MA . 5.13 25.14 -23.04
C8 OCT MA . 6.65 25.35 -22.99
C1 HEX NA . -12.55 29.90 -12.98
C2 HEX NA . -11.81 31.23 -13.01
C3 HEX NA . -10.38 31.04 -12.50
C4 HEX NA . -9.64 32.37 -12.53
C5 HEX NA . -8.22 32.20 -12.01
C6 HEX NA . -7.51 33.55 -12.04
C1 HEX OA . 27.23 38.36 -31.20
C2 HEX OA . 28.61 37.85 -30.79
C3 HEX OA . 29.62 39.00 -30.88
C4 HEX OA . 30.99 38.51 -30.46
C5 HEX OA . 32.00 39.65 -30.56
C6 HEX OA . 33.38 39.17 -30.10
C1 EST PA . 6.79 7.36 -14.29
C2 EST PA . 6.04 6.28 -14.69
C3 EST PA . 4.66 6.29 -14.57
O3 EST PA . 3.94 5.22 -14.99
C4 EST PA . 4.03 7.41 -14.04
C5 EST PA . 4.78 8.51 -13.63
C6 EST PA . 4.04 9.68 -13.04
C7 EST PA . 4.91 10.78 -12.47
C8 EST PA . 6.12 11.01 -13.39
C9 EST PA . 6.98 9.73 -13.39
C10 EST PA . 6.17 8.50 -13.75
C11 EST PA . 8.25 9.92 -14.23
C12 EST PA . 9.06 11.14 -13.77
C13 EST PA . 8.23 12.43 -13.74
C14 EST PA . 6.98 12.16 -12.90
C15 EST PA . 6.38 13.55 -12.70
C16 EST PA . 7.63 14.42 -12.45
C17 EST PA . 8.83 13.62 -12.97
O17 EST PA . 9.72 14.46 -13.71
C18 EST PA . 7.87 12.88 -15.18
CL CL QA . 12.27 17.22 -1.56
C1 HEX RA . 24.31 35.28 -23.79
C2 HEX RA . 24.05 35.86 -25.18
C3 HEX RA . 24.43 37.35 -25.18
C4 HEX RA . 24.11 37.94 -26.55
C5 HEX RA . 24.47 39.43 -26.55
C6 HEX RA . 24.14 40.03 -27.93
C1 NAG SA . -37.31 -27.89 -35.73
C2 NAG SA . -36.60 -29.00 -36.51
C3 NAG SA . -37.61 -29.87 -37.24
C4 NAG SA . -38.67 -30.38 -36.28
C5 NAG SA . -39.30 -29.23 -35.52
C6 NAG SA . -40.28 -29.67 -34.46
C7 NAG SA . -34.33 -28.33 -37.17
C8 NAG SA . -33.48 -27.73 -38.25
N2 NAG SA . -35.63 -28.44 -37.44
O3 NAG SA . -36.94 -30.96 -37.86
O4 NAG SA . -39.68 -31.08 -36.99
O5 NAG SA . -38.28 -28.47 -34.85
O6 NAG SA . -41.08 -28.59 -34.01
O7 NAG SA . -33.85 -28.71 -36.10
C1 NAG TA . -5.09 -13.60 -37.05
C2 NAG TA . -4.11 -14.42 -37.88
C3 NAG TA . -2.68 -13.94 -37.65
C4 NAG TA . -2.59 -12.44 -37.89
C5 NAG TA . -3.64 -11.70 -37.08
C6 NAG TA . -3.68 -10.22 -37.37
C7 NAG TA . -5.04 -16.68 -38.25
C8 NAG TA . -5.03 -18.10 -37.80
N2 NAG TA . -4.23 -15.85 -37.58
O3 NAG TA . -1.80 -14.64 -38.51
O4 NAG TA . -1.30 -11.98 -37.52
O5 NAG TA . -4.94 -12.23 -37.37
O6 NAG TA . -2.37 -9.71 -37.62
O7 NAG TA . -5.74 -16.28 -39.17
C1 OCT UA . 45.06 26.50 -21.89
C2 OCT UA . 44.29 26.03 -20.66
C3 OCT UA . 42.92 25.50 -21.09
C4 OCT UA . 42.14 25.05 -19.87
C5 OCT UA . 40.77 24.51 -20.30
C6 OCT UA . 39.98 24.05 -19.07
C7 OCT UA . 38.62 23.53 -19.51
C8 OCT UA . 37.83 23.06 -18.30
C1 OCT VA . 37.19 24.77 -23.72
C2 OCT VA . 38.66 24.53 -24.05
C3 OCT VA . 39.36 25.87 -24.25
C4 OCT VA . 40.82 25.64 -24.63
C5 OCT VA . 41.52 26.99 -24.80
C6 OCT VA . 42.98 26.77 -25.21
C7 OCT VA . 43.65 28.12 -25.45
C8 OCT VA . 45.13 27.91 -25.77
C1 HEX WA . 26.99 31.40 -31.72
C2 HEX WA . 28.45 31.55 -31.31
C3 HEX WA . 28.94 32.97 -31.63
C4 HEX WA . 30.38 33.12 -31.11
C5 HEX WA . 30.95 34.47 -31.53
C6 HEX WA . 32.43 34.51 -31.15
C1 D10 XA . 4.58 19.48 -25.50
C2 D10 XA . 5.83 18.85 -26.10
C3 D10 XA . 7.10 19.43 -25.51
C4 D10 XA . 8.35 18.76 -26.07
C5 D10 XA . 9.66 19.32 -25.53
C6 D10 XA . 10.87 18.51 -25.96
C7 D10 XA . 12.19 19.09 -25.52
C8 D10 XA . 13.38 18.26 -25.96
C9 D10 XA . 14.72 19.01 -25.88
C10 D10 XA . 15.88 18.19 -26.44
C1 HEX YA . 24.45 3.84 -24.84
C2 HEX YA . 25.25 5.11 -24.61
C3 HEX YA . 25.12 6.03 -25.82
C4 HEX YA . 25.91 7.31 -25.59
C5 HEX YA . 25.77 8.22 -26.80
C6 HEX YA . 26.59 9.49 -26.58
C1 OCT ZA . 26.07 2.74 -20.62
C2 OCT ZA . 26.86 3.55 -19.59
C3 OCT ZA . 26.59 5.03 -19.79
C4 OCT ZA . 27.39 5.84 -18.79
C5 OCT ZA . 27.12 7.34 -18.95
C6 OCT ZA . 27.92 8.13 -17.93
C7 OCT ZA . 27.67 9.62 -18.13
C8 OCT ZA . 28.49 10.42 -17.12
C1 HEX AB . 11.40 11.28 -31.14
C2 HEX AB . 12.18 12.58 -31.39
C3 HEX AB . 12.46 13.26 -30.05
C4 HEX AB . 13.23 14.56 -30.31
C5 HEX AB . 13.52 15.26 -28.98
C6 HEX AB . 14.27 16.56 -29.26
C1 HEX BB . 49.51 24.22 -12.30
C2 HEX BB . 49.82 24.57 -10.85
C3 HEX BB . 50.73 25.80 -10.81
C4 HEX BB . 51.02 26.17 -9.36
C5 HEX BB . 51.95 27.39 -9.33
C6 HEX BB . 52.21 27.79 -7.87
C1 EST CB . 17.03 1.07 -3.74
C2 EST CB . 16.67 -0.26 -3.78
C3 EST CB . 15.82 -0.72 -4.77
O3 EST CB . 15.50 -2.04 -4.81
C4 EST CB . 15.33 0.16 -5.72
C5 EST CB . 15.69 1.51 -5.68
C6 EST CB . 15.11 2.40 -6.74
C7 EST CB . 15.42 3.88 -6.55
C8 EST CB . 16.85 4.06 -6.08
C9 EST CB . 17.03 3.41 -4.69
C10 EST CB . 16.56 1.98 -4.69
C11 EST CB . 18.43 3.63 -4.14
C12 EST CB . 18.82 5.12 -4.10
C13 EST CB . 18.67 5.79 -5.48
C14 EST CB . 17.23 5.54 -5.97
C15 EST CB . 17.10 6.47 -7.17
C16 EST CB . 17.80 7.75 -6.67
C17 EST CB . 18.67 7.34 -5.47
O17 EST CB . 19.95 7.96 -5.56
C18 EST CB . 19.72 5.27 -6.46
C1 HEX DB . 42.71 31.82 18.69
C2 HEX DB . 41.80 32.96 19.16
C3 HEX DB . 42.58 34.27 19.13
C4 HEX DB . 41.67 35.41 19.58
C5 HEX DB . 42.44 36.73 19.55
C6 HEX DB . 41.52 37.88 19.98
C1 EST EB . 12.46 5.61 10.84
C2 EST EB . 11.96 4.43 11.35
C3 EST EB . 12.18 3.24 10.67
O3 EST EB . 11.70 2.08 11.20
C4 EST EB . 12.91 3.24 9.49
C5 EST EB . 13.41 4.44 8.97
C6 EST EB . 14.17 4.36 7.68
C7 EST EB . 14.57 5.71 7.10
C8 EST EB . 15.01 6.66 8.21
C9 EST EB . 13.82 6.94 9.14
C10 EST EB . 13.19 5.64 9.66
C11 EST EB . 14.18 7.93 10.24
C12 EST EB . 14.74 9.24 9.66
C13 EST EB . 15.94 9.01 8.73
C14 EST EB . 15.49 8.00 7.65
C15 EST EB . 16.63 8.05 6.63
C16 EST EB . 16.92 9.55 6.55
C17 EST EB . 16.32 10.19 7.82
O17 EST EB . 17.25 11.12 8.39
C18 EST EB . 17.17 8.51 9.51
C1 HEX FB . 41.10 24.63 -10.07
C2 HEX FB . 42.24 24.28 -11.02
C3 HEX FB . 42.83 25.55 -11.62
C4 HEX FB . 43.91 25.19 -12.62
C5 HEX FB . 44.49 26.45 -13.25
C6 HEX FB . 45.59 26.08 -14.25
C1 NAG GB . 1.12 -54.07 -22.58
C2 NAG GB . 1.85 -55.02 -21.65
C3 NAG GB . 1.66 -56.46 -22.12
C4 NAG GB . 0.18 -56.78 -22.29
C5 NAG GB . -0.48 -55.74 -23.20
C6 NAG GB . -1.97 -55.93 -23.32
C7 NAG GB . 3.79 -53.97 -20.58
C8 NAG GB . 5.27 -53.73 -20.65
N2 NAG GB . 3.26 -54.70 -21.56
O3 NAG GB . 2.25 -57.35 -21.18
O4 NAG GB . 0.03 -58.07 -22.86
O5 NAG GB . -0.26 -54.43 -22.67
O6 NAG GB . -2.50 -55.19 -24.40
O7 NAG GB . 3.11 -53.53 -19.65
C1 NAG HB . 23.42 -31.24 -7.55
C2 NAG HB . 24.41 -31.91 -6.61
C3 NAG HB . 25.13 -30.87 -5.76
C4 NAG HB . 25.75 -29.80 -6.64
C5 NAG HB . 24.71 -29.22 -7.59
C6 NAG HB . 25.30 -28.25 -8.60
C7 NAG HB . 23.63 -34.18 -6.08
C8 NAG HB . 22.92 -35.06 -5.10
N2 NAG HB . 23.75 -32.89 -5.76
O3 NAG HB . 26.12 -31.49 -4.97
O4 NAG HB . 26.29 -28.75 -5.84
O5 NAG HB . 24.10 -30.27 -8.36
O6 NAG HB . 26.34 -27.48 -8.02
O7 NAG HB . 24.08 -34.63 -7.14
C1 OCT IB . 48.87 26.78 10.90
C2 OCT IB . 47.36 26.73 11.00
C3 OCT IB . 46.83 25.58 10.15
C4 OCT IB . 45.30 25.54 10.24
C5 OCT IB . 44.76 24.40 9.40
C6 OCT IB . 43.24 24.36 9.49
C7 OCT IB . 42.71 23.20 8.64
C8 OCT IB . 41.18 23.15 8.73
C1 OCT JB . 45.59 21.45 5.49
C2 OCT JB . 46.60 21.68 6.62
C3 OCT JB . 47.49 22.88 6.28
C4 OCT JB . 48.53 23.08 7.38
C5 OCT JB . 49.39 24.30 7.05
C6 OCT JB . 50.45 24.49 8.13
C7 OCT JB . 51.34 25.66 7.75
C8 OCT JB . 52.37 25.92 8.86
C1 HEX KB . 48.04 18.51 -8.55
C2 HEX KB . 48.57 19.41 -7.42
C3 HEX KB . 49.44 20.52 -7.99
C4 HEX KB . 49.85 21.45 -6.86
C5 HEX KB . 50.84 22.51 -7.37
C6 HEX KB . 51.36 23.30 -6.17
C1 D10 LB . 27.82 3.81 -16.13
C2 D10 LB . 28.81 3.51 -15.03
C3 D10 LB . 29.20 4.75 -14.22
C4 D10 LB . 30.17 4.43 -13.09
C5 D10 LB . 30.58 5.65 -12.29
C6 D10 LB . 31.38 5.27 -11.04
C7 D10 LB . 31.90 6.47 -10.26
C8 D10 LB . 32.70 6.06 -9.03
C9 D10 LB . 33.55 7.19 -8.46
C10 D10 LB . 34.42 6.74 -7.30
C1 HEX MB . 34.24 -0.15 8.02
C2 HEX MB . 34.82 1.26 7.94
C3 HEX MB . 35.93 1.30 6.90
C4 HEX MB . 36.52 2.71 6.82
C5 HEX MB . 37.64 2.74 5.78
C6 HEX MB . 38.22 4.15 5.71
C1 OCT NB . 31.49 1.79 11.23
C2 OCT NB . 31.31 3.24 11.67
C3 OCT NB . 31.69 4.17 10.52
C4 OCT NB . 31.53 5.62 10.98
C5 OCT NB . 31.89 6.57 9.83
C6 OCT NB . 31.72 8.01 10.30
C7 OCT NB . 32.11 8.96 9.17
C8 OCT NB . 31.94 10.40 9.63
C1 HEX OB . 33.99 -2.70 -8.06
C2 HEX OB . 34.94 -1.53 -8.34
C3 HEX OB . 34.21 -0.21 -8.09
C4 HEX OB . 35.15 0.95 -8.37
C5 HEX OB . 34.43 2.27 -8.14
C6 HEX OB . 35.39 3.42 -8.44
#